data_2XNF
#
_entry.id   2XNF
#
_cell.length_a   1.000
_cell.length_b   1.000
_cell.length_c   1.000
_cell.angle_alpha   90.00
_cell.angle_beta   90.00
_cell.angle_gamma   90.00
#
_symmetry.space_group_name_H-M   'P 1'
#
_entity_poly.entity_id   1
_entity_poly.type   'polypeptide(L)'
_entity_poly.pdbx_seq_one_letter_code
;MSVSNKLLAWSGVLEWQEKPKPASVDANTKLTRSLPCQVYVNHGENLKTEQWPQKLIMQLIPQQLLTTLGPLFRNSRMVQ
FHFTNKDLESLKGLYRIMGNGFAGCVHFPHTAPCEVRVLMLLYSSKKKIFMGLIPYDQSGFVNGIRQVITNLEHHHHHH
;
_entity_poly.pdbx_strand_id   A
#
# COMPACT_ATOMS: atom_id res chain seq x y z
N MET A 1 -23.65 -11.53 -9.09
CA MET A 1 -24.24 -12.76 -8.54
C MET A 1 -23.28 -13.36 -7.51
N SER A 2 -23.79 -13.60 -6.30
CA SER A 2 -23.05 -14.15 -5.16
C SER A 2 -22.00 -13.19 -4.59
N VAL A 3 -21.16 -12.66 -5.45
CA VAL A 3 -20.10 -11.76 -5.08
C VAL A 3 -20.68 -10.44 -4.58
N SER A 4 -20.65 -10.26 -3.29
CA SER A 4 -21.19 -9.07 -2.69
C SER A 4 -20.31 -8.62 -1.50
N ASN A 5 -19.43 -9.50 -1.00
CA ASN A 5 -18.57 -9.13 0.13
C ASN A 5 -17.46 -8.24 -0.37
N LYS A 6 -16.80 -8.70 -1.40
CA LYS A 6 -15.73 -8.00 -2.02
C LYS A 6 -15.73 -8.25 -3.49
N LEU A 7 -15.57 -7.21 -4.26
CA LEU A 7 -15.67 -7.29 -5.70
C LEU A 7 -14.29 -7.31 -6.30
N LEU A 8 -14.03 -8.19 -7.23
CA LEU A 8 -12.72 -8.24 -7.84
C LEU A 8 -12.63 -7.07 -8.81
N ALA A 9 -11.64 -6.27 -8.64
CA ALA A 9 -11.54 -5.06 -9.39
C ALA A 9 -10.30 -4.98 -10.25
N TRP A 10 -9.17 -5.42 -9.73
CA TRP A 10 -7.93 -5.24 -10.43
C TRP A 10 -7.01 -6.38 -10.10
N SER A 11 -6.18 -6.73 -10.99
CA SER A 11 -5.17 -7.71 -10.77
C SER A 11 -3.90 -7.21 -11.44
N GLY A 12 -2.88 -6.98 -10.65
CA GLY A 12 -1.68 -6.41 -11.16
C GLY A 12 -0.52 -6.66 -10.25
N VAL A 13 0.58 -6.05 -10.54
CA VAL A 13 1.79 -6.28 -9.80
C VAL A 13 2.11 -5.05 -8.97
N LEU A 14 2.59 -5.25 -7.79
CA LEU A 14 2.96 -4.16 -6.93
C LEU A 14 4.43 -4.20 -6.77
N GLU A 15 5.03 -3.05 -6.75
CA GLU A 15 6.41 -2.96 -6.50
C GLU A 15 6.60 -2.20 -5.22
N TRP A 16 7.32 -2.82 -4.31
CA TRP A 16 7.49 -2.29 -3.01
C TRP A 16 8.92 -1.97 -2.70
N GLN A 17 9.09 -0.87 -2.05
CA GLN A 17 10.37 -0.45 -1.59
C GLN A 17 10.42 -0.55 -0.08
N GLU A 18 11.50 -1.06 0.39
CA GLU A 18 11.78 -1.19 1.80
C GLU A 18 12.22 0.15 2.37
N LYS A 19 12.85 0.90 1.52
CA LYS A 19 13.62 2.05 1.87
C LYS A 19 13.52 2.98 0.64
N PRO A 20 12.78 4.11 0.75
CA PRO A 20 12.36 4.90 -0.41
C PRO A 20 13.22 6.09 -0.87
N LYS A 21 13.90 6.75 0.07
CA LYS A 21 14.54 8.04 -0.19
C LYS A 21 15.54 8.08 -1.35
N PRO A 22 15.22 8.83 -2.41
CA PRO A 22 16.14 9.11 -3.49
C PRO A 22 17.03 10.26 -3.03
N ALA A 23 18.24 9.93 -2.65
CA ALA A 23 19.10 10.90 -1.98
C ALA A 23 20.01 11.67 -2.93
N SER A 24 19.89 11.42 -4.23
CA SER A 24 20.72 12.05 -5.29
C SER A 24 22.16 11.54 -5.26
N VAL A 25 22.78 11.54 -4.08
CA VAL A 25 24.08 10.91 -3.87
C VAL A 25 23.89 9.39 -3.93
N ASP A 26 22.64 9.02 -3.81
CA ASP A 26 22.17 7.68 -3.97
C ASP A 26 21.36 7.67 -5.24
N ALA A 27 22.04 7.40 -6.34
CA ALA A 27 21.42 7.41 -7.66
C ALA A 27 20.66 6.11 -7.86
N ASN A 28 21.23 5.04 -7.38
CA ASN A 28 20.58 3.75 -7.44
C ASN A 28 19.77 3.61 -6.19
N THR A 29 18.59 4.14 -6.22
CA THR A 29 17.75 4.20 -5.07
C THR A 29 17.13 2.85 -4.67
N LYS A 30 17.94 2.09 -3.95
CA LYS A 30 17.58 0.84 -3.29
C LYS A 30 17.04 -0.22 -4.25
N LEU A 31 16.62 -1.33 -3.70
CA LEU A 31 16.07 -2.39 -4.48
C LEU A 31 14.56 -2.40 -4.34
N THR A 32 13.90 -2.52 -5.44
CA THR A 32 12.47 -2.58 -5.48
C THR A 32 12.08 -4.02 -5.79
N ARG A 33 11.08 -4.52 -5.15
CA ARG A 33 10.67 -5.88 -5.42
C ARG A 33 9.25 -5.90 -5.89
N SER A 34 8.95 -6.82 -6.76
CA SER A 34 7.64 -6.93 -7.33
C SER A 34 6.92 -8.16 -6.81
N LEU A 35 5.63 -8.04 -6.63
CA LEU A 35 4.83 -9.12 -6.18
C LEU A 35 3.43 -9.01 -6.84
N PRO A 36 2.95 -10.08 -7.49
CA PRO A 36 1.64 -10.07 -8.14
C PRO A 36 0.48 -10.20 -7.12
N CYS A 37 -0.59 -9.49 -7.37
CA CYS A 37 -1.70 -9.49 -6.46
C CYS A 37 -3.03 -9.42 -7.19
N GLN A 38 -4.07 -9.75 -6.49
CA GLN A 38 -5.41 -9.63 -6.94
C GLN A 38 -6.04 -8.64 -5.98
N VAL A 39 -6.67 -7.64 -6.50
CA VAL A 39 -7.22 -6.59 -5.69
C VAL A 39 -8.72 -6.55 -5.83
N TYR A 40 -9.35 -6.62 -4.71
CA TYR A 40 -10.76 -6.57 -4.61
C TYR A 40 -11.11 -5.24 -4.01
N VAL A 41 -12.33 -4.82 -4.16
CA VAL A 41 -12.76 -3.62 -3.54
C VAL A 41 -13.92 -3.91 -2.65
N ASN A 42 -13.94 -3.27 -1.52
CA ASN A 42 -15.06 -3.38 -0.68
C ASN A 42 -15.99 -2.23 -0.98
N HIS A 43 -17.24 -2.75 -1.14
CA HIS A 43 -18.48 -2.23 -1.76
C HIS A 43 -18.83 -0.79 -1.60
N GLY A 44 -19.50 -0.30 -2.67
CA GLY A 44 -20.03 1.03 -2.74
C GLY A 44 -19.23 1.88 -3.66
N GLU A 45 -18.06 1.44 -3.91
CA GLU A 45 -17.08 2.20 -4.61
C GLU A 45 -17.03 1.82 -6.07
N ASN A 46 -17.32 2.75 -6.92
CA ASN A 46 -17.26 2.52 -8.36
C ASN A 46 -16.08 3.25 -8.94
N LEU A 47 -15.07 2.52 -9.32
CA LEU A 47 -13.90 3.09 -9.96
C LEU A 47 -13.48 2.19 -11.10
N LYS A 48 -12.79 2.74 -12.06
CA LYS A 48 -12.31 1.96 -13.18
C LYS A 48 -10.84 1.64 -13.03
N THR A 49 -10.54 0.37 -13.02
CA THR A 49 -9.20 -0.11 -12.78
C THR A 49 -8.36 -0.24 -14.05
N GLU A 50 -8.99 -0.17 -15.23
CA GLU A 50 -8.22 -0.17 -16.49
C GLU A 50 -7.40 1.12 -16.59
N GLN A 51 -7.80 2.09 -15.80
CA GLN A 51 -7.14 3.39 -15.75
C GLN A 51 -5.91 3.32 -14.84
N TRP A 52 -5.79 2.23 -14.10
CA TRP A 52 -4.67 2.02 -13.22
C TRP A 52 -3.51 1.44 -13.99
N PRO A 53 -2.28 1.85 -13.69
CA PRO A 53 -1.07 1.23 -14.26
C PRO A 53 -0.93 -0.20 -13.71
N GLN A 54 -0.12 -1.01 -14.35
CA GLN A 54 0.03 -2.40 -13.94
C GLN A 54 0.99 -2.57 -12.77
N LYS A 55 1.70 -1.50 -12.45
CA LYS A 55 2.54 -1.44 -11.27
C LYS A 55 2.15 -0.28 -10.42
N LEU A 56 2.08 -0.51 -9.14
CA LEU A 56 1.80 0.52 -8.19
C LEU A 56 2.99 0.62 -7.26
N ILE A 57 3.30 1.82 -6.78
CA ILE A 57 4.48 2.03 -5.97
C ILE A 57 4.09 2.05 -4.51
N MET A 58 4.57 1.12 -3.75
CA MET A 58 4.24 1.06 -2.36
C MET A 58 5.47 1.10 -1.47
N GLN A 59 5.40 1.91 -0.45
CA GLN A 59 6.45 2.06 0.51
C GLN A 59 5.95 1.62 1.87
N LEU A 60 6.74 0.82 2.55
CA LEU A 60 6.40 0.37 3.88
C LEU A 60 6.78 1.45 4.90
N ILE A 61 5.77 2.04 5.47
CA ILE A 61 5.91 3.06 6.47
C ILE A 61 5.27 2.58 7.77
N PRO A 62 5.71 3.05 8.95
CA PRO A 62 5.14 2.58 10.21
C PRO A 62 3.66 2.98 10.40
N GLN A 63 2.85 1.97 10.71
CA GLN A 63 1.42 2.09 10.94
C GLN A 63 1.14 2.98 12.15
N GLN A 64 2.10 3.03 13.06
CA GLN A 64 2.03 3.82 14.27
C GLN A 64 1.79 5.30 13.96
N LEU A 65 2.46 5.81 12.93
CA LEU A 65 2.34 7.22 12.58
C LEU A 65 1.15 7.46 11.66
N LEU A 66 0.56 6.38 11.22
CA LEU A 66 -0.58 6.44 10.31
C LEU A 66 -1.85 6.80 11.07
N THR A 67 -1.81 6.58 12.39
CA THR A 67 -2.91 6.85 13.30
C THR A 67 -3.32 8.35 13.22
N THR A 68 -2.36 9.18 12.89
CA THR A 68 -2.54 10.60 12.81
C THR A 68 -3.48 10.98 11.63
N LEU A 69 -3.58 10.09 10.65
CA LEU A 69 -4.40 10.32 9.45
C LEU A 69 -5.76 9.62 9.59
N GLY A 70 -6.03 9.14 10.79
CA GLY A 70 -7.26 8.39 11.11
C GLY A 70 -8.57 8.95 10.51
N PRO A 71 -8.93 10.24 10.78
CA PRO A 71 -10.20 10.81 10.28
C PRO A 71 -10.25 10.93 8.75
N LEU A 72 -9.08 10.90 8.11
CA LEU A 72 -8.99 11.06 6.67
C LEU A 72 -9.41 9.77 5.97
N PHE A 73 -9.32 8.67 6.69
CA PHE A 73 -9.74 7.37 6.18
C PHE A 73 -11.26 7.26 6.06
N ARG A 74 -11.98 8.19 6.68
CA ARG A 74 -13.43 8.17 6.64
C ARG A 74 -13.97 8.58 5.27
N ASN A 75 -13.10 9.06 4.40
CA ASN A 75 -13.46 9.34 3.04
C ASN A 75 -12.56 8.60 2.09
N SER A 76 -12.88 7.33 1.90
CA SER A 76 -12.07 6.44 1.11
C SER A 76 -12.92 5.28 0.53
N ARG A 77 -12.32 4.54 -0.37
CA ARG A 77 -12.95 3.43 -1.09
C ARG A 77 -12.30 2.17 -0.55
N MET A 78 -13.00 1.02 -0.34
CA MET A 78 -12.24 0.00 0.31
C MET A 78 -11.70 -0.98 -0.68
N VAL A 79 -10.55 -1.52 -0.34
CA VAL A 79 -9.90 -2.52 -1.17
C VAL A 79 -9.41 -3.65 -0.28
N GLN A 80 -9.16 -4.77 -0.90
CA GLN A 80 -8.59 -5.90 -0.24
C GLN A 80 -7.58 -6.54 -1.17
N PHE A 81 -6.44 -6.85 -0.65
CA PHE A 81 -5.37 -7.44 -1.39
C PHE A 81 -5.19 -8.89 -1.02
N HIS A 82 -5.23 -9.70 -2.03
CA HIS A 82 -4.95 -11.10 -1.93
C HIS A 82 -3.80 -11.32 -2.89
N PHE A 83 -2.72 -11.83 -2.42
CA PHE A 83 -1.57 -11.96 -3.27
C PHE A 83 -1.52 -13.25 -4.02
N THR A 84 -1.04 -13.16 -5.22
CA THR A 84 -0.84 -14.29 -6.03
C THR A 84 0.48 -14.90 -5.58
N ASN A 85 0.38 -15.93 -4.77
CA ASN A 85 1.55 -16.56 -4.16
C ASN A 85 2.47 -17.27 -5.13
N LYS A 86 3.26 -16.47 -5.78
CA LYS A 86 4.33 -16.92 -6.63
C LYS A 86 5.51 -17.25 -5.75
N ASP A 87 5.83 -16.35 -4.89
CA ASP A 87 6.95 -16.49 -4.01
C ASP A 87 6.54 -16.34 -2.57
N LEU A 88 6.28 -17.46 -1.94
CA LEU A 88 5.90 -17.48 -0.53
C LEU A 88 6.97 -16.92 0.37
N GLU A 89 8.23 -17.00 -0.06
CA GLU A 89 9.32 -16.41 0.70
C GLU A 89 9.20 -14.90 0.75
N SER A 90 8.82 -14.31 -0.39
CA SER A 90 8.60 -12.89 -0.47
C SER A 90 7.39 -12.50 0.40
N LEU A 91 6.33 -13.32 0.34
CA LEU A 91 5.16 -13.09 1.18
C LEU A 91 5.52 -13.18 2.65
N LYS A 92 6.22 -14.24 3.01
CA LYS A 92 6.65 -14.49 4.37
C LYS A 92 7.43 -13.29 4.94
N GLY A 93 8.38 -12.80 4.16
CA GLY A 93 9.17 -11.65 4.56
C GLY A 93 8.31 -10.42 4.74
N LEU A 94 7.40 -10.21 3.80
CA LEU A 94 6.48 -9.10 3.81
C LEU A 94 5.49 -9.22 5.01
N TYR A 95 5.04 -10.45 5.30
CA TYR A 95 4.15 -10.73 6.45
C TYR A 95 4.79 -10.26 7.73
N ARG A 96 6.10 -10.50 7.86
CA ARG A 96 6.84 -10.09 9.05
C ARG A 96 6.76 -8.58 9.19
N ILE A 97 7.01 -7.89 8.08
CA ILE A 97 7.06 -6.46 8.04
C ILE A 97 5.67 -5.83 8.27
N MET A 98 4.69 -6.25 7.49
CA MET A 98 3.37 -5.62 7.59
C MET A 98 2.61 -6.08 8.82
N GLY A 99 2.97 -7.24 9.34
CA GLY A 99 2.36 -7.74 10.55
C GLY A 99 2.97 -7.13 11.79
N ASN A 100 4.10 -6.45 11.61
CA ASN A 100 4.81 -5.82 12.73
C ASN A 100 4.34 -4.36 12.89
N GLY A 101 3.39 -3.97 12.08
CA GLY A 101 2.91 -2.62 12.15
C GLY A 101 3.49 -1.74 11.07
N PHE A 102 3.79 -2.31 9.95
CA PHE A 102 4.15 -1.54 8.79
C PHE A 102 3.00 -1.53 7.83
N ALA A 103 2.80 -0.42 7.23
CA ALA A 103 1.73 -0.21 6.30
C ALA A 103 2.33 0.13 4.96
N GLY A 104 1.67 -0.26 3.93
CA GLY A 104 2.18 0.00 2.62
C GLY A 104 1.43 1.12 1.98
N CYS A 105 2.03 2.26 1.90
CA CYS A 105 1.39 3.36 1.26
C CYS A 105 1.60 3.24 -0.22
N VAL A 106 0.52 3.13 -0.94
CA VAL A 106 0.54 2.92 -2.35
C VAL A 106 0.27 4.21 -3.06
N HIS A 107 1.19 4.59 -3.88
CA HIS A 107 1.08 5.74 -4.71
C HIS A 107 0.92 5.25 -6.14
N PHE A 108 0.05 5.87 -6.86
CA PHE A 108 -0.19 5.50 -8.23
C PHE A 108 0.69 6.33 -9.12
N PRO A 109 1.35 5.70 -10.10
CA PRO A 109 2.11 6.42 -11.12
C PRO A 109 1.19 7.40 -11.87
N HIS A 110 1.77 8.36 -12.51
CA HIS A 110 1.03 9.42 -13.13
C HIS A 110 0.40 8.93 -14.43
N THR A 111 -0.88 9.16 -14.52
CA THR A 111 -1.67 8.78 -15.66
C THR A 111 -2.92 9.65 -15.65
N ALA A 112 -3.45 9.89 -14.46
CA ALA A 112 -4.54 10.82 -14.27
C ALA A 112 -3.93 12.21 -14.17
N PRO A 113 -4.68 13.28 -14.52
CA PRO A 113 -4.17 14.69 -14.60
C PRO A 113 -3.36 15.18 -13.39
N CYS A 114 -3.68 14.72 -12.20
CA CYS A 114 -2.96 15.18 -11.04
C CYS A 114 -1.97 14.12 -10.55
N GLU A 115 -2.49 13.08 -9.90
CA GLU A 115 -1.69 11.98 -9.35
C GLU A 115 -2.64 10.85 -8.94
N VAL A 116 -3.77 10.82 -9.63
CA VAL A 116 -4.85 9.87 -9.37
C VAL A 116 -5.49 10.14 -8.00
N ARG A 117 -5.06 9.39 -7.02
CA ARG A 117 -5.56 9.36 -5.65
C ARG A 117 -4.52 8.51 -4.96
N VAL A 118 -4.65 8.20 -3.70
CA VAL A 118 -3.63 7.34 -3.11
C VAL A 118 -4.23 6.26 -2.28
N LEU A 119 -3.53 5.18 -2.10
CA LEU A 119 -4.08 4.01 -1.44
C LEU A 119 -3.23 3.57 -0.26
N MET A 120 -3.86 3.01 0.73
CA MET A 120 -3.15 2.45 1.87
C MET A 120 -3.33 0.94 1.91
N LEU A 121 -2.27 0.23 2.21
CA LEU A 121 -2.30 -1.22 2.30
C LEU A 121 -1.97 -1.60 3.74
N LEU A 122 -2.83 -2.35 4.34
CA LEU A 122 -2.69 -2.81 5.69
C LEU A 122 -2.92 -4.30 5.75
N TYR A 123 -2.14 -4.99 6.53
CA TYR A 123 -2.31 -6.42 6.66
C TYR A 123 -3.19 -6.73 7.85
N SER A 124 -4.27 -7.42 7.61
CA SER A 124 -5.09 -7.86 8.69
C SER A 124 -4.87 -9.35 8.88
N SER A 125 -4.25 -9.66 9.97
CA SER A 125 -3.92 -11.00 10.36
C SER A 125 -5.19 -11.79 10.69
N LYS A 126 -6.18 -11.07 11.22
CA LYS A 126 -7.45 -11.65 11.62
C LYS A 126 -8.19 -12.23 10.42
N LYS A 127 -8.16 -11.52 9.32
CA LYS A 127 -8.81 -11.98 8.11
C LYS A 127 -7.81 -12.73 7.23
N LYS A 128 -6.54 -12.71 7.68
CA LYS A 128 -5.40 -13.34 7.02
C LYS A 128 -5.16 -12.73 5.63
N ILE A 129 -5.67 -11.54 5.44
CA ILE A 129 -5.63 -10.91 4.14
C ILE A 129 -5.29 -9.46 4.26
N PHE A 130 -4.99 -8.86 3.17
CA PHE A 130 -4.59 -7.52 3.16
C PHE A 130 -5.80 -6.65 2.86
N MET A 131 -5.90 -5.56 3.53
CA MET A 131 -7.02 -4.63 3.38
C MET A 131 -6.46 -3.25 3.16
N GLY A 132 -7.28 -2.35 2.72
CA GLY A 132 -6.82 -1.00 2.58
C GLY A 132 -7.88 -0.08 2.10
N LEU A 133 -7.75 1.17 2.43
CA LEU A 133 -8.64 2.19 1.96
C LEU A 133 -7.90 3.17 1.07
N ILE A 134 -8.54 3.60 0.02
CA ILE A 134 -7.95 4.59 -0.88
C ILE A 134 -8.65 5.94 -0.77
N PRO A 135 -7.96 6.93 -0.15
CA PRO A 135 -8.40 8.32 -0.11
C PRO A 135 -8.31 9.01 -1.48
N TYR A 136 -9.34 9.81 -1.75
CA TYR A 136 -9.49 10.54 -2.99
C TYR A 136 -8.46 11.66 -3.07
N ASP A 137 -8.31 12.38 -1.98
CA ASP A 137 -7.43 13.53 -1.97
C ASP A 137 -6.02 13.10 -1.69
N GLN A 138 -5.24 13.05 -2.73
CA GLN A 138 -3.86 12.69 -2.63
C GLN A 138 -3.05 13.73 -1.87
N SER A 139 -3.44 14.99 -1.99
CA SER A 139 -2.68 16.11 -1.41
C SER A 139 -2.53 15.99 0.10
N GLY A 140 -3.63 15.72 0.79
CA GLY A 140 -3.59 15.62 2.22
C GLY A 140 -2.95 14.35 2.69
N PHE A 141 -3.26 13.26 2.00
CA PHE A 141 -2.77 11.97 2.41
C PHE A 141 -1.27 11.86 2.15
N VAL A 142 -0.83 12.27 0.95
CA VAL A 142 0.59 12.24 0.60
C VAL A 142 1.36 13.17 1.54
N ASN A 143 0.77 14.31 1.87
CA ASN A 143 1.38 15.27 2.82
C ASN A 143 1.64 14.59 4.17
N GLY A 144 0.65 13.85 4.65
CA GLY A 144 0.80 13.12 5.89
C GLY A 144 1.87 12.05 5.78
N ILE A 145 1.87 11.34 4.66
CA ILE A 145 2.84 10.29 4.41
C ILE A 145 4.25 10.87 4.27
N ARG A 146 4.36 12.05 3.66
CA ARG A 146 5.64 12.78 3.55
C ARG A 146 6.24 12.99 4.92
N GLN A 147 5.39 13.33 5.88
CA GLN A 147 5.82 13.53 7.25
C GLN A 147 6.35 12.22 7.82
N VAL A 148 5.61 11.16 7.56
CA VAL A 148 5.99 9.84 8.03
C VAL A 148 7.31 9.42 7.39
N ILE A 149 7.45 9.61 6.09
CA ILE A 149 8.67 9.25 5.36
C ILE A 149 9.88 10.07 5.82
N THR A 150 9.71 11.38 5.96
CA THR A 150 10.82 12.21 6.36
C THR A 150 11.24 11.89 7.80
N ASN A 151 10.27 11.57 8.64
CA ASN A 151 10.54 11.16 10.01
C ASN A 151 11.23 9.80 10.01
N LEU A 152 10.75 8.93 9.16
CA LEU A 152 11.26 7.57 9.03
C LEU A 152 12.70 7.59 8.53
N GLU A 153 12.99 8.48 7.61
CA GLU A 153 14.35 8.67 7.10
C GLU A 153 15.27 9.29 8.12
N HIS A 154 14.75 10.21 8.89
CA HIS A 154 15.50 10.85 9.92
C HIS A 154 15.85 9.82 11.01
N HIS A 155 14.90 8.97 11.30
CA HIS A 155 15.06 7.90 12.26
C HIS A 155 16.00 6.83 11.66
N HIS A 156 15.58 6.29 10.53
CA HIS A 156 16.26 5.25 9.74
C HIS A 156 16.64 4.03 10.59
N HIS A 157 15.71 3.11 10.71
CA HIS A 157 15.93 1.89 11.48
C HIS A 157 15.86 0.73 10.50
N HIS A 158 16.28 1.02 9.28
CA HIS A 158 16.25 0.06 8.20
C HIS A 158 17.63 -0.48 8.02
N HIS A 159 17.74 -1.64 7.47
CA HIS A 159 19.02 -2.25 7.22
C HIS A 159 19.09 -2.58 5.75
N MET A 1 -24.95 -8.25 -10.19
CA MET A 1 -23.67 -8.93 -10.39
C MET A 1 -23.46 -9.87 -9.22
N SER A 2 -22.56 -10.80 -9.35
CA SER A 2 -22.31 -11.77 -8.28
C SER A 2 -21.25 -11.27 -7.29
N VAL A 3 -20.93 -10.01 -7.35
CA VAL A 3 -20.00 -9.41 -6.43
C VAL A 3 -20.75 -8.85 -5.22
N SER A 4 -21.04 -9.73 -4.30
CA SER A 4 -21.84 -9.38 -3.16
C SER A 4 -20.98 -9.20 -1.90
N ASN A 5 -19.71 -9.52 -1.98
CA ASN A 5 -18.82 -9.39 -0.84
C ASN A 5 -17.58 -8.65 -1.25
N LYS A 6 -16.95 -9.16 -2.28
CA LYS A 6 -15.77 -8.55 -2.84
C LYS A 6 -15.94 -8.36 -4.32
N LEU A 7 -15.61 -7.19 -4.78
CA LEU A 7 -15.80 -6.81 -6.17
C LEU A 7 -14.47 -6.87 -6.89
N LEU A 8 -14.36 -7.73 -7.91
CA LEU A 8 -13.14 -7.80 -8.72
C LEU A 8 -12.98 -6.48 -9.44
N ALA A 9 -11.84 -5.88 -9.29
CA ALA A 9 -11.63 -4.58 -9.87
C ALA A 9 -10.31 -4.49 -10.62
N TRP A 10 -9.23 -4.98 -10.02
CA TRP A 10 -7.95 -4.83 -10.66
C TRP A 10 -7.04 -6.00 -10.35
N SER A 11 -6.26 -6.38 -11.30
CA SER A 11 -5.30 -7.43 -11.17
C SER A 11 -3.98 -6.86 -11.64
N GLY A 12 -3.00 -6.78 -10.77
CA GLY A 12 -1.76 -6.17 -11.13
C GLY A 12 -0.64 -6.52 -10.19
N VAL A 13 0.47 -5.88 -10.38
CA VAL A 13 1.66 -6.12 -9.64
C VAL A 13 1.98 -4.92 -8.77
N LEU A 14 2.45 -5.17 -7.59
CA LEU A 14 2.90 -4.12 -6.71
C LEU A 14 4.37 -4.25 -6.50
N GLU A 15 5.02 -3.14 -6.47
CA GLU A 15 6.42 -3.09 -6.26
C GLU A 15 6.71 -2.39 -4.96
N TRP A 16 7.44 -3.04 -4.14
CA TRP A 16 7.77 -2.53 -2.86
C TRP A 16 9.26 -2.49 -2.71
N GLN A 17 9.72 -1.60 -1.89
CA GLN A 17 11.11 -1.41 -1.71
C GLN A 17 11.56 -2.10 -0.44
N GLU A 18 12.72 -2.74 -0.52
CA GLU A 18 13.38 -3.42 0.61
C GLU A 18 13.89 -2.39 1.64
N LYS A 19 13.79 -1.11 1.27
CA LYS A 19 14.40 0.02 1.96
C LYS A 19 15.90 -0.17 1.88
N PRO A 20 16.48 0.34 0.78
CA PRO A 20 17.87 0.12 0.39
C PRO A 20 18.90 0.21 1.51
N LYS A 21 19.41 -0.93 1.87
CA LYS A 21 20.50 -1.04 2.77
C LYS A 21 21.68 -1.56 1.95
N PRO A 22 22.54 -0.69 1.41
CA PRO A 22 23.68 -1.12 0.61
C PRO A 22 24.65 -1.96 1.43
N ALA A 23 24.73 -3.23 1.10
CA ALA A 23 25.59 -4.18 1.81
C ALA A 23 27.05 -3.99 1.43
N SER A 24 27.28 -3.06 0.50
CA SER A 24 28.60 -2.64 0.03
C SER A 24 29.23 -3.69 -0.88
N VAL A 25 28.40 -4.60 -1.37
CA VAL A 25 28.82 -5.57 -2.37
C VAL A 25 28.72 -4.87 -3.70
N ASP A 26 27.70 -4.04 -3.77
CA ASP A 26 27.43 -3.17 -4.87
C ASP A 26 27.47 -1.77 -4.27
N ALA A 27 27.81 -0.78 -5.05
CA ALA A 27 27.92 0.58 -4.52
C ALA A 27 26.56 1.18 -4.19
N ASN A 28 25.58 0.90 -5.01
CA ASN A 28 24.24 1.44 -4.79
C ASN A 28 23.19 0.50 -5.34
N THR A 29 22.30 0.10 -4.49
CA THR A 29 21.33 -0.90 -4.84
C THR A 29 19.95 -0.53 -4.31
N LYS A 30 19.07 -0.14 -5.21
CA LYS A 30 17.72 0.14 -4.81
C LYS A 30 16.88 -1.03 -5.29
N LEU A 31 16.88 -2.07 -4.48
CA LEU A 31 16.19 -3.28 -4.84
C LEU A 31 14.70 -3.16 -4.60
N THR A 32 13.97 -3.29 -5.66
CA THR A 32 12.55 -3.24 -5.64
C THR A 32 12.05 -4.67 -5.83
N ARG A 33 11.03 -5.04 -5.14
CA ARG A 33 10.49 -6.36 -5.33
C ARG A 33 9.11 -6.22 -5.90
N SER A 34 8.73 -7.15 -6.73
CA SER A 34 7.47 -7.09 -7.38
C SER A 34 6.66 -8.34 -7.08
N LEU A 35 5.41 -8.15 -6.74
CA LEU A 35 4.53 -9.25 -6.42
C LEU A 35 3.19 -9.07 -7.13
N PRO A 36 2.74 -10.08 -7.88
CA PRO A 36 1.43 -10.06 -8.52
C PRO A 36 0.32 -10.36 -7.51
N CYS A 37 -0.73 -9.59 -7.55
CA CYS A 37 -1.82 -9.77 -6.64
C CYS A 37 -3.12 -9.50 -7.33
N GLN A 38 -4.21 -9.86 -6.70
CA GLN A 38 -5.49 -9.59 -7.22
C GLN A 38 -6.18 -8.68 -6.22
N VAL A 39 -6.70 -7.61 -6.74
CA VAL A 39 -7.31 -6.61 -5.94
C VAL A 39 -8.78 -6.59 -6.18
N TYR A 40 -9.47 -6.78 -5.13
CA TYR A 40 -10.86 -6.69 -5.11
C TYR A 40 -11.15 -5.45 -4.37
N VAL A 41 -12.29 -4.92 -4.50
CA VAL A 41 -12.59 -3.74 -3.81
C VAL A 41 -13.77 -3.97 -2.92
N ASN A 42 -13.70 -3.42 -1.77
CA ASN A 42 -14.75 -3.54 -0.85
C ASN A 42 -15.66 -2.33 -0.94
N HIS A 43 -16.95 -2.69 -1.03
CA HIS A 43 -18.11 -1.83 -1.31
C HIS A 43 -17.92 -0.40 -0.90
N GLY A 44 -18.23 0.48 -1.79
CA GLY A 44 -17.97 1.86 -1.58
C GLY A 44 -16.88 2.34 -2.51
N GLU A 45 -16.32 1.41 -3.28
CA GLU A 45 -15.39 1.72 -4.28
C GLU A 45 -15.97 1.36 -5.64
N ASN A 46 -16.24 2.35 -6.43
CA ASN A 46 -16.75 2.13 -7.77
C ASN A 46 -16.04 3.05 -8.71
N LEU A 47 -15.04 2.54 -9.38
CA LEU A 47 -14.33 3.30 -10.36
C LEU A 47 -14.03 2.43 -11.54
N LYS A 48 -13.79 3.04 -12.67
CA LYS A 48 -13.39 2.31 -13.82
C LYS A 48 -11.87 2.28 -13.80
N THR A 49 -11.29 1.13 -13.52
CA THR A 49 -9.84 0.94 -13.38
C THR A 49 -9.09 0.94 -14.73
N GLU A 50 -9.61 1.70 -15.66
CA GLU A 50 -9.15 1.77 -17.02
C GLU A 50 -7.76 2.40 -17.13
N GLN A 51 -7.55 3.50 -16.47
CA GLN A 51 -6.28 4.21 -16.57
C GLN A 51 -5.31 3.77 -15.48
N TRP A 52 -5.62 2.67 -14.84
CA TRP A 52 -4.76 2.11 -13.82
C TRP A 52 -3.57 1.42 -14.44
N PRO A 53 -2.37 1.73 -13.97
CA PRO A 53 -1.16 1.07 -14.40
C PRO A 53 -1.12 -0.35 -13.84
N GLN A 54 -0.29 -1.19 -14.39
CA GLN A 54 -0.20 -2.57 -13.92
C GLN A 54 0.73 -2.71 -12.74
N LYS A 55 1.41 -1.64 -12.41
CA LYS A 55 2.30 -1.61 -11.28
C LYS A 55 1.98 -0.45 -10.36
N LEU A 56 1.92 -0.73 -9.09
CA LEU A 56 1.74 0.28 -8.08
C LEU A 56 2.93 0.26 -7.13
N ILE A 57 3.31 1.43 -6.63
CA ILE A 57 4.51 1.53 -5.82
C ILE A 57 4.18 1.61 -4.34
N MET A 58 4.80 0.76 -3.56
CA MET A 58 4.58 0.71 -2.12
C MET A 58 5.70 1.42 -1.37
N GLN A 59 5.31 2.35 -0.54
CA GLN A 59 6.21 3.04 0.36
C GLN A 59 5.91 2.52 1.76
N LEU A 60 6.84 1.83 2.36
CA LEU A 60 6.61 1.27 3.69
C LEU A 60 6.92 2.27 4.78
N ILE A 61 5.95 2.49 5.61
CA ILE A 61 6.01 3.44 6.70
C ILE A 61 5.45 2.77 7.96
N PRO A 62 5.72 3.28 9.17
CA PRO A 62 5.19 2.66 10.39
C PRO A 62 3.68 2.89 10.56
N GLN A 63 2.95 1.81 10.77
CA GLN A 63 1.49 1.80 10.94
C GLN A 63 1.09 2.58 12.19
N GLN A 64 1.97 2.57 13.16
CA GLN A 64 1.75 3.23 14.45
C GLN A 64 1.61 4.74 14.30
N LEU A 65 2.34 5.31 13.38
CA LEU A 65 2.35 6.75 13.18
C LEU A 65 1.23 7.17 12.21
N LEU A 66 0.56 6.19 11.64
CA LEU A 66 -0.49 6.41 10.66
C LEU A 66 -1.79 6.84 11.33
N THR A 67 -1.86 6.64 12.64
CA THR A 67 -3.05 6.89 13.44
C THR A 67 -3.55 8.34 13.34
N THR A 68 -2.63 9.27 13.11
CA THR A 68 -2.96 10.67 12.98
C THR A 68 -3.87 10.92 11.76
N LEU A 69 -3.73 10.08 10.74
CA LEU A 69 -4.48 10.24 9.49
C LEU A 69 -5.83 9.52 9.56
N GLY A 70 -6.18 9.03 10.74
CA GLY A 70 -7.43 8.30 10.98
C GLY A 70 -8.69 8.95 10.38
N PRO A 71 -9.04 10.22 10.73
CA PRO A 71 -10.24 10.90 10.20
C PRO A 71 -10.21 11.07 8.67
N LEU A 72 -9.02 11.05 8.09
CA LEU A 72 -8.87 11.21 6.66
C LEU A 72 -9.34 9.95 5.93
N PHE A 73 -9.21 8.82 6.61
CA PHE A 73 -9.63 7.51 6.11
C PHE A 73 -11.14 7.31 6.13
N ARG A 74 -11.86 8.18 6.83
CA ARG A 74 -13.31 8.01 6.94
C ARG A 74 -13.99 8.08 5.58
N ASN A 75 -13.64 9.06 4.79
CA ASN A 75 -14.17 9.12 3.45
C ASN A 75 -13.18 8.47 2.51
N SER A 76 -13.27 7.18 2.42
CA SER A 76 -12.42 6.39 1.56
C SER A 76 -13.18 5.16 1.06
N ARG A 77 -12.59 4.49 0.13
CA ARG A 77 -13.17 3.34 -0.55
C ARG A 77 -12.39 2.13 -0.11
N MET A 78 -13.00 0.96 0.11
CA MET A 78 -12.21 -0.08 0.66
C MET A 78 -11.77 -1.03 -0.40
N VAL A 79 -10.66 -1.67 -0.17
CA VAL A 79 -10.13 -2.63 -1.08
C VAL A 79 -9.69 -3.86 -0.32
N GLN A 80 -9.60 -4.95 -1.02
CA GLN A 80 -9.19 -6.20 -0.49
C GLN A 80 -8.09 -6.76 -1.36
N PHE A 81 -6.95 -6.97 -0.76
CA PHE A 81 -5.78 -7.46 -1.45
C PHE A 81 -5.50 -8.87 -1.09
N HIS A 82 -5.52 -9.70 -2.11
CA HIS A 82 -5.15 -11.07 -1.98
C HIS A 82 -4.17 -11.37 -3.09
N PHE A 83 -3.02 -11.84 -2.73
CA PHE A 83 -1.99 -12.09 -3.70
C PHE A 83 -2.25 -13.40 -4.45
N THR A 84 -1.92 -13.41 -5.74
CA THR A 84 -2.12 -14.54 -6.66
C THR A 84 -1.50 -15.81 -6.04
N ASN A 85 -0.35 -15.63 -5.47
CA ASN A 85 0.30 -16.59 -4.64
C ASN A 85 0.58 -15.83 -3.46
N LYS A 86 0.47 -16.45 -2.33
CA LYS A 86 0.84 -15.85 -1.06
C LYS A 86 2.34 -15.61 -1.02
N ASP A 87 3.00 -16.03 -2.13
CA ASP A 87 4.39 -15.89 -2.44
C ASP A 87 5.14 -16.25 -1.28
N LEU A 88 5.00 -17.48 -1.01
CA LEU A 88 5.42 -18.12 0.22
C LEU A 88 6.86 -17.72 0.63
N GLU A 89 7.78 -17.64 -0.30
CA GLU A 89 9.10 -17.16 0.04
C GLU A 89 9.14 -15.62 0.34
N SER A 90 8.65 -14.79 -0.60
CA SER A 90 8.79 -13.33 -0.45
C SER A 90 7.86 -12.73 0.59
N LEU A 91 6.60 -13.11 0.53
CA LEU A 91 5.60 -12.53 1.41
C LEU A 91 5.74 -12.95 2.81
N LYS A 92 6.39 -14.08 3.05
CA LYS A 92 6.67 -14.52 4.41
C LYS A 92 7.43 -13.41 5.16
N GLY A 93 8.39 -12.82 4.46
CA GLY A 93 9.15 -11.70 4.98
C GLY A 93 8.30 -10.44 5.07
N LEU A 94 7.52 -10.16 4.03
CA LEU A 94 6.69 -8.95 3.99
C LEU A 94 5.62 -9.01 5.11
N TYR A 95 5.02 -10.19 5.29
CA TYR A 95 4.02 -10.43 6.35
C TYR A 95 4.61 -10.09 7.70
N ARG A 96 5.86 -10.48 7.90
CA ARG A 96 6.58 -10.23 9.11
C ARG A 96 6.76 -8.73 9.32
N ILE A 97 7.20 -8.05 8.26
CA ILE A 97 7.44 -6.61 8.30
C ILE A 97 6.15 -5.84 8.58
N MET A 98 5.11 -6.13 7.82
CA MET A 98 3.82 -5.41 7.96
C MET A 98 3.22 -5.66 9.34
N GLY A 99 3.28 -6.90 9.78
CA GLY A 99 2.73 -7.28 11.07
C GLY A 99 3.54 -6.72 12.23
N ASN A 100 4.73 -6.23 11.94
CA ASN A 100 5.61 -5.65 12.94
C ASN A 100 5.29 -4.15 13.09
N GLY A 101 4.19 -3.74 12.50
CA GLY A 101 3.76 -2.38 12.63
C GLY A 101 4.12 -1.54 11.44
N PHE A 102 4.20 -2.13 10.29
CA PHE A 102 4.47 -1.40 9.07
C PHE A 102 3.27 -1.41 8.14
N ALA A 103 3.08 -0.33 7.45
CA ALA A 103 2.02 -0.15 6.51
C ALA A 103 2.60 0.23 5.18
N GLY A 104 1.91 -0.08 4.13
CA GLY A 104 2.41 0.21 2.83
C GLY A 104 1.57 1.23 2.14
N CYS A 105 2.09 2.42 2.02
CA CYS A 105 1.37 3.45 1.33
C CYS A 105 1.59 3.26 -0.14
N VAL A 106 0.54 3.08 -0.86
CA VAL A 106 0.61 2.78 -2.24
C VAL A 106 0.34 4.03 -3.04
N HIS A 107 1.30 4.37 -3.81
CA HIS A 107 1.24 5.49 -4.69
C HIS A 107 1.10 4.98 -6.10
N PHE A 108 0.35 5.67 -6.87
CA PHE A 108 0.07 5.27 -8.20
C PHE A 108 0.94 6.07 -9.16
N PRO A 109 1.64 5.39 -10.09
CA PRO A 109 2.32 6.09 -11.17
C PRO A 109 1.25 6.81 -11.98
N HIS A 110 1.47 8.04 -12.34
CA HIS A 110 0.42 8.78 -12.96
C HIS A 110 0.24 8.44 -14.42
N THR A 111 -0.89 7.86 -14.67
CA THR A 111 -1.39 7.62 -15.99
C THR A 111 -2.60 8.53 -16.15
N ALA A 112 -3.32 8.69 -15.04
CA ALA A 112 -4.35 9.69 -14.95
C ALA A 112 -3.66 10.99 -14.53
N PRO A 113 -3.71 12.02 -15.36
CA PRO A 113 -3.05 13.28 -15.08
C PRO A 113 -3.84 14.22 -14.17
N CYS A 114 -5.03 13.84 -13.77
CA CYS A 114 -5.81 14.69 -12.91
C CYS A 114 -5.96 14.07 -11.52
N GLU A 115 -6.85 13.12 -11.39
CA GLU A 115 -7.10 12.51 -10.12
C GLU A 115 -6.84 11.01 -10.21
N VAL A 116 -5.88 10.55 -9.45
CA VAL A 116 -5.58 9.16 -9.42
C VAL A 116 -5.99 8.56 -8.07
N ARG A 117 -5.90 9.42 -7.01
CA ARG A 117 -6.21 9.04 -5.60
C ARG A 117 -5.11 8.15 -5.06
N VAL A 118 -5.03 7.94 -3.77
CA VAL A 118 -3.92 7.11 -3.28
C VAL A 118 -4.42 6.02 -2.39
N LEU A 119 -3.62 5.02 -2.15
CA LEU A 119 -4.07 3.85 -1.41
C LEU A 119 -3.18 3.55 -0.21
N MET A 120 -3.79 3.04 0.83
CA MET A 120 -3.07 2.59 2.00
C MET A 120 -3.27 1.09 2.15
N LEU A 121 -2.19 0.36 2.08
CA LEU A 121 -2.25 -1.07 2.18
C LEU A 121 -1.86 -1.51 3.58
N LEU A 122 -2.75 -2.20 4.21
CA LEU A 122 -2.58 -2.66 5.55
C LEU A 122 -2.76 -4.17 5.63
N TYR A 123 -1.83 -4.83 6.25
CA TYR A 123 -1.90 -6.26 6.41
C TYR A 123 -2.60 -6.58 7.69
N SER A 124 -3.60 -7.40 7.60
CA SER A 124 -4.24 -7.85 8.76
C SER A 124 -3.72 -9.24 9.04
N SER A 125 -2.97 -9.32 10.12
CA SER A 125 -2.30 -10.52 10.56
C SER A 125 -3.30 -11.55 11.05
N LYS A 126 -4.39 -11.06 11.65
CA LYS A 126 -5.41 -11.95 12.19
C LYS A 126 -6.25 -12.53 11.06
N LYS A 127 -6.36 -11.82 9.97
CA LYS A 127 -7.16 -12.29 8.85
C LYS A 127 -6.26 -12.93 7.81
N LYS A 128 -4.94 -12.76 7.98
CA LYS A 128 -3.91 -13.27 7.07
C LYS A 128 -4.05 -12.71 5.66
N ILE A 129 -4.57 -11.48 5.57
CA ILE A 129 -4.84 -10.88 4.24
C ILE A 129 -4.60 -9.40 4.24
N PHE A 130 -4.56 -8.79 3.06
CA PHE A 130 -4.32 -7.40 3.00
C PHE A 130 -5.60 -6.65 2.76
N MET A 131 -5.74 -5.58 3.44
CA MET A 131 -6.90 -4.73 3.36
C MET A 131 -6.41 -3.34 3.08
N GLY A 132 -7.22 -2.50 2.57
CA GLY A 132 -6.78 -1.17 2.33
C GLY A 132 -7.89 -0.23 2.06
N LEU A 133 -7.68 1.01 2.35
CA LEU A 133 -8.60 2.05 1.99
C LEU A 133 -7.94 2.99 1.03
N ILE A 134 -8.66 3.41 0.03
CA ILE A 134 -8.14 4.37 -0.88
C ILE A 134 -8.78 5.73 -0.61
N PRO A 135 -8.01 6.67 -0.02
CA PRO A 135 -8.42 8.04 0.14
C PRO A 135 -8.46 8.80 -1.20
N TYR A 136 -9.52 9.58 -1.33
CA TYR A 136 -9.79 10.38 -2.49
C TYR A 136 -8.83 11.54 -2.55
N ASP A 137 -8.58 12.14 -1.40
CA ASP A 137 -7.73 13.32 -1.31
C ASP A 137 -6.27 12.91 -1.39
N GLN A 138 -5.76 12.88 -2.60
CA GLN A 138 -4.40 12.47 -2.86
C GLN A 138 -3.39 13.48 -2.30
N SER A 139 -3.64 14.75 -2.53
CA SER A 139 -2.73 15.81 -2.17
C SER A 139 -2.43 15.86 -0.67
N GLY A 140 -3.47 15.79 0.15
CA GLY A 140 -3.29 15.87 1.57
C GLY A 140 -2.74 14.61 2.16
N PHE A 141 -3.19 13.46 1.65
CA PHE A 141 -2.73 12.18 2.15
C PHE A 141 -1.24 12.01 1.89
N VAL A 142 -0.81 12.31 0.67
CA VAL A 142 0.61 12.22 0.31
C VAL A 142 1.43 13.20 1.16
N ASN A 143 0.87 14.37 1.40
CA ASN A 143 1.52 15.40 2.23
C ASN A 143 1.72 14.88 3.65
N GLY A 144 0.70 14.19 4.17
CA GLY A 144 0.79 13.60 5.49
C GLY A 144 1.80 12.48 5.53
N ILE A 145 1.82 11.66 4.47
CA ILE A 145 2.74 10.54 4.35
C ILE A 145 4.19 11.03 4.31
N ARG A 146 4.43 12.18 3.69
CA ARG A 146 5.77 12.78 3.61
C ARG A 146 6.36 12.98 5.01
N GLN A 147 5.50 13.38 5.93
CA GLN A 147 5.89 13.59 7.33
C GLN A 147 6.22 12.24 7.97
N VAL A 148 5.37 11.25 7.70
CA VAL A 148 5.54 9.91 8.23
C VAL A 148 6.85 9.29 7.70
N ILE A 149 7.12 9.50 6.42
CA ILE A 149 8.35 9.04 5.77
C ILE A 149 9.55 9.69 6.44
N THR A 150 9.45 10.98 6.68
CA THR A 150 10.49 11.75 7.32
C THR A 150 10.82 11.19 8.72
N ASN A 151 9.79 10.81 9.44
CA ASN A 151 9.98 10.18 10.75
C ASN A 151 10.60 8.79 10.58
N LEU A 152 10.10 8.05 9.59
CA LEU A 152 10.55 6.68 9.29
C LEU A 152 12.05 6.65 8.94
N GLU A 153 12.53 7.66 8.22
CA GLU A 153 13.94 7.75 7.84
C GLU A 153 14.86 7.74 9.07
N HIS A 154 14.38 8.31 10.14
CA HIS A 154 15.15 8.40 11.37
C HIS A 154 14.79 7.27 12.32
N HIS A 155 13.61 6.68 12.12
CA HIS A 155 13.04 5.63 12.97
C HIS A 155 12.71 6.19 14.36
N HIS A 156 12.08 5.38 15.19
CA HIS A 156 11.84 5.77 16.56
C HIS A 156 13.12 5.48 17.35
N HIS A 157 14.07 6.37 17.19
CA HIS A 157 15.40 6.20 17.77
C HIS A 157 15.52 6.93 19.11
N HIS A 158 14.40 7.31 19.66
CA HIS A 158 14.38 8.05 20.90
C HIS A 158 13.15 7.66 21.69
N HIS A 159 12.02 7.82 21.08
CA HIS A 159 10.76 7.50 21.68
C HIS A 159 10.09 6.39 20.90
N MET A 1 -27.95 -8.75 3.93
CA MET A 1 -27.60 -7.84 5.00
C MET A 1 -26.10 -7.85 5.26
N SER A 2 -25.56 -9.00 5.60
CA SER A 2 -24.16 -9.10 5.84
C SER A 2 -23.57 -10.19 4.98
N VAL A 3 -22.70 -9.81 4.10
CA VAL A 3 -22.03 -10.73 3.23
C VAL A 3 -20.56 -10.31 3.03
N SER A 4 -20.33 -8.97 3.05
CA SER A 4 -19.02 -8.40 2.86
C SER A 4 -18.52 -8.77 1.45
N ASN A 5 -19.45 -8.75 0.49
CA ASN A 5 -19.13 -9.12 -0.87
C ASN A 5 -18.22 -8.07 -1.48
N LYS A 6 -17.36 -8.49 -2.34
CA LYS A 6 -16.37 -7.62 -2.89
C LYS A 6 -16.40 -7.69 -4.38
N LEU A 7 -16.00 -6.66 -4.98
CA LEU A 7 -16.05 -6.50 -6.41
C LEU A 7 -14.62 -6.65 -6.96
N LEU A 8 -14.44 -7.44 -8.00
CA LEU A 8 -13.12 -7.59 -8.61
C LEU A 8 -12.77 -6.29 -9.31
N ALA A 9 -11.62 -5.76 -9.03
CA ALA A 9 -11.24 -4.49 -9.59
C ALA A 9 -10.01 -4.57 -10.46
N TRP A 10 -8.90 -4.95 -9.89
CA TRP A 10 -7.65 -4.88 -10.60
C TRP A 10 -6.77 -6.09 -10.29
N SER A 11 -6.04 -6.50 -11.28
CA SER A 11 -5.08 -7.54 -11.15
C SER A 11 -3.78 -6.96 -11.67
N GLY A 12 -2.75 -6.95 -10.85
CA GLY A 12 -1.52 -6.32 -11.25
C GLY A 12 -0.39 -6.61 -10.31
N VAL A 13 0.72 -5.94 -10.50
CA VAL A 13 1.89 -6.19 -9.73
C VAL A 13 2.13 -5.01 -8.80
N LEU A 14 2.50 -5.30 -7.61
CA LEU A 14 2.77 -4.30 -6.66
C LEU A 14 4.24 -4.38 -6.37
N GLU A 15 4.91 -3.27 -6.38
CA GLU A 15 6.30 -3.27 -6.16
C GLU A 15 6.54 -2.51 -4.86
N TRP A 16 7.22 -3.12 -3.94
CA TRP A 16 7.36 -2.58 -2.62
C TRP A 16 8.80 -2.63 -2.17
N GLN A 17 9.18 -1.66 -1.41
CA GLN A 17 10.51 -1.60 -0.91
C GLN A 17 10.52 -2.09 0.53
N GLU A 18 11.45 -2.97 0.80
CA GLU A 18 11.61 -3.59 2.09
C GLU A 18 12.33 -2.64 3.04
N LYS A 19 13.19 -1.84 2.47
CA LYS A 19 13.99 -0.92 3.23
C LYS A 19 13.28 0.45 3.24
N PRO A 20 12.86 0.93 4.44
CA PRO A 20 12.10 2.19 4.58
C PRO A 20 12.84 3.43 4.04
N LYS A 21 14.15 3.37 4.02
CA LYS A 21 14.96 4.44 3.51
C LYS A 21 16.20 3.86 2.85
N PRO A 22 16.75 4.53 1.84
CA PRO A 22 17.99 4.11 1.23
C PRO A 22 19.18 4.41 2.14
N ALA A 23 19.37 3.54 3.11
CA ALA A 23 20.47 3.59 4.07
C ALA A 23 21.55 2.64 3.63
N SER A 24 21.29 2.05 2.49
CA SER A 24 22.11 1.06 1.89
C SER A 24 23.56 1.40 1.70
N VAL A 25 24.36 0.65 2.38
CA VAL A 25 25.78 0.58 2.17
C VAL A 25 26.01 -0.90 1.78
N ASP A 26 24.89 -1.48 1.38
CA ASP A 26 24.74 -2.88 1.03
C ASP A 26 24.56 -3.06 -0.46
N ALA A 27 25.24 -4.04 -1.00
CA ALA A 27 25.10 -4.41 -2.38
C ALA A 27 23.98 -5.43 -2.53
N ASN A 28 23.77 -6.21 -1.48
CA ASN A 28 22.74 -7.26 -1.44
C ASN A 28 21.35 -6.67 -1.52
N THR A 29 20.65 -7.05 -2.60
CA THR A 29 19.29 -6.63 -2.86
C THR A 29 19.19 -5.11 -3.00
N LYS A 30 19.35 -4.63 -4.18
CA LYS A 30 19.32 -3.22 -4.41
C LYS A 30 18.07 -2.87 -5.22
N LEU A 31 17.23 -3.85 -5.43
CA LEU A 31 16.03 -3.65 -6.22
C LEU A 31 14.80 -3.72 -5.34
N THR A 32 13.80 -2.95 -5.72
CA THR A 32 12.50 -2.99 -5.09
C THR A 32 11.87 -4.37 -5.40
N ARG A 33 11.10 -4.91 -4.49
CA ARG A 33 10.57 -6.26 -4.66
C ARG A 33 9.23 -6.17 -5.34
N SER A 34 8.91 -7.13 -6.14
CA SER A 34 7.71 -7.08 -6.90
C SER A 34 6.83 -8.33 -6.66
N LEU A 35 5.55 -8.11 -6.39
CA LEU A 35 4.61 -9.19 -6.12
C LEU A 35 3.29 -8.99 -6.85
N PRO A 36 2.82 -9.99 -7.61
CA PRO A 36 1.51 -9.94 -8.26
C PRO A 36 0.38 -10.12 -7.24
N CYS A 37 -0.62 -9.29 -7.33
CA CYS A 37 -1.72 -9.32 -6.40
C CYS A 37 -3.02 -9.04 -7.12
N GLN A 38 -4.10 -9.40 -6.48
CA GLN A 38 -5.42 -9.17 -6.99
C GLN A 38 -6.11 -8.23 -6.03
N VAL A 39 -6.67 -7.20 -6.57
CA VAL A 39 -7.30 -6.19 -5.80
C VAL A 39 -8.79 -6.19 -6.03
N TYR A 40 -9.49 -6.32 -4.95
CA TYR A 40 -10.90 -6.26 -4.94
C TYR A 40 -11.27 -4.97 -4.31
N VAL A 41 -12.42 -4.47 -4.62
CA VAL A 41 -12.88 -3.26 -4.01
C VAL A 41 -14.20 -3.51 -3.31
N ASN A 42 -14.34 -2.93 -2.16
CA ASN A 42 -15.58 -2.86 -1.47
C ASN A 42 -16.23 -1.50 -1.73
N HIS A 43 -17.52 -1.63 -2.11
CA HIS A 43 -18.49 -0.63 -2.64
C HIS A 43 -18.19 0.87 -2.40
N GLY A 44 -18.71 1.69 -3.31
CA GLY A 44 -18.50 3.13 -3.22
C GLY A 44 -17.60 3.63 -4.33
N GLU A 45 -17.16 2.71 -5.13
CA GLU A 45 -16.20 2.95 -6.15
C GLU A 45 -16.81 3.18 -7.55
N ASN A 46 -16.16 4.02 -8.30
CA ASN A 46 -16.30 4.05 -9.74
C ASN A 46 -15.05 4.67 -10.27
N LEU A 47 -14.15 3.81 -10.60
CA LEU A 47 -12.92 4.16 -11.23
C LEU A 47 -12.61 3.09 -12.22
N LYS A 48 -12.01 3.43 -13.30
CA LYS A 48 -11.62 2.40 -14.21
C LYS A 48 -10.15 2.12 -14.08
N THR A 49 -9.83 0.87 -13.95
CA THR A 49 -8.49 0.39 -13.71
C THR A 49 -7.71 0.25 -15.04
N GLU A 50 -8.39 0.60 -16.11
CA GLU A 50 -7.83 0.65 -17.44
C GLU A 50 -6.73 1.72 -17.51
N GLN A 51 -6.89 2.75 -16.69
CA GLN A 51 -5.98 3.87 -16.67
C GLN A 51 -5.02 3.76 -15.48
N TRP A 52 -4.93 2.58 -14.94
CA TRP A 52 -4.03 2.29 -13.85
C TRP A 52 -2.74 1.70 -14.38
N PRO A 53 -1.60 2.07 -13.77
CA PRO A 53 -0.32 1.46 -14.10
C PRO A 53 -0.31 -0.01 -13.65
N GLN A 54 0.59 -0.80 -14.16
CA GLN A 54 0.63 -2.21 -13.83
C GLN A 54 1.61 -2.57 -12.71
N LYS A 55 2.41 -1.58 -12.31
CA LYS A 55 3.27 -1.67 -11.12
C LYS A 55 3.03 -0.45 -10.23
N LEU A 56 2.48 -0.67 -9.06
CA LEU A 56 2.26 0.40 -8.11
C LEU A 56 3.32 0.32 -7.04
N ILE A 57 3.73 1.44 -6.51
CA ILE A 57 4.83 1.46 -5.56
C ILE A 57 4.31 1.53 -4.13
N MET A 58 4.68 0.56 -3.33
CA MET A 58 4.27 0.52 -1.94
C MET A 58 5.46 0.73 -1.03
N GLN A 59 5.36 1.75 -0.21
CA GLN A 59 6.41 2.05 0.75
C GLN A 59 5.92 1.68 2.13
N LEU A 60 6.75 1.01 2.88
CA LEU A 60 6.37 0.54 4.19
C LEU A 60 6.72 1.57 5.27
N ILE A 61 5.70 2.08 5.91
CA ILE A 61 5.81 3.10 6.93
C ILE A 61 5.31 2.55 8.27
N PRO A 62 5.64 3.15 9.42
CA PRO A 62 5.16 2.64 10.71
C PRO A 62 3.67 2.91 10.88
N GLN A 63 2.93 1.86 11.24
CA GLN A 63 1.48 1.92 11.42
C GLN A 63 1.09 2.88 12.54
N GLN A 64 1.99 3.04 13.48
CA GLN A 64 1.78 3.86 14.66
C GLN A 64 1.61 5.32 14.26
N LEU A 65 2.42 5.75 13.30
CA LEU A 65 2.42 7.13 12.84
C LEU A 65 1.24 7.40 11.90
N LEU A 66 0.58 6.34 11.48
CA LEU A 66 -0.54 6.44 10.57
C LEU A 66 -1.83 6.76 11.31
N THR A 67 -1.84 6.52 12.63
CA THR A 67 -3.01 6.74 13.48
C THR A 67 -3.49 8.22 13.41
N THR A 68 -2.54 9.11 13.15
CA THR A 68 -2.81 10.53 13.02
C THR A 68 -3.79 10.83 11.84
N LEU A 69 -3.78 9.95 10.84
CA LEU A 69 -4.59 10.13 9.64
C LEU A 69 -5.95 9.43 9.77
N GLY A 70 -6.24 8.95 10.97
CA GLY A 70 -7.51 8.27 11.27
C GLY A 70 -8.77 8.98 10.73
N PRO A 71 -8.97 10.30 11.02
CA PRO A 71 -10.14 11.06 10.52
C PRO A 71 -10.26 11.03 8.98
N LEU A 72 -9.15 10.90 8.29
CA LEU A 72 -9.12 10.93 6.84
C LEU A 72 -9.64 9.60 6.26
N PHE A 73 -9.43 8.52 7.00
CA PHE A 73 -9.88 7.19 6.61
C PHE A 73 -11.40 7.02 6.73
N ARG A 74 -12.02 7.97 7.40
CA ARG A 74 -13.46 7.95 7.61
C ARG A 74 -14.23 8.18 6.31
N ASN A 75 -13.59 8.75 5.32
CA ASN A 75 -14.21 9.00 4.03
C ASN A 75 -13.34 8.41 2.93
N SER A 76 -13.52 7.14 2.68
CA SER A 76 -12.77 6.41 1.68
C SER A 76 -13.55 5.15 1.24
N ARG A 77 -13.06 4.52 0.22
CA ARG A 77 -13.64 3.32 -0.35
C ARG A 77 -12.74 2.15 -0.09
N MET A 78 -13.30 1.00 0.17
CA MET A 78 -12.55 -0.09 0.73
C MET A 78 -12.09 -1.00 -0.34
N VAL A 79 -10.99 -1.66 -0.11
CA VAL A 79 -10.42 -2.58 -1.05
C VAL A 79 -9.84 -3.76 -0.28
N GLN A 80 -9.62 -4.84 -0.97
CA GLN A 80 -9.04 -6.02 -0.39
C GLN A 80 -7.96 -6.54 -1.31
N PHE A 81 -6.81 -6.79 -0.75
CA PHE A 81 -5.68 -7.26 -1.47
C PHE A 81 -5.35 -8.69 -1.12
N HIS A 82 -5.44 -9.52 -2.10
CA HIS A 82 -5.04 -10.88 -1.98
C HIS A 82 -3.86 -11.07 -2.89
N PHE A 83 -2.78 -11.50 -2.34
CA PHE A 83 -1.57 -11.67 -3.11
C PHE A 83 -1.49 -13.05 -3.67
N THR A 84 -0.85 -13.17 -4.80
CA THR A 84 -0.67 -14.45 -5.39
C THR A 84 0.51 -15.12 -4.73
N ASN A 85 0.40 -16.40 -4.45
CA ASN A 85 1.47 -17.18 -3.86
C ASN A 85 2.53 -17.51 -4.93
N LYS A 86 2.91 -16.48 -5.66
CA LYS A 86 3.85 -16.56 -6.75
C LYS A 86 5.27 -16.54 -6.19
N ASP A 87 5.49 -15.71 -5.18
CA ASP A 87 6.78 -15.60 -4.52
C ASP A 87 6.55 -15.58 -3.02
N LEU A 88 6.57 -16.75 -2.42
CA LEU A 88 6.37 -16.89 -1.01
C LEU A 88 7.49 -16.30 -0.18
N GLU A 89 8.68 -16.19 -0.75
CA GLU A 89 9.82 -15.67 -0.02
C GLU A 89 9.66 -14.18 0.24
N SER A 90 9.20 -13.47 -0.75
CA SER A 90 8.97 -12.06 -0.62
C SER A 90 7.75 -11.83 0.27
N LEU A 91 6.73 -12.69 0.11
CA LEU A 91 5.53 -12.63 0.94
C LEU A 91 5.86 -12.88 2.40
N LYS A 92 6.69 -13.88 2.66
CA LYS A 92 7.12 -14.23 4.02
C LYS A 92 7.73 -13.01 4.72
N GLY A 93 8.56 -12.28 3.99
CA GLY A 93 9.17 -11.08 4.50
C GLY A 93 8.15 -9.99 4.72
N LEU A 94 7.30 -9.80 3.72
CA LEU A 94 6.25 -8.80 3.75
C LEU A 94 5.30 -9.03 4.93
N TYR A 95 4.91 -10.28 5.15
CA TYR A 95 4.06 -10.67 6.27
C TYR A 95 4.71 -10.32 7.58
N ARG A 96 6.01 -10.55 7.68
CA ARG A 96 6.76 -10.27 8.88
C ARG A 96 6.81 -8.77 9.15
N ILE A 97 7.07 -8.00 8.12
CA ILE A 97 7.16 -6.55 8.23
C ILE A 97 5.80 -5.98 8.62
N MET A 98 4.75 -6.46 7.97
CA MET A 98 3.39 -6.05 8.27
C MET A 98 3.01 -6.46 9.68
N GLY A 99 3.36 -7.67 10.06
CA GLY A 99 3.07 -8.18 11.38
C GLY A 99 3.89 -7.47 12.45
N ASN A 100 4.91 -6.77 12.03
CA ASN A 100 5.79 -6.03 12.93
C ASN A 100 5.18 -4.64 13.21
N GLY A 101 4.07 -4.33 12.56
CA GLY A 101 3.40 -3.08 12.81
C GLY A 101 3.70 -2.02 11.78
N PHE A 102 3.95 -2.43 10.58
CA PHE A 102 4.14 -1.50 9.48
C PHE A 102 2.89 -1.45 8.61
N ALA A 103 2.78 -0.41 7.83
CA ALA A 103 1.69 -0.21 6.92
C ALA A 103 2.25 0.08 5.56
N GLY A 104 1.52 -0.24 4.53
CA GLY A 104 2.02 -0.05 3.21
C GLY A 104 1.30 1.02 2.47
N CYS A 105 1.93 2.13 2.28
CA CYS A 105 1.33 3.20 1.53
C CYS A 105 1.58 2.96 0.04
N VAL A 106 0.51 2.78 -0.70
CA VAL A 106 0.62 2.50 -2.10
C VAL A 106 0.36 3.75 -2.88
N HIS A 107 1.34 4.10 -3.62
CA HIS A 107 1.34 5.25 -4.44
C HIS A 107 1.37 4.79 -5.87
N PHE A 108 0.69 5.47 -6.68
CA PHE A 108 0.57 5.14 -8.05
C PHE A 108 1.57 6.01 -8.79
N PRO A 109 2.46 5.42 -9.60
CA PRO A 109 3.49 6.17 -10.31
C PRO A 109 2.93 7.24 -11.22
N HIS A 110 3.20 8.47 -10.88
CA HIS A 110 2.79 9.59 -11.67
C HIS A 110 3.71 9.69 -12.84
N THR A 111 3.11 9.68 -13.99
CA THR A 111 3.75 9.63 -15.27
C THR A 111 2.64 9.43 -16.29
N ALA A 112 1.56 8.84 -15.81
CA ALA A 112 0.35 8.70 -16.56
C ALA A 112 -0.43 10.01 -16.38
N PRO A 113 -1.23 10.41 -17.37
CA PRO A 113 -2.00 11.68 -17.32
C PRO A 113 -3.24 11.60 -16.42
N CYS A 114 -3.43 10.47 -15.81
CA CYS A 114 -4.57 10.24 -14.95
C CYS A 114 -4.29 10.75 -13.55
N GLU A 115 -5.29 11.30 -12.92
CA GLU A 115 -5.18 11.70 -11.56
C GLU A 115 -5.60 10.50 -10.73
N VAL A 116 -4.66 9.71 -10.36
CA VAL A 116 -4.97 8.52 -9.64
C VAL A 116 -5.01 8.84 -8.16
N ARG A 117 -5.99 8.28 -7.49
CA ARG A 117 -6.14 8.47 -6.06
C ARG A 117 -5.21 7.50 -5.37
N VAL A 118 -5.03 7.58 -4.09
CA VAL A 118 -3.97 6.75 -3.48
C VAL A 118 -4.54 5.64 -2.64
N LEU A 119 -3.74 4.67 -2.28
CA LEU A 119 -4.27 3.56 -1.52
C LEU A 119 -3.39 3.22 -0.31
N MET A 120 -4.03 3.01 0.81
CA MET A 120 -3.33 2.58 2.02
C MET A 120 -3.57 1.12 2.22
N LEU A 121 -2.53 0.36 2.27
CA LEU A 121 -2.63 -1.05 2.42
C LEU A 121 -2.22 -1.47 3.82
N LEU A 122 -3.09 -2.16 4.46
CA LEU A 122 -2.88 -2.64 5.78
C LEU A 122 -3.07 -4.15 5.81
N TYR A 123 -2.37 -4.78 6.65
CA TYR A 123 -2.43 -6.20 6.74
C TYR A 123 -3.32 -6.61 7.89
N SER A 124 -4.32 -7.40 7.61
CA SER A 124 -5.10 -7.94 8.66
C SER A 124 -4.51 -9.31 9.00
N SER A 125 -3.92 -9.37 10.17
CA SER A 125 -3.22 -10.52 10.67
C SER A 125 -4.14 -11.69 10.99
N LYS A 126 -5.32 -11.37 11.48
CA LYS A 126 -6.27 -12.39 11.89
C LYS A 126 -6.88 -13.09 10.68
N LYS A 127 -6.86 -12.40 9.57
CA LYS A 127 -7.41 -12.92 8.33
C LYS A 127 -6.28 -13.34 7.39
N LYS A 128 -5.05 -12.97 7.77
CA LYS A 128 -3.82 -13.26 7.02
C LYS A 128 -3.84 -12.62 5.61
N ILE A 129 -4.63 -11.56 5.46
CA ILE A 129 -4.84 -10.95 4.14
C ILE A 129 -4.70 -9.44 4.20
N PHE A 130 -4.62 -8.80 3.07
CA PHE A 130 -4.39 -7.39 3.05
C PHE A 130 -5.69 -6.64 2.77
N MET A 131 -5.90 -5.58 3.47
CA MET A 131 -7.10 -4.79 3.36
C MET A 131 -6.68 -3.33 3.28
N GLY A 132 -7.36 -2.55 2.48
CA GLY A 132 -6.95 -1.18 2.36
C GLY A 132 -8.07 -0.25 1.99
N LEU A 133 -7.91 1.01 2.25
CA LEU A 133 -8.85 2.02 1.81
C LEU A 133 -8.19 2.95 0.83
N ILE A 134 -8.90 3.35 -0.20
CA ILE A 134 -8.36 4.28 -1.16
C ILE A 134 -8.87 5.71 -0.85
N PRO A 135 -7.97 6.59 -0.33
CA PRO A 135 -8.25 8.00 -0.15
C PRO A 135 -8.30 8.76 -1.49
N TYR A 136 -9.35 9.56 -1.60
CA TYR A 136 -9.66 10.36 -2.77
C TYR A 136 -8.75 11.57 -2.83
N ASP A 137 -8.49 12.19 -1.71
CA ASP A 137 -7.60 13.31 -1.71
C ASP A 137 -6.17 12.86 -1.62
N GLN A 138 -5.60 12.69 -2.76
CA GLN A 138 -4.24 12.27 -2.88
C GLN A 138 -3.25 13.31 -2.39
N SER A 139 -3.54 14.58 -2.62
CA SER A 139 -2.63 15.65 -2.29
C SER A 139 -2.34 15.72 -0.77
N GLY A 140 -3.38 15.65 0.04
CA GLY A 140 -3.21 15.73 1.47
C GLY A 140 -2.69 14.46 2.07
N PHE A 141 -3.14 13.34 1.54
CA PHE A 141 -2.73 12.05 2.04
C PHE A 141 -1.24 11.85 1.80
N VAL A 142 -0.81 12.12 0.57
CA VAL A 142 0.59 11.98 0.20
C VAL A 142 1.45 12.98 0.98
N ASN A 143 0.92 14.19 1.18
CA ASN A 143 1.61 15.22 1.98
C ASN A 143 1.85 14.71 3.40
N GLY A 144 0.87 13.99 3.93
CA GLY A 144 1.00 13.40 5.24
C GLY A 144 1.99 12.27 5.25
N ILE A 145 1.89 11.39 4.26
CA ILE A 145 2.74 10.23 4.17
C ILE A 145 4.21 10.60 3.88
N ARG A 146 4.43 11.64 3.07
CA ARG A 146 5.79 12.11 2.77
C ARG A 146 6.52 12.43 4.07
N GLN A 147 5.83 13.10 4.98
CA GLN A 147 6.36 13.46 6.29
C GLN A 147 6.77 12.20 7.07
N VAL A 148 5.96 11.17 6.98
CA VAL A 148 6.21 9.90 7.64
C VAL A 148 7.45 9.22 7.03
N ILE A 149 7.50 9.18 5.71
CA ILE A 149 8.63 8.58 4.98
C ILE A 149 9.92 9.35 5.27
N THR A 150 9.81 10.65 5.24
CA THR A 150 10.89 11.54 5.54
C THR A 150 11.36 11.41 7.01
N ASN A 151 10.43 11.14 7.92
CA ASN A 151 10.82 10.87 9.31
C ASN A 151 11.66 9.59 9.34
N LEU A 152 11.20 8.58 8.60
CA LEU A 152 11.93 7.30 8.45
C LEU A 152 13.33 7.50 7.90
N GLU A 153 13.47 8.47 7.00
CA GLU A 153 14.76 8.80 6.37
C GLU A 153 15.76 9.36 7.39
N HIS A 154 15.23 9.97 8.44
CA HIS A 154 16.03 10.60 9.47
C HIS A 154 16.19 9.65 10.69
N HIS A 155 15.14 8.91 10.97
CA HIS A 155 15.09 7.95 12.07
C HIS A 155 15.93 6.73 11.71
N HIS A 156 17.03 6.53 12.44
CA HIS A 156 18.00 5.44 12.20
C HIS A 156 17.33 4.07 12.21
N HIS A 157 16.99 3.61 13.39
CA HIS A 157 16.33 2.34 13.56
C HIS A 157 15.36 2.48 14.70
N HIS A 158 15.82 3.09 15.76
CA HIS A 158 14.98 3.41 16.88
C HIS A 158 15.57 4.60 17.61
N HIS A 159 14.73 5.51 17.97
CA HIS A 159 15.09 6.66 18.75
C HIS A 159 14.13 6.74 19.89
N MET A 1 -26.56 -14.05 3.21
CA MET A 1 -26.79 -13.84 1.78
C MET A 1 -25.49 -13.99 1.07
N SER A 2 -25.49 -14.74 -0.01
CA SER A 2 -24.30 -14.89 -0.78
C SER A 2 -24.20 -13.76 -1.80
N VAL A 3 -23.75 -12.63 -1.34
CA VAL A 3 -23.61 -11.49 -2.20
C VAL A 3 -22.15 -11.34 -2.57
N SER A 4 -21.84 -10.33 -3.36
CA SER A 4 -20.51 -10.15 -3.82
C SER A 4 -19.63 -9.71 -2.66
N ASN A 5 -20.07 -8.66 -1.93
CA ASN A 5 -19.34 -8.04 -0.79
C ASN A 5 -18.08 -7.32 -1.27
N LYS A 6 -17.27 -8.04 -2.00
CA LYS A 6 -16.12 -7.53 -2.61
C LYS A 6 -16.39 -7.44 -4.11
N LEU A 7 -15.97 -6.37 -4.70
CA LEU A 7 -16.18 -6.15 -6.11
C LEU A 7 -14.83 -6.16 -6.80
N LEU A 8 -14.73 -6.83 -7.95
CA LEU A 8 -13.46 -6.92 -8.68
C LEU A 8 -13.02 -5.52 -9.10
N ALA A 9 -11.82 -5.15 -8.73
CA ALA A 9 -11.32 -3.86 -9.03
C ALA A 9 -10.20 -3.89 -10.03
N TRP A 10 -9.09 -4.50 -9.65
CA TRP A 10 -7.89 -4.41 -10.42
C TRP A 10 -6.97 -5.53 -10.00
N SER A 11 -6.17 -5.99 -10.89
CA SER A 11 -5.20 -6.98 -10.57
C SER A 11 -3.87 -6.49 -11.09
N GLY A 12 -2.93 -6.30 -10.21
CA GLY A 12 -1.68 -5.72 -10.60
C GLY A 12 -0.56 -6.08 -9.70
N VAL A 13 0.56 -5.45 -9.94
CA VAL A 13 1.76 -5.75 -9.21
C VAL A 13 2.09 -4.58 -8.29
N LEU A 14 2.55 -4.89 -7.12
CA LEU A 14 2.97 -3.89 -6.18
C LEU A 14 4.44 -4.05 -6.03
N GLU A 15 5.15 -2.99 -6.18
CA GLU A 15 6.56 -3.06 -6.12
C GLU A 15 7.01 -2.21 -4.93
N TRP A 16 7.78 -2.79 -4.06
CA TRP A 16 8.21 -2.18 -2.82
C TRP A 16 9.71 -2.24 -2.70
N GLN A 17 10.28 -1.27 -2.07
CA GLN A 17 11.72 -1.21 -1.98
C GLN A 17 12.22 -1.72 -0.65
N GLU A 18 13.31 -2.48 -0.70
CA GLU A 18 13.99 -2.86 0.50
C GLU A 18 14.79 -1.65 0.96
N LYS A 19 14.41 -1.10 2.08
CA LYS A 19 15.02 0.10 2.58
C LYS A 19 15.81 -0.17 3.84
N PRO A 20 17.13 -0.38 3.74
CA PRO A 20 17.99 -0.47 4.91
C PRO A 20 18.48 0.93 5.30
N LYS A 21 19.37 1.47 4.50
CA LYS A 21 19.87 2.81 4.58
C LYS A 21 20.78 3.00 3.36
N PRO A 22 20.70 4.12 2.67
CA PRO A 22 21.57 4.37 1.54
C PRO A 22 22.92 4.89 2.00
N ALA A 23 23.95 4.10 1.79
CA ALA A 23 25.31 4.48 2.17
C ALA A 23 25.86 5.47 1.15
N SER A 24 25.34 5.42 -0.04
CA SER A 24 25.73 6.29 -1.11
C SER A 24 24.55 7.18 -1.46
N VAL A 25 24.79 8.22 -2.24
CA VAL A 25 23.72 9.10 -2.69
C VAL A 25 22.93 8.37 -3.76
N ASP A 26 21.80 7.84 -3.38
CA ASP A 26 20.98 7.07 -4.28
C ASP A 26 19.53 7.44 -4.14
N ALA A 27 18.83 7.57 -5.24
CA ALA A 27 17.43 7.88 -5.24
C ALA A 27 16.61 6.60 -5.15
N ASN A 28 17.07 5.57 -5.86
CA ASN A 28 16.45 4.25 -5.92
C ASN A 28 17.19 3.36 -6.92
N THR A 29 18.25 2.77 -6.45
CA THR A 29 18.96 1.77 -7.21
C THR A 29 19.13 0.56 -6.28
N LYS A 30 18.48 0.66 -5.15
CA LYS A 30 18.44 -0.42 -4.18
C LYS A 30 17.41 -1.41 -4.67
N LEU A 31 17.56 -2.66 -4.32
CA LEU A 31 16.68 -3.71 -4.79
C LEU A 31 15.22 -3.48 -4.42
N THR A 32 14.43 -3.25 -5.43
CA THR A 32 13.03 -3.08 -5.28
C THR A 32 12.39 -4.43 -5.68
N ARG A 33 11.45 -4.89 -4.91
CA ARG A 33 10.86 -6.19 -5.15
C ARG A 33 9.45 -6.01 -5.64
N SER A 34 9.01 -6.87 -6.50
CA SER A 34 7.71 -6.74 -7.08
C SER A 34 6.87 -8.00 -6.83
N LEU A 35 5.66 -7.82 -6.34
CA LEU A 35 4.77 -8.93 -6.06
C LEU A 35 3.39 -8.69 -6.68
N PRO A 36 2.89 -9.62 -7.49
CA PRO A 36 1.55 -9.54 -8.09
C PRO A 36 0.43 -9.85 -7.08
N CYS A 37 -0.64 -9.13 -7.19
CA CYS A 37 -1.74 -9.26 -6.28
C CYS A 37 -3.08 -9.15 -7.00
N GLN A 38 -4.12 -9.48 -6.30
CA GLN A 38 -5.48 -9.39 -6.75
C GLN A 38 -6.13 -8.36 -5.86
N VAL A 39 -6.79 -7.39 -6.44
CA VAL A 39 -7.38 -6.32 -5.69
C VAL A 39 -8.87 -6.24 -5.97
N TYR A 40 -9.62 -6.32 -4.92
CA TYR A 40 -11.03 -6.18 -4.96
C TYR A 40 -11.36 -4.99 -4.11
N VAL A 41 -12.51 -4.45 -4.29
CA VAL A 41 -12.91 -3.31 -3.50
C VAL A 41 -14.18 -3.61 -2.76
N ASN A 42 -14.25 -3.16 -1.54
CA ASN A 42 -15.43 -3.23 -0.77
C ASN A 42 -16.18 -1.91 -0.87
N HIS A 43 -17.50 -2.09 -1.12
CA HIS A 43 -18.56 -1.08 -1.46
C HIS A 43 -18.33 0.37 -0.99
N GLY A 44 -18.98 1.29 -1.68
CA GLY A 44 -18.74 2.71 -1.46
C GLY A 44 -17.97 3.24 -2.64
N GLU A 45 -17.66 2.33 -3.51
CA GLU A 45 -16.86 2.56 -4.64
C GLU A 45 -17.63 2.72 -5.95
N ASN A 46 -16.93 3.30 -6.88
CA ASN A 46 -17.26 3.40 -8.28
C ASN A 46 -16.13 4.20 -8.88
N LEU A 47 -15.16 3.49 -9.39
CA LEU A 47 -14.01 4.08 -10.04
C LEU A 47 -13.60 3.23 -11.21
N LYS A 48 -12.91 3.82 -12.15
CA LYS A 48 -12.34 3.07 -13.24
C LYS A 48 -10.87 2.82 -12.95
N THR A 49 -10.44 1.60 -13.10
CA THR A 49 -9.07 1.20 -12.81
C THR A 49 -8.22 1.06 -14.09
N GLU A 50 -8.67 1.68 -15.16
CA GLU A 50 -8.00 1.58 -16.45
C GLU A 50 -6.75 2.46 -16.49
N GLN A 51 -6.77 3.51 -15.71
CA GLN A 51 -5.67 4.44 -15.63
C GLN A 51 -4.73 4.06 -14.46
N TRP A 52 -4.99 2.92 -13.90
CA TRP A 52 -4.17 2.40 -12.84
C TRP A 52 -2.93 1.77 -13.42
N PRO A 53 -1.74 2.26 -13.04
CA PRO A 53 -0.47 1.69 -13.47
C PRO A 53 -0.40 0.23 -13.07
N GLN A 54 0.31 -0.56 -13.86
CA GLN A 54 0.38 -1.95 -13.67
C GLN A 54 1.28 -2.29 -12.47
N LYS A 55 2.15 -1.36 -12.13
CA LYS A 55 2.97 -1.45 -10.96
C LYS A 55 2.77 -0.24 -10.11
N LEU A 56 2.40 -0.46 -8.89
CA LEU A 56 2.24 0.58 -7.93
C LEU A 56 3.39 0.53 -6.95
N ILE A 57 3.81 1.66 -6.46
CA ILE A 57 4.98 1.73 -5.62
C ILE A 57 4.55 1.76 -4.17
N MET A 58 4.96 0.78 -3.44
CA MET A 58 4.60 0.67 -2.06
C MET A 58 5.83 0.84 -1.19
N GLN A 59 5.73 1.70 -0.22
CA GLN A 59 6.79 1.88 0.73
C GLN A 59 6.28 1.55 2.11
N LEU A 60 7.03 0.75 2.79
CA LEU A 60 6.66 0.26 4.09
C LEU A 60 7.05 1.27 5.16
N ILE A 61 6.07 1.68 5.93
CA ILE A 61 6.23 2.70 6.95
C ILE A 61 5.67 2.17 8.27
N PRO A 62 6.08 2.74 9.42
CA PRO A 62 5.52 2.35 10.72
C PRO A 62 4.02 2.70 10.81
N GLN A 63 3.22 1.72 11.22
CA GLN A 63 1.76 1.86 11.30
C GLN A 63 1.34 2.95 12.30
N GLN A 64 2.15 3.16 13.32
CA GLN A 64 1.88 4.17 14.33
C GLN A 64 1.80 5.60 13.72
N LEU A 65 2.55 5.83 12.67
CA LEU A 65 2.57 7.16 12.04
C LEU A 65 1.34 7.38 11.14
N LEU A 66 0.64 6.29 10.87
CA LEU A 66 -0.54 6.28 10.01
C LEU A 66 -1.74 6.92 10.72
N THR A 67 -1.69 6.94 12.04
CA THR A 67 -2.83 7.39 12.86
C THR A 67 -3.29 8.84 12.58
N THR A 68 -2.43 9.63 11.94
CA THR A 68 -2.74 11.01 11.60
C THR A 68 -3.78 11.07 10.45
N LEU A 69 -3.89 9.99 9.71
CA LEU A 69 -4.77 9.92 8.56
C LEU A 69 -6.18 9.46 8.93
N GLY A 70 -6.46 9.42 10.23
CA GLY A 70 -7.78 9.02 10.74
C GLY A 70 -8.98 9.67 10.00
N PRO A 71 -9.08 11.04 9.95
CA PRO A 71 -10.19 11.74 9.25
C PRO A 71 -10.22 11.43 7.74
N LEU A 72 -9.08 11.06 7.21
CA LEU A 72 -8.95 10.79 5.80
C LEU A 72 -9.57 9.44 5.46
N PHE A 73 -9.27 8.43 6.26
CA PHE A 73 -9.81 7.08 6.05
C PHE A 73 -11.30 7.00 6.37
N ARG A 74 -11.81 8.01 7.04
CA ARG A 74 -13.23 8.05 7.35
C ARG A 74 -14.05 8.36 6.09
N ASN A 75 -13.39 8.86 5.08
CA ASN A 75 -14.02 9.10 3.81
C ASN A 75 -13.22 8.43 2.73
N SER A 76 -13.38 7.12 2.64
CA SER A 76 -12.67 6.30 1.68
C SER A 76 -13.49 5.04 1.33
N ARG A 77 -13.00 4.34 0.35
CA ARG A 77 -13.56 3.11 -0.17
C ARG A 77 -12.61 1.96 0.15
N MET A 78 -13.14 0.78 0.46
CA MET A 78 -12.31 -0.27 1.03
C MET A 78 -11.81 -1.18 -0.04
N VAL A 79 -10.68 -1.77 0.20
CA VAL A 79 -10.06 -2.67 -0.73
C VAL A 79 -9.74 -3.99 -0.06
N GLN A 80 -9.53 -4.97 -0.86
CA GLN A 80 -9.21 -6.31 -0.45
C GLN A 80 -8.03 -6.76 -1.28
N PHE A 81 -6.94 -7.09 -0.64
CA PHE A 81 -5.73 -7.51 -1.31
C PHE A 81 -5.39 -8.95 -0.97
N HIS A 82 -5.20 -9.71 -2.00
CA HIS A 82 -4.76 -11.07 -1.88
C HIS A 82 -3.63 -11.24 -2.88
N PHE A 83 -2.48 -11.63 -2.43
CA PHE A 83 -1.35 -11.77 -3.32
C PHE A 83 -1.36 -13.08 -4.05
N THR A 84 -0.73 -13.11 -5.20
CA THR A 84 -0.66 -14.32 -5.97
C THR A 84 0.29 -15.30 -5.29
N ASN A 85 -0.12 -16.54 -5.21
CA ASN A 85 0.62 -17.59 -4.48
C ASN A 85 1.87 -18.11 -5.24
N LYS A 86 2.37 -17.33 -6.19
CA LYS A 86 3.54 -17.73 -6.96
C LYS A 86 4.79 -17.75 -6.09
N ASP A 87 5.03 -16.67 -5.35
CA ASP A 87 6.25 -16.57 -4.58
C ASP A 87 5.92 -16.42 -3.12
N LEU A 88 5.69 -17.53 -2.49
CA LEU A 88 5.34 -17.59 -1.09
C LEU A 88 6.50 -17.16 -0.21
N GLU A 89 7.71 -17.31 -0.72
CA GLU A 89 8.91 -16.93 -0.01
C GLU A 89 9.08 -15.41 0.11
N SER A 90 8.84 -14.69 -0.98
CA SER A 90 8.91 -13.23 -0.92
C SER A 90 7.81 -12.71 0.01
N LEU A 91 6.66 -13.37 -0.04
CA LEU A 91 5.55 -13.04 0.81
C LEU A 91 5.88 -13.28 2.27
N LYS A 92 6.64 -14.32 2.53
CA LYS A 92 7.05 -14.73 3.88
C LYS A 92 7.72 -13.56 4.60
N GLY A 93 8.62 -12.88 3.89
CA GLY A 93 9.31 -11.74 4.45
C GLY A 93 8.37 -10.55 4.66
N LEU A 94 7.53 -10.30 3.67
CA LEU A 94 6.60 -9.17 3.71
C LEU A 94 5.58 -9.35 4.86
N TYR A 95 5.08 -10.58 5.03
CA TYR A 95 4.16 -10.91 6.11
C TYR A 95 4.78 -10.62 7.48
N ARG A 96 6.05 -10.93 7.63
CA ARG A 96 6.78 -10.70 8.88
C ARG A 96 6.91 -9.19 9.13
N ILE A 97 7.13 -8.42 8.08
CA ILE A 97 7.24 -6.96 8.20
C ILE A 97 5.88 -6.36 8.57
N MET A 98 4.84 -6.81 7.90
CA MET A 98 3.48 -6.35 8.16
C MET A 98 3.02 -6.71 9.57
N GLY A 99 3.42 -7.88 10.01
CA GLY A 99 3.09 -8.34 11.34
C GLY A 99 3.92 -7.64 12.40
N ASN A 100 4.95 -6.90 11.99
CA ASN A 100 5.84 -6.21 12.92
C ASN A 100 5.34 -4.78 13.16
N GLY A 101 4.15 -4.48 12.68
CA GLY A 101 3.57 -3.18 12.92
C GLY A 101 3.90 -2.17 11.85
N PHE A 102 4.09 -2.65 10.65
CA PHE A 102 4.35 -1.80 9.53
C PHE A 102 3.16 -1.78 8.61
N ALA A 103 3.07 -0.74 7.83
CA ALA A 103 2.00 -0.55 6.89
C ALA A 103 2.62 -0.23 5.55
N GLY A 104 1.88 -0.40 4.50
CA GLY A 104 2.41 -0.14 3.21
C GLY A 104 1.67 0.95 2.52
N CYS A 105 2.29 2.08 2.38
CA CYS A 105 1.65 3.16 1.69
C CYS A 105 1.85 2.94 0.20
N VAL A 106 0.77 2.82 -0.51
CA VAL A 106 0.83 2.56 -1.91
C VAL A 106 0.57 3.84 -2.68
N HIS A 107 1.53 4.21 -3.45
CA HIS A 107 1.46 5.37 -4.27
C HIS A 107 1.40 4.97 -5.70
N PHE A 108 0.55 5.63 -6.40
CA PHE A 108 0.33 5.38 -7.77
C PHE A 108 1.11 6.40 -8.55
N PRO A 109 2.13 5.97 -9.32
CA PRO A 109 2.88 6.86 -10.18
C PRO A 109 1.93 7.53 -11.15
N HIS A 110 1.67 8.80 -10.93
CA HIS A 110 0.69 9.46 -11.74
C HIS A 110 1.25 9.80 -13.10
N THR A 111 0.68 9.17 -14.07
CA THR A 111 1.00 9.43 -15.44
C THR A 111 -0.11 10.32 -16.01
N ALA A 112 -1.27 10.26 -15.35
CA ALA A 112 -2.42 11.05 -15.70
C ALA A 112 -2.31 12.41 -15.04
N PRO A 113 -2.91 13.46 -15.64
CA PRO A 113 -2.90 14.81 -15.07
C PRO A 113 -3.98 14.98 -13.98
N CYS A 114 -4.89 14.05 -13.92
CA CYS A 114 -5.96 14.11 -12.97
C CYS A 114 -5.59 13.30 -11.74
N GLU A 115 -6.38 13.46 -10.69
CA GLU A 115 -6.15 12.85 -9.39
C GLU A 115 -6.14 11.33 -9.45
N VAL A 116 -4.98 10.76 -9.44
CA VAL A 116 -4.87 9.33 -9.33
C VAL A 116 -4.90 9.02 -7.85
N ARG A 117 -6.01 8.42 -7.42
CA ARG A 117 -6.26 8.13 -6.01
C ARG A 117 -5.13 7.27 -5.44
N VAL A 118 -4.86 7.39 -4.15
CA VAL A 118 -3.71 6.70 -3.54
C VAL A 118 -4.22 5.75 -2.50
N LEU A 119 -3.47 4.74 -2.12
CA LEU A 119 -4.06 3.69 -1.31
C LEU A 119 -3.17 3.27 -0.13
N MET A 120 -3.78 2.88 0.97
CA MET A 120 -3.04 2.39 2.11
C MET A 120 -3.22 0.88 2.23
N LEU A 121 -2.13 0.16 2.25
CA LEU A 121 -2.18 -1.27 2.35
C LEU A 121 -1.82 -1.71 3.75
N LEU A 122 -2.67 -2.51 4.32
CA LEU A 122 -2.53 -3.02 5.64
C LEU A 122 -2.76 -4.51 5.62
N TYR A 123 -2.11 -5.20 6.49
CA TYR A 123 -2.30 -6.60 6.60
C TYR A 123 -3.17 -6.89 7.79
N SER A 124 -4.19 -7.66 7.60
CA SER A 124 -5.01 -8.05 8.68
C SER A 124 -4.69 -9.49 9.00
N SER A 125 -4.06 -9.70 10.15
CA SER A 125 -3.76 -11.01 10.64
C SER A 125 -5.07 -11.69 11.07
N LYS A 126 -6.08 -10.88 11.34
CA LYS A 126 -7.40 -11.37 11.74
C LYS A 126 -8.01 -12.19 10.62
N LYS A 127 -7.88 -11.68 9.41
CA LYS A 127 -8.43 -12.35 8.24
C LYS A 127 -7.35 -13.06 7.44
N LYS A 128 -6.09 -12.88 7.87
CA LYS A 128 -4.87 -13.44 7.21
C LYS A 128 -4.73 -12.92 5.77
N ILE A 129 -5.23 -11.72 5.55
CA ILE A 129 -5.27 -11.12 4.22
C ILE A 129 -4.95 -9.65 4.28
N PHE A 130 -4.72 -9.05 3.16
CA PHE A 130 -4.40 -7.67 3.11
C PHE A 130 -5.65 -6.86 2.84
N MET A 131 -5.77 -5.76 3.52
CA MET A 131 -6.91 -4.89 3.42
C MET A 131 -6.44 -3.46 3.40
N GLY A 132 -7.29 -2.56 3.05
CA GLY A 132 -6.89 -1.20 3.05
C GLY A 132 -7.99 -0.30 2.58
N LEU A 133 -7.83 0.96 2.78
CA LEU A 133 -8.72 1.93 2.21
C LEU A 133 -7.96 2.77 1.23
N ILE A 134 -8.58 3.09 0.14
CA ILE A 134 -7.96 3.97 -0.81
C ILE A 134 -8.55 5.38 -0.72
N PRO A 135 -7.77 6.33 -0.17
CA PRO A 135 -8.12 7.73 -0.14
C PRO A 135 -8.16 8.37 -1.53
N TYR A 136 -9.24 9.10 -1.74
CA TYR A 136 -9.51 9.82 -2.96
C TYR A 136 -8.60 11.01 -3.02
N ASP A 137 -8.42 11.61 -1.88
CA ASP A 137 -7.69 12.84 -1.76
C ASP A 137 -6.21 12.52 -1.72
N GLN A 138 -5.60 12.43 -2.88
CA GLN A 138 -4.19 12.13 -2.98
C GLN A 138 -3.37 13.27 -2.43
N SER A 139 -3.87 14.48 -2.62
CA SER A 139 -3.21 15.66 -2.12
C SER A 139 -3.06 15.61 -0.60
N GLY A 140 -4.13 15.24 0.09
CA GLY A 140 -4.10 15.15 1.52
C GLY A 140 -3.36 13.95 2.03
N PHE A 141 -3.43 12.83 1.31
CA PHE A 141 -2.76 11.61 1.74
C PHE A 141 -1.26 11.75 1.60
N VAL A 142 -0.83 12.23 0.45
CA VAL A 142 0.57 12.40 0.15
C VAL A 142 1.18 13.45 1.08
N ASN A 143 0.40 14.51 1.37
CA ASN A 143 0.81 15.55 2.33
C ASN A 143 1.07 14.92 3.71
N GLY A 144 0.12 14.10 4.17
CA GLY A 144 0.24 13.47 5.47
C GLY A 144 1.38 12.48 5.53
N ILE A 145 1.49 11.67 4.51
CA ILE A 145 2.53 10.67 4.42
C ILE A 145 3.92 11.32 4.24
N ARG A 146 3.96 12.56 3.75
CA ARG A 146 5.23 13.26 3.58
C ARG A 146 5.95 13.41 4.92
N GLN A 147 5.18 13.72 5.97
CA GLN A 147 5.74 13.83 7.32
C GLN A 147 6.27 12.49 7.76
N VAL A 148 5.55 11.45 7.39
CA VAL A 148 5.93 10.08 7.70
C VAL A 148 7.25 9.74 6.99
N ILE A 149 7.28 10.01 5.68
CA ILE A 149 8.45 9.70 4.84
C ILE A 149 9.69 10.43 5.31
N THR A 150 9.57 11.73 5.61
CA THR A 150 10.73 12.49 6.01
C THR A 150 11.26 11.98 7.37
N ASN A 151 10.35 11.62 8.25
CA ASN A 151 10.74 11.05 9.54
C ASN A 151 11.35 9.66 9.36
N LEU A 152 10.76 8.86 8.49
CA LEU A 152 11.20 7.49 8.24
C LEU A 152 12.56 7.49 7.52
N GLU A 153 12.80 8.49 6.68
CA GLU A 153 14.10 8.65 6.01
C GLU A 153 15.21 8.96 6.99
N HIS A 154 14.85 9.58 8.10
CA HIS A 154 15.80 9.83 9.17
C HIS A 154 15.92 8.56 10.02
N HIS A 155 14.80 7.82 10.04
CA HIS A 155 14.60 6.55 10.77
C HIS A 155 14.47 6.84 12.26
N HIS A 156 13.84 5.95 13.00
CA HIS A 156 13.59 6.23 14.40
C HIS A 156 13.55 4.99 15.28
N HIS A 157 14.63 4.79 15.99
CA HIS A 157 14.68 3.79 17.03
C HIS A 157 14.41 4.51 18.34
N HIS A 158 15.02 5.70 18.47
CA HIS A 158 14.94 6.59 19.65
C HIS A 158 15.72 6.03 20.83
N HIS A 159 16.40 4.94 20.59
CA HIS A 159 17.27 4.27 21.53
C HIS A 159 18.32 3.55 20.73
N MET A 1 -27.88 -7.50 -0.71
CA MET A 1 -28.30 -8.87 -1.00
C MET A 1 -28.08 -9.23 -2.49
N SER A 2 -28.74 -8.50 -3.39
CA SER A 2 -28.61 -8.73 -4.82
C SER A 2 -27.19 -8.37 -5.31
N VAL A 3 -26.68 -7.26 -4.82
CA VAL A 3 -25.35 -6.82 -5.15
C VAL A 3 -24.61 -6.42 -3.87
N SER A 4 -23.76 -7.28 -3.42
CA SER A 4 -23.04 -7.10 -2.19
C SER A 4 -21.66 -7.73 -2.35
N ASN A 5 -21.00 -8.07 -1.24
CA ASN A 5 -19.67 -8.70 -1.24
C ASN A 5 -18.63 -7.70 -1.76
N LYS A 6 -17.54 -8.20 -2.26
CA LYS A 6 -16.50 -7.37 -2.80
C LYS A 6 -16.48 -7.42 -4.33
N LEU A 7 -16.10 -6.33 -4.91
CA LEU A 7 -16.11 -6.16 -6.34
C LEU A 7 -14.71 -6.31 -6.89
N LEU A 8 -14.58 -7.00 -8.00
CA LEU A 8 -13.29 -7.13 -8.68
C LEU A 8 -12.91 -5.77 -9.24
N ALA A 9 -11.85 -5.21 -8.75
CA ALA A 9 -11.47 -3.89 -9.15
C ALA A 9 -10.26 -3.88 -10.04
N TRP A 10 -9.18 -4.49 -9.59
CA TRP A 10 -7.94 -4.37 -10.29
C TRP A 10 -7.02 -5.50 -9.91
N SER A 11 -6.27 -5.96 -10.84
CA SER A 11 -5.27 -6.94 -10.61
C SER A 11 -3.97 -6.42 -11.23
N GLY A 12 -2.96 -6.28 -10.42
CA GLY A 12 -1.73 -5.68 -10.86
C GLY A 12 -0.58 -6.12 -9.99
N VAL A 13 0.56 -5.52 -10.18
CA VAL A 13 1.75 -5.91 -9.46
C VAL A 13 2.30 -4.72 -8.66
N LEU A 14 2.81 -4.98 -7.48
CA LEU A 14 3.40 -3.95 -6.65
C LEU A 14 4.89 -4.21 -6.53
N GLU A 15 5.66 -3.15 -6.59
CA GLU A 15 7.11 -3.24 -6.59
C GLU A 15 7.75 -2.61 -5.37
N TRP A 16 8.91 -3.15 -5.06
CA TRP A 16 9.73 -2.79 -3.94
C TRP A 16 11.20 -2.87 -4.35
N GLN A 17 12.09 -2.30 -3.59
CA GLN A 17 13.50 -2.31 -3.97
C GLN A 17 14.33 -3.10 -2.97
N GLU A 18 15.47 -3.55 -3.41
CA GLU A 18 16.44 -4.15 -2.53
C GLU A 18 17.31 -3.07 -1.92
N LYS A 19 17.71 -3.33 -0.68
CA LYS A 19 18.68 -2.55 0.10
C LYS A 19 18.47 -1.04 0.01
N PRO A 20 17.54 -0.48 0.82
CA PRO A 20 17.33 0.97 0.87
C PRO A 20 18.62 1.69 1.27
N LYS A 21 19.28 1.16 2.28
CA LYS A 21 20.54 1.70 2.73
C LYS A 21 21.52 0.56 3.04
N PRO A 22 22.44 0.26 2.12
CA PRO A 22 23.43 -0.78 2.31
C PRO A 22 24.53 -0.34 3.28
N ALA A 23 25.06 -1.30 4.02
CA ALA A 23 26.15 -1.03 4.93
C ALA A 23 27.45 -0.97 4.15
N SER A 24 27.42 -1.54 2.96
CA SER A 24 28.53 -1.53 2.06
C SER A 24 28.48 -0.25 1.21
N VAL A 25 29.57 0.08 0.55
CA VAL A 25 29.65 1.29 -0.29
C VAL A 25 28.97 1.03 -1.63
N ASP A 26 28.71 -0.22 -1.89
CA ASP A 26 28.09 -0.67 -3.11
C ASP A 26 26.83 -1.43 -2.76
N ALA A 27 25.77 -1.19 -3.49
CA ALA A 27 24.48 -1.81 -3.22
C ALA A 27 24.44 -3.26 -3.66
N ASN A 28 25.38 -3.64 -4.50
CA ASN A 28 25.55 -5.00 -5.06
C ASN A 28 24.39 -5.41 -5.96
N THR A 29 23.26 -5.61 -5.40
CA THR A 29 22.11 -6.03 -6.13
C THR A 29 20.86 -5.23 -5.76
N LYS A 30 20.69 -4.08 -6.40
CA LYS A 30 19.48 -3.33 -6.20
C LYS A 30 18.41 -3.83 -7.18
N LEU A 31 17.83 -4.92 -6.81
CA LEU A 31 16.84 -5.58 -7.61
C LEU A 31 15.47 -5.12 -7.20
N THR A 32 14.56 -5.17 -8.10
CA THR A 32 13.22 -4.84 -7.79
C THR A 32 12.50 -6.10 -7.34
N ARG A 33 11.81 -5.99 -6.25
CA ARG A 33 10.99 -7.05 -5.76
C ARG A 33 9.61 -6.70 -6.15
N SER A 34 8.83 -7.63 -6.46
CA SER A 34 7.50 -7.36 -6.83
C SER A 34 6.61 -8.45 -6.33
N LEU A 35 5.36 -8.16 -6.22
CA LEU A 35 4.43 -9.14 -5.81
C LEU A 35 3.11 -8.87 -6.52
N PRO A 36 2.63 -9.81 -7.36
CA PRO A 36 1.36 -9.69 -8.04
C PRO A 36 0.20 -9.81 -7.06
N CYS A 37 -0.72 -8.91 -7.15
CA CYS A 37 -1.81 -8.85 -6.24
C CYS A 37 -3.13 -8.87 -6.99
N GLN A 38 -4.15 -9.27 -6.30
CA GLN A 38 -5.48 -9.17 -6.79
C GLN A 38 -6.17 -8.23 -5.84
N VAL A 39 -6.82 -7.23 -6.37
CA VAL A 39 -7.44 -6.23 -5.55
C VAL A 39 -8.92 -6.18 -5.82
N TYR A 40 -9.64 -6.38 -4.77
CA TYR A 40 -11.06 -6.33 -4.78
C TYR A 40 -11.44 -5.15 -3.95
N VAL A 41 -12.57 -4.60 -4.18
CA VAL A 41 -12.98 -3.46 -3.41
C VAL A 41 -14.27 -3.72 -2.71
N ASN A 42 -14.36 -3.25 -1.53
CA ASN A 42 -15.55 -3.29 -0.80
C ASN A 42 -16.26 -1.96 -0.99
N HIS A 43 -17.58 -2.12 -1.31
CA HIS A 43 -18.57 -1.12 -1.74
C HIS A 43 -18.44 0.28 -1.12
N GLY A 44 -19.07 1.24 -1.79
CA GLY A 44 -18.95 2.64 -1.42
C GLY A 44 -18.08 3.34 -2.43
N GLU A 45 -17.60 2.55 -3.34
CA GLU A 45 -16.66 2.95 -4.35
C GLU A 45 -17.29 3.24 -5.70
N ASN A 46 -16.55 3.94 -6.50
CA ASN A 46 -16.78 4.10 -7.92
C ASN A 46 -15.50 4.67 -8.48
N LEU A 47 -14.66 3.80 -8.98
CA LEU A 47 -13.43 4.21 -9.56
C LEU A 47 -13.13 3.39 -10.78
N LYS A 48 -12.60 3.99 -11.80
CA LYS A 48 -12.19 3.26 -12.97
C LYS A 48 -10.72 2.96 -12.87
N THR A 49 -10.38 1.70 -12.84
CA THR A 49 -9.00 1.28 -12.71
C THR A 49 -8.29 1.33 -14.07
N GLU A 50 -9.01 1.83 -15.06
CA GLU A 50 -8.51 2.06 -16.41
C GLU A 50 -7.32 3.02 -16.37
N GLN A 51 -7.34 3.94 -15.42
CA GLN A 51 -6.29 4.93 -15.28
C GLN A 51 -5.18 4.45 -14.35
N TRP A 52 -5.29 3.22 -13.92
CA TRP A 52 -4.32 2.64 -13.01
C TRP A 52 -3.24 1.92 -13.76
N PRO A 53 -1.96 2.25 -13.51
CA PRO A 53 -0.84 1.56 -14.12
C PRO A 53 -0.76 0.11 -13.62
N GLN A 54 -0.03 -0.72 -14.32
CA GLN A 54 0.07 -2.14 -13.99
C GLN A 54 0.96 -2.35 -12.79
N LYS A 55 1.87 -1.43 -12.58
CA LYS A 55 2.80 -1.51 -11.50
C LYS A 55 2.57 -0.40 -10.52
N LEU A 56 2.48 -0.75 -9.27
CA LEU A 56 2.34 0.20 -8.19
C LEU A 56 3.52 0.10 -7.26
N ILE A 57 3.89 1.20 -6.67
CA ILE A 57 5.04 1.25 -5.81
C ILE A 57 4.56 1.15 -4.36
N MET A 58 5.06 0.18 -3.65
CA MET A 58 4.65 0.00 -2.29
C MET A 58 5.72 0.58 -1.38
N GLN A 59 5.32 1.36 -0.42
CA GLN A 59 6.25 1.94 0.51
C GLN A 59 5.84 1.57 1.92
N LEU A 60 6.69 0.83 2.59
CA LEU A 60 6.39 0.36 3.93
C LEU A 60 6.85 1.36 4.97
N ILE A 61 5.88 1.88 5.68
CA ILE A 61 6.04 2.92 6.67
C ILE A 61 5.57 2.38 8.02
N PRO A 62 5.94 2.99 9.16
CA PRO A 62 5.48 2.50 10.48
C PRO A 62 3.97 2.71 10.64
N GLN A 63 3.29 1.64 11.03
CA GLN A 63 1.83 1.61 11.14
C GLN A 63 1.33 2.61 12.19
N GLN A 64 2.09 2.75 13.25
CA GLN A 64 1.70 3.60 14.37
C GLN A 64 1.66 5.09 13.99
N LEU A 65 2.35 5.45 12.94
CA LEU A 65 2.41 6.83 12.50
C LEU A 65 1.24 7.17 11.57
N LEU A 66 0.43 6.18 11.25
CA LEU A 66 -0.70 6.33 10.34
C LEU A 66 -1.92 6.92 11.08
N THR A 67 -1.87 6.86 12.41
CA THR A 67 -2.96 7.30 13.27
C THR A 67 -3.34 8.79 13.05
N THR A 68 -2.40 9.59 12.57
CA THR A 68 -2.65 11.00 12.34
C THR A 68 -3.62 11.22 11.15
N LEU A 69 -3.75 10.22 10.30
CA LEU A 69 -4.61 10.31 9.13
C LEU A 69 -5.95 9.65 9.38
N GLY A 70 -6.21 9.29 10.63
CA GLY A 70 -7.46 8.64 11.04
C GLY A 70 -8.72 9.33 10.50
N PRO A 71 -8.92 10.66 10.74
CA PRO A 71 -10.09 11.41 10.24
C PRO A 71 -10.21 11.40 8.70
N LEU A 72 -9.11 11.12 8.02
CA LEU A 72 -9.10 11.11 6.59
C LEU A 72 -9.69 9.80 6.07
N PHE A 73 -9.43 8.72 6.81
CA PHE A 73 -9.94 7.37 6.49
C PHE A 73 -11.45 7.27 6.70
N ARG A 74 -12.02 8.26 7.37
CA ARG A 74 -13.46 8.32 7.60
C ARG A 74 -14.25 8.30 6.29
N ASN A 75 -13.69 8.84 5.25
CA ASN A 75 -14.33 8.79 3.95
C ASN A 75 -13.36 8.22 2.97
N SER A 76 -13.49 6.96 2.72
CA SER A 76 -12.65 6.23 1.81
C SER A 76 -13.38 4.99 1.32
N ARG A 77 -12.79 4.35 0.37
CA ARG A 77 -13.34 3.20 -0.31
C ARG A 77 -12.54 1.99 0.11
N MET A 78 -13.17 0.84 0.30
CA MET A 78 -12.47 -0.24 0.95
C MET A 78 -11.91 -1.16 -0.09
N VAL A 79 -10.74 -1.67 0.16
CA VAL A 79 -10.07 -2.53 -0.77
C VAL A 79 -9.57 -3.76 -0.02
N GLN A 80 -9.42 -4.83 -0.73
CA GLN A 80 -8.95 -6.06 -0.19
C GLN A 80 -7.88 -6.60 -1.12
N PHE A 81 -6.74 -6.89 -0.56
CA PHE A 81 -5.59 -7.36 -1.28
C PHE A 81 -5.29 -8.80 -0.94
N HIS A 82 -5.22 -9.59 -1.97
CA HIS A 82 -4.78 -10.94 -1.84
C HIS A 82 -3.71 -11.18 -2.87
N PHE A 83 -2.58 -11.68 -2.45
CA PHE A 83 -1.49 -11.90 -3.34
C PHE A 83 -1.45 -13.36 -3.74
N THR A 84 -0.70 -13.65 -4.76
CA THR A 84 -0.53 -15.00 -5.20
C THR A 84 0.56 -15.69 -4.37
N ASN A 85 0.43 -16.99 -4.17
CA ASN A 85 1.34 -17.78 -3.33
C ASN A 85 2.54 -18.26 -4.13
N LYS A 86 2.69 -17.75 -5.34
CA LYS A 86 3.78 -18.14 -6.20
C LYS A 86 5.13 -17.76 -5.63
N ASP A 87 5.20 -16.61 -5.00
CA ASP A 87 6.46 -16.17 -4.42
C ASP A 87 6.31 -16.00 -2.93
N LEU A 88 6.53 -17.09 -2.22
CA LEU A 88 6.44 -17.06 -0.77
C LEU A 88 7.52 -16.21 -0.14
N GLU A 89 8.64 -16.03 -0.84
CA GLU A 89 9.73 -15.20 -0.33
C GLU A 89 9.26 -13.77 -0.11
N SER A 90 8.65 -13.19 -1.13
CA SER A 90 8.15 -11.83 -1.05
C SER A 90 7.01 -11.72 0.00
N LEU A 91 6.19 -12.76 0.11
CA LEU A 91 5.10 -12.79 1.08
C LEU A 91 5.63 -12.91 2.50
N LYS A 92 6.51 -13.84 2.71
CA LYS A 92 7.10 -14.14 4.03
C LYS A 92 7.70 -12.90 4.67
N GLY A 93 8.45 -12.15 3.87
CA GLY A 93 9.04 -10.93 4.35
C GLY A 93 8.00 -9.87 4.62
N LEU A 94 7.06 -9.72 3.69
CA LEU A 94 6.02 -8.70 3.77
C LEU A 94 5.14 -8.95 5.01
N TYR A 95 4.78 -10.22 5.22
CA TYR A 95 3.99 -10.64 6.38
C TYR A 95 4.70 -10.27 7.68
N ARG A 96 6.00 -10.49 7.70
CA ARG A 96 6.82 -10.22 8.87
C ARG A 96 6.90 -8.72 9.14
N ILE A 97 7.12 -7.95 8.09
CA ILE A 97 7.22 -6.50 8.20
C ILE A 97 5.89 -5.88 8.67
N MET A 98 4.81 -6.29 8.04
CA MET A 98 3.47 -5.76 8.38
C MET A 98 3.10 -6.11 9.82
N GLY A 99 3.34 -7.36 10.18
CA GLY A 99 3.00 -7.84 11.52
C GLY A 99 3.86 -7.21 12.60
N ASN A 100 4.96 -6.61 12.18
CA ASN A 100 5.92 -5.96 13.08
C ASN A 100 5.47 -4.52 13.37
N GLY A 101 4.32 -4.13 12.83
CA GLY A 101 3.83 -2.80 13.08
C GLY A 101 4.12 -1.86 11.94
N PHE A 102 4.16 -2.38 10.74
CA PHE A 102 4.34 -1.56 9.57
C PHE A 102 3.09 -1.54 8.72
N ALA A 103 3.01 -0.58 7.85
CA ALA A 103 1.91 -0.37 6.96
C ALA A 103 2.46 -0.11 5.58
N GLY A 104 1.69 -0.32 4.56
CA GLY A 104 2.17 -0.11 3.24
C GLY A 104 1.40 0.93 2.52
N CYS A 105 1.98 2.06 2.33
CA CYS A 105 1.33 3.08 1.59
C CYS A 105 1.66 2.83 0.14
N VAL A 106 0.66 2.64 -0.66
CA VAL A 106 0.90 2.35 -2.03
C VAL A 106 0.68 3.58 -2.86
N HIS A 107 1.73 3.93 -3.54
CA HIS A 107 1.78 5.07 -4.37
C HIS A 107 1.84 4.65 -5.80
N PHE A 108 1.19 5.38 -6.60
CA PHE A 108 1.10 5.08 -7.99
C PHE A 108 2.11 5.95 -8.71
N PRO A 109 2.78 5.42 -9.74
CA PRO A 109 3.64 6.23 -10.60
C PRO A 109 2.81 7.39 -11.16
N HIS A 110 3.28 8.59 -10.99
CA HIS A 110 2.52 9.75 -11.35
C HIS A 110 2.55 9.92 -12.86
N THR A 111 1.40 9.81 -13.46
CA THR A 111 1.24 9.96 -14.88
C THR A 111 0.01 10.84 -15.13
N ALA A 112 -1.10 10.53 -14.45
CA ALA A 112 -2.26 11.38 -14.46
C ALA A 112 -2.05 12.45 -13.39
N PRO A 113 -2.13 13.74 -13.73
CA PRO A 113 -1.82 14.83 -12.80
C PRO A 113 -2.82 14.96 -11.64
N CYS A 114 -4.07 14.65 -11.90
CA CYS A 114 -5.10 14.81 -10.88
C CYS A 114 -6.04 13.60 -10.81
N GLU A 115 -5.98 12.73 -11.81
CA GLU A 115 -6.91 11.60 -11.85
C GLU A 115 -6.34 10.36 -11.19
N VAL A 116 -5.25 10.50 -10.51
CA VAL A 116 -4.72 9.38 -9.83
C VAL A 116 -5.04 9.51 -8.36
N ARG A 117 -5.31 8.41 -7.75
CA ARG A 117 -5.64 8.35 -6.37
C ARG A 117 -4.56 7.55 -5.70
N VAL A 118 -4.56 7.43 -4.39
CA VAL A 118 -3.49 6.65 -3.76
C VAL A 118 -4.14 5.63 -2.88
N LEU A 119 -3.43 4.60 -2.44
CA LEU A 119 -4.14 3.60 -1.66
C LEU A 119 -3.32 3.14 -0.45
N MET A 120 -4.00 2.74 0.60
CA MET A 120 -3.35 2.24 1.79
C MET A 120 -3.48 0.72 1.85
N LEU A 121 -2.39 0.07 2.16
CA LEU A 121 -2.34 -1.36 2.26
C LEU A 121 -1.93 -1.77 3.67
N LEU A 122 -2.79 -2.51 4.30
CA LEU A 122 -2.56 -3.00 5.62
C LEU A 122 -2.80 -4.50 5.64
N TYR A 123 -2.05 -5.18 6.43
CA TYR A 123 -2.22 -6.60 6.57
C TYR A 123 -3.02 -6.89 7.79
N SER A 124 -4.10 -7.58 7.64
CA SER A 124 -4.85 -8.00 8.75
C SER A 124 -4.48 -9.42 9.03
N SER A 125 -3.80 -9.61 10.13
CA SER A 125 -3.34 -10.88 10.58
C SER A 125 -4.49 -11.79 10.98
N LYS A 126 -5.57 -11.18 11.44
CA LYS A 126 -6.73 -11.93 11.91
C LYS A 126 -7.49 -12.51 10.73
N LYS A 127 -7.61 -11.71 9.68
CA LYS A 127 -8.28 -12.17 8.48
C LYS A 127 -7.30 -12.93 7.57
N LYS A 128 -6.01 -12.85 7.93
CA LYS A 128 -4.90 -13.50 7.22
C LYS A 128 -4.76 -12.92 5.79
N ILE A 129 -5.25 -11.71 5.61
CA ILE A 129 -5.31 -11.08 4.28
C ILE A 129 -5.03 -9.61 4.37
N PHE A 130 -4.81 -8.98 3.25
CA PHE A 130 -4.51 -7.60 3.24
C PHE A 130 -5.77 -6.81 2.97
N MET A 131 -5.94 -5.73 3.65
CA MET A 131 -7.10 -4.90 3.52
C MET A 131 -6.63 -3.47 3.56
N GLY A 132 -7.30 -2.61 2.89
CA GLY A 132 -6.90 -1.25 2.91
C GLY A 132 -8.00 -0.33 2.49
N LEU A 133 -7.81 0.93 2.63
CA LEU A 133 -8.72 1.90 2.10
C LEU A 133 -8.01 2.72 1.06
N ILE A 134 -8.68 3.03 0.00
CA ILE A 134 -8.06 3.80 -1.04
C ILE A 134 -8.57 5.28 -0.98
N PRO A 135 -7.68 6.22 -0.53
CA PRO A 135 -7.97 7.65 -0.50
C PRO A 135 -8.05 8.32 -1.90
N TYR A 136 -9.12 9.12 -2.01
CA TYR A 136 -9.52 9.84 -3.22
C TYR A 136 -8.51 10.90 -3.61
N ASP A 137 -8.04 11.65 -2.64
CA ASP A 137 -7.18 12.77 -2.95
C ASP A 137 -5.75 12.44 -2.73
N GLN A 138 -4.99 12.52 -3.80
CA GLN A 138 -3.59 12.23 -3.78
C GLN A 138 -2.81 13.26 -2.95
N SER A 139 -3.16 14.53 -3.09
CA SER A 139 -2.42 15.61 -2.47
C SER A 139 -2.51 15.55 -0.95
N GLY A 140 -3.72 15.40 -0.43
CA GLY A 140 -3.93 15.38 0.99
C GLY A 140 -3.29 14.20 1.66
N PHE A 141 -3.43 13.04 1.06
CA PHE A 141 -2.92 11.83 1.64
C PHE A 141 -1.39 11.79 1.57
N VAL A 142 -0.83 12.11 0.40
CA VAL A 142 0.62 12.05 0.22
C VAL A 142 1.32 13.09 1.11
N ASN A 143 0.71 14.28 1.23
CA ASN A 143 1.25 15.34 2.07
C ASN A 143 1.30 14.87 3.55
N GLY A 144 0.30 14.11 3.94
CA GLY A 144 0.26 13.55 5.28
C GLY A 144 1.29 12.43 5.45
N ILE A 145 1.35 11.52 4.48
CA ILE A 145 2.28 10.38 4.48
C ILE A 145 3.74 10.84 4.40
N ARG A 146 3.95 11.99 3.79
CA ARG A 146 5.26 12.60 3.67
C ARG A 146 5.92 12.76 5.05
N GLN A 147 5.12 13.14 6.02
CA GLN A 147 5.60 13.28 7.39
C GLN A 147 6.01 11.92 7.93
N VAL A 148 5.22 10.90 7.63
CA VAL A 148 5.47 9.54 8.07
C VAL A 148 6.78 9.04 7.47
N ILE A 149 6.98 9.33 6.19
CA ILE A 149 8.21 8.97 5.48
C ILE A 149 9.40 9.65 6.14
N THR A 150 9.22 10.92 6.43
CA THR A 150 10.22 11.72 7.08
C THR A 150 10.54 11.18 8.48
N ASN A 151 9.51 10.79 9.22
CA ASN A 151 9.68 10.20 10.54
C ASN A 151 10.41 8.88 10.44
N LEU A 152 10.03 8.06 9.45
CA LEU A 152 10.67 6.77 9.18
C LEU A 152 12.17 6.96 8.94
N GLU A 153 12.50 7.91 8.10
CA GLU A 153 13.88 8.24 7.78
C GLU A 153 14.64 8.72 9.02
N HIS A 154 13.96 9.46 9.88
CA HIS A 154 14.55 9.95 11.12
C HIS A 154 14.72 8.85 12.15
N HIS A 155 13.80 7.89 12.15
CA HIS A 155 13.94 6.71 13.00
C HIS A 155 15.22 6.01 12.64
N HIS A 156 15.40 5.81 11.33
CA HIS A 156 16.59 5.20 10.76
C HIS A 156 16.76 3.81 11.34
N HIS A 157 15.96 2.90 10.83
CA HIS A 157 15.93 1.54 11.33
C HIS A 157 17.19 0.82 10.87
N HIS A 158 17.97 0.39 11.85
CA HIS A 158 19.27 -0.29 11.71
C HIS A 158 20.35 0.59 11.03
N HIS A 159 21.56 0.16 11.14
CA HIS A 159 22.66 0.75 10.43
C HIS A 159 23.55 -0.39 10.04
N MET A 1 -28.79 -10.09 3.72
CA MET A 1 -27.51 -10.38 4.37
C MET A 1 -26.73 -9.09 4.46
N SER A 2 -25.64 -9.10 5.19
CA SER A 2 -24.79 -7.94 5.31
C SER A 2 -23.97 -7.76 4.04
N VAL A 3 -23.50 -6.56 3.78
CA VAL A 3 -22.72 -6.32 2.59
C VAL A 3 -21.25 -6.79 2.77
N SER A 4 -21.09 -8.08 2.78
CA SER A 4 -19.80 -8.73 2.92
C SER A 4 -19.31 -9.13 1.52
N ASN A 5 -19.72 -8.34 0.56
CA ASN A 5 -19.40 -8.57 -0.82
C ASN A 5 -18.21 -7.73 -1.22
N LYS A 6 -17.31 -8.33 -1.95
CA LYS A 6 -16.22 -7.61 -2.51
C LYS A 6 -16.21 -7.76 -4.03
N LEU A 7 -16.06 -6.66 -4.69
CA LEU A 7 -16.18 -6.56 -6.12
C LEU A 7 -14.81 -6.69 -6.75
N LEU A 8 -14.65 -7.50 -7.76
CA LEU A 8 -13.35 -7.66 -8.42
C LEU A 8 -13.07 -6.39 -9.20
N ALA A 9 -12.01 -5.71 -8.86
CA ALA A 9 -11.73 -4.42 -9.44
C ALA A 9 -10.50 -4.39 -10.32
N TRP A 10 -9.37 -4.85 -9.82
CA TRP A 10 -8.13 -4.69 -10.54
C TRP A 10 -7.13 -5.75 -10.15
N SER A 11 -6.28 -6.10 -11.06
CA SER A 11 -5.20 -7.00 -10.79
C SER A 11 -3.94 -6.36 -11.39
N GLY A 12 -2.91 -6.28 -10.60
CA GLY A 12 -1.68 -5.65 -11.02
C GLY A 12 -0.55 -6.06 -10.14
N VAL A 13 0.59 -5.44 -10.33
CA VAL A 13 1.79 -5.80 -9.60
C VAL A 13 2.19 -4.65 -8.69
N LEU A 14 2.61 -4.97 -7.49
CA LEU A 14 3.05 -3.97 -6.55
C LEU A 14 4.52 -4.16 -6.31
N GLU A 15 5.22 -3.07 -6.21
CA GLU A 15 6.60 -3.08 -5.87
C GLU A 15 6.74 -2.39 -4.55
N TRP A 16 7.37 -3.03 -3.61
CA TRP A 16 7.43 -2.50 -2.26
C TRP A 16 8.82 -2.31 -1.75
N GLN A 17 9.06 -1.13 -1.22
CA GLN A 17 10.34 -0.73 -0.70
C GLN A 17 10.21 -0.19 0.72
N GLU A 18 11.25 -0.47 1.49
CA GLU A 18 11.53 0.05 2.84
C GLU A 18 12.63 -0.82 3.39
N LYS A 19 12.27 -2.05 3.67
CA LYS A 19 13.19 -3.03 4.19
C LYS A 19 13.30 -4.20 3.25
N PRO A 20 14.20 -4.15 2.28
CA PRO A 20 14.52 -5.32 1.52
C PRO A 20 15.45 -6.15 2.37
N LYS A 21 14.85 -6.86 3.28
CA LYS A 21 15.55 -7.61 4.29
C LYS A 21 16.19 -8.83 3.67
N PRO A 22 17.40 -9.21 4.14
CA PRO A 22 18.07 -10.42 3.70
C PRO A 22 17.13 -11.62 3.89
N ALA A 23 16.85 -12.31 2.80
CA ALA A 23 15.92 -13.42 2.85
C ALA A 23 16.68 -14.73 2.89
N SER A 24 17.79 -14.78 2.21
CA SER A 24 18.65 -15.95 2.18
C SER A 24 20.09 -15.55 1.85
N VAL A 25 20.37 -15.23 0.58
CA VAL A 25 21.72 -14.89 0.17
C VAL A 25 21.72 -13.61 -0.67
N ASP A 26 21.76 -12.51 -0.01
CA ASP A 26 21.81 -11.19 -0.63
C ASP A 26 22.79 -10.28 0.09
N ALA A 27 23.81 -9.86 -0.63
CA ALA A 27 24.81 -8.96 -0.10
C ALA A 27 24.38 -7.51 -0.31
N ASN A 28 23.69 -7.29 -1.41
CA ASN A 28 23.20 -5.97 -1.75
C ASN A 28 21.90 -5.71 -1.00
N THR A 29 21.61 -4.45 -0.74
CA THR A 29 20.46 -4.13 0.08
C THR A 29 19.27 -3.63 -0.71
N LYS A 30 19.52 -2.99 -1.80
CA LYS A 30 18.42 -2.41 -2.53
C LYS A 30 17.85 -3.37 -3.57
N LEU A 31 16.90 -4.15 -3.13
CA LEU A 31 16.17 -5.06 -3.98
C LEU A 31 14.75 -4.53 -4.14
N THR A 32 14.20 -4.69 -5.29
CA THR A 32 12.84 -4.32 -5.53
C THR A 32 12.04 -5.59 -5.47
N ARG A 33 11.10 -5.68 -4.57
CA ARG A 33 10.31 -6.87 -4.55
C ARG A 33 8.99 -6.53 -5.16
N SER A 34 8.42 -7.47 -5.85
CA SER A 34 7.22 -7.24 -6.56
C SER A 34 6.33 -8.44 -6.49
N LEU A 35 5.07 -8.19 -6.31
CA LEU A 35 4.11 -9.23 -6.19
C LEU A 35 2.85 -8.88 -6.97
N PRO A 36 2.53 -9.70 -7.98
CA PRO A 36 1.25 -9.61 -8.69
C PRO A 36 0.11 -9.96 -7.73
N CYS A 37 -0.95 -9.23 -7.80
CA CYS A 37 -2.03 -9.40 -6.88
C CYS A 37 -3.38 -9.17 -7.55
N GLN A 38 -4.41 -9.58 -6.88
CA GLN A 38 -5.75 -9.34 -7.29
C GLN A 38 -6.39 -8.47 -6.23
N VAL A 39 -7.06 -7.45 -6.67
CA VAL A 39 -7.62 -6.47 -5.79
C VAL A 39 -9.11 -6.37 -6.00
N TYR A 40 -9.81 -6.55 -4.93
CA TYR A 40 -11.22 -6.41 -4.90
C TYR A 40 -11.52 -5.10 -4.20
N VAL A 41 -12.70 -4.59 -4.38
CA VAL A 41 -13.11 -3.39 -3.69
C VAL A 41 -14.37 -3.68 -2.90
N ASN A 42 -14.45 -3.14 -1.73
CA ASN A 42 -15.67 -3.16 -0.99
C ASN A 42 -16.37 -1.85 -1.23
N HIS A 43 -17.69 -2.03 -1.55
CA HIS A 43 -18.68 -1.03 -2.03
C HIS A 43 -18.51 0.41 -1.54
N GLY A 44 -19.11 1.33 -2.27
CA GLY A 44 -18.98 2.74 -1.96
C GLY A 44 -18.14 3.41 -3.01
N GLU A 45 -17.71 2.60 -3.92
CA GLU A 45 -16.77 2.90 -4.95
C GLU A 45 -17.39 3.21 -6.33
N ASN A 46 -16.58 3.85 -7.15
CA ASN A 46 -16.81 4.05 -8.57
C ASN A 46 -15.43 4.34 -9.17
N LEU A 47 -14.83 3.34 -9.74
CA LEU A 47 -13.48 3.47 -10.25
C LEU A 47 -13.30 2.78 -11.58
N LYS A 48 -12.58 3.40 -12.47
CA LYS A 48 -12.16 2.77 -13.70
C LYS A 48 -10.70 2.40 -13.52
N THR A 49 -10.41 1.13 -13.34
CA THR A 49 -9.05 0.69 -13.07
C THR A 49 -8.19 0.59 -14.34
N GLU A 50 -8.83 0.86 -15.44
CA GLU A 50 -8.19 0.93 -16.73
C GLU A 50 -7.37 2.23 -16.85
N GLN A 51 -7.61 3.16 -15.92
CA GLN A 51 -6.88 4.41 -15.88
C GLN A 51 -5.82 4.31 -14.77
N TRP A 52 -5.65 3.11 -14.27
CA TRP A 52 -4.65 2.81 -13.27
C TRP A 52 -3.45 2.18 -13.93
N PRO A 53 -2.25 2.53 -13.50
CA PRO A 53 -1.04 1.88 -13.97
C PRO A 53 -0.97 0.45 -13.42
N GLN A 54 -0.28 -0.42 -14.12
CA GLN A 54 -0.23 -1.83 -13.73
C GLN A 54 0.78 -2.12 -12.62
N LYS A 55 1.52 -1.10 -12.24
CA LYS A 55 2.48 -1.20 -11.15
C LYS A 55 2.32 -0.05 -10.21
N LEU A 56 2.14 -0.35 -8.96
CA LEU A 56 2.01 0.64 -7.93
C LEU A 56 3.15 0.46 -6.95
N ILE A 57 3.61 1.55 -6.38
CA ILE A 57 4.73 1.45 -5.46
C ILE A 57 4.26 1.59 -4.03
N MET A 58 4.62 0.63 -3.23
CA MET A 58 4.27 0.63 -1.85
C MET A 58 5.46 0.95 -0.99
N GLN A 59 5.37 2.02 -0.28
CA GLN A 59 6.39 2.39 0.65
C GLN A 59 5.91 1.98 2.01
N LEU A 60 6.71 1.24 2.70
CA LEU A 60 6.35 0.79 4.02
C LEU A 60 6.75 1.84 5.04
N ILE A 61 5.86 2.09 5.97
CA ILE A 61 6.06 3.06 7.02
C ILE A 61 5.55 2.47 8.34
N PRO A 62 5.94 2.99 9.51
CA PRO A 62 5.47 2.46 10.78
C PRO A 62 3.99 2.76 10.99
N GLN A 63 3.23 1.72 11.31
CA GLN A 63 1.79 1.78 11.51
C GLN A 63 1.42 2.69 12.70
N GLN A 64 2.34 2.83 13.63
CA GLN A 64 2.14 3.70 14.77
C GLN A 64 1.87 5.16 14.33
N LEU A 65 2.55 5.58 13.27
CA LEU A 65 2.43 6.97 12.77
C LEU A 65 1.21 7.13 11.86
N LEU A 66 0.44 6.07 11.72
CA LEU A 66 -0.74 6.05 10.89
C LEU A 66 -1.87 6.86 11.54
N THR A 67 -1.73 7.11 12.82
CA THR A 67 -2.70 7.83 13.60
C THR A 67 -2.96 9.24 13.04
N THR A 68 -1.94 9.82 12.42
CA THR A 68 -2.02 11.14 11.86
C THR A 68 -2.91 11.16 10.57
N LEU A 69 -3.13 9.99 9.99
CA LEU A 69 -3.85 9.89 8.73
C LEU A 69 -5.27 9.41 8.92
N GLY A 70 -5.63 9.28 10.17
CA GLY A 70 -6.98 8.85 10.59
C GLY A 70 -8.17 9.43 9.78
N PRO A 71 -8.29 10.79 9.65
CA PRO A 71 -9.37 11.45 8.87
C PRO A 71 -9.41 11.04 7.37
N LEU A 72 -8.27 10.63 6.82
CA LEU A 72 -8.21 10.22 5.43
C LEU A 72 -8.95 8.91 5.23
N PHE A 73 -8.68 7.97 6.12
CA PHE A 73 -9.28 6.63 6.07
C PHE A 73 -10.74 6.68 6.47
N ARG A 74 -11.12 7.78 7.07
CA ARG A 74 -12.49 8.00 7.47
C ARG A 74 -13.37 8.19 6.23
N ASN A 75 -12.74 8.63 5.15
CA ASN A 75 -13.42 8.81 3.89
C ASN A 75 -12.72 7.97 2.86
N SER A 76 -13.08 6.72 2.77
CA SER A 76 -12.39 5.81 1.87
C SER A 76 -13.29 4.67 1.39
N ARG A 77 -12.84 4.05 0.33
CA ARG A 77 -13.45 2.90 -0.32
C ARG A 77 -12.54 1.73 -0.06
N MET A 78 -13.09 0.55 0.15
CA MET A 78 -12.24 -0.51 0.66
C MET A 78 -11.75 -1.38 -0.45
N VAL A 79 -10.60 -1.95 -0.25
CA VAL A 79 -9.98 -2.84 -1.19
C VAL A 79 -9.45 -4.04 -0.45
N GLN A 80 -9.34 -5.13 -1.13
CA GLN A 80 -8.84 -6.33 -0.57
C GLN A 80 -7.84 -6.93 -1.52
N PHE A 81 -6.67 -7.16 -1.03
CA PHE A 81 -5.56 -7.66 -1.79
C PHE A 81 -5.23 -9.09 -1.44
N HIS A 82 -5.06 -9.86 -2.48
CA HIS A 82 -4.59 -11.20 -2.41
C HIS A 82 -3.47 -11.32 -3.43
N PHE A 83 -2.31 -11.73 -2.99
CA PHE A 83 -1.14 -11.81 -3.85
C PHE A 83 -1.02 -13.21 -4.42
N THR A 84 -0.20 -13.35 -5.43
CA THR A 84 0.09 -14.65 -5.94
C THR A 84 1.18 -15.27 -5.05
N ASN A 85 1.01 -16.53 -4.75
CA ASN A 85 1.91 -17.23 -3.84
C ASN A 85 3.09 -17.81 -4.60
N LYS A 86 3.58 -17.09 -5.59
CA LYS A 86 4.74 -17.52 -6.34
C LYS A 86 6.03 -17.26 -5.58
N ASP A 87 6.19 -16.03 -5.16
CA ASP A 87 7.42 -15.65 -4.48
C ASP A 87 7.15 -15.56 -3.00
N LEU A 88 7.09 -16.71 -2.39
CA LEU A 88 6.75 -16.86 -0.98
C LEU A 88 7.73 -16.19 -0.05
N GLU A 89 8.94 -15.96 -0.51
CA GLU A 89 9.94 -15.26 0.25
C GLU A 89 9.58 -13.79 0.40
N SER A 90 9.00 -13.18 -0.65
CA SER A 90 8.53 -11.81 -0.53
C SER A 90 7.34 -11.76 0.43
N LEU A 91 6.46 -12.76 0.34
CA LEU A 91 5.34 -12.84 1.26
C LEU A 91 5.82 -13.02 2.70
N LYS A 92 6.77 -13.94 2.89
CA LYS A 92 7.31 -14.23 4.23
C LYS A 92 7.85 -12.96 4.89
N GLY A 93 8.59 -12.18 4.13
CA GLY A 93 9.13 -10.94 4.62
C GLY A 93 8.04 -9.91 4.86
N LEU A 94 7.12 -9.80 3.92
CA LEU A 94 6.03 -8.82 3.97
C LEU A 94 5.11 -9.12 5.17
N TYR A 95 4.79 -10.41 5.39
CA TYR A 95 3.98 -10.86 6.52
C TYR A 95 4.60 -10.43 7.84
N ARG A 96 5.91 -10.58 7.93
CA ARG A 96 6.62 -10.18 9.13
C ARG A 96 6.59 -8.68 9.32
N ILE A 97 6.84 -7.94 8.25
CA ILE A 97 6.86 -6.48 8.30
C ILE A 97 5.49 -5.95 8.74
N MET A 98 4.43 -6.44 8.12
CA MET A 98 3.08 -6.01 8.45
C MET A 98 2.72 -6.36 9.87
N GLY A 99 3.00 -7.60 10.27
CA GLY A 99 2.66 -8.04 11.60
C GLY A 99 3.50 -7.35 12.68
N ASN A 100 4.65 -6.82 12.27
CA ASN A 100 5.59 -6.15 13.18
C ASN A 100 5.12 -4.70 13.46
N GLY A 101 4.01 -4.33 12.87
CA GLY A 101 3.46 -3.02 13.12
C GLY A 101 3.80 -2.02 12.04
N PHE A 102 3.93 -2.47 10.83
CA PHE A 102 4.17 -1.58 9.71
C PHE A 102 2.95 -1.51 8.82
N ALA A 103 2.89 -0.49 8.00
CA ALA A 103 1.80 -0.28 7.09
C ALA A 103 2.36 0.11 5.74
N GLY A 104 1.68 -0.21 4.68
CA GLY A 104 2.20 0.09 3.38
C GLY A 104 1.41 1.14 2.67
N CYS A 105 1.99 2.29 2.48
CA CYS A 105 1.33 3.34 1.73
C CYS A 105 1.60 3.13 0.24
N VAL A 106 0.56 2.86 -0.49
CA VAL A 106 0.68 2.55 -1.89
C VAL A 106 0.32 3.75 -2.71
N HIS A 107 1.28 4.16 -3.50
CA HIS A 107 1.16 5.30 -4.32
C HIS A 107 1.12 4.90 -5.76
N PHE A 108 0.28 5.59 -6.46
CA PHE A 108 0.04 5.37 -7.85
C PHE A 108 0.78 6.43 -8.63
N PRO A 109 1.50 6.06 -9.69
CA PRO A 109 1.99 7.02 -10.66
C PRO A 109 0.78 7.77 -11.23
N HIS A 110 0.91 9.04 -11.47
CA HIS A 110 -0.24 9.84 -11.84
C HIS A 110 -0.64 9.58 -13.26
N THR A 111 -1.81 9.04 -13.40
CA THR A 111 -2.34 8.67 -14.68
C THR A 111 -3.76 9.25 -14.85
N ALA A 112 -4.56 9.16 -13.79
CA ALA A 112 -5.90 9.74 -13.79
C ALA A 112 -5.84 11.22 -13.39
N PRO A 113 -6.27 12.14 -14.28
CA PRO A 113 -6.31 13.60 -13.98
C PRO A 113 -7.36 13.91 -12.93
N CYS A 114 -8.41 13.10 -12.90
CA CYS A 114 -9.52 13.24 -11.94
C CYS A 114 -9.14 12.57 -10.60
N GLU A 115 -7.85 12.71 -10.26
CA GLU A 115 -7.24 12.16 -9.08
C GLU A 115 -7.18 10.65 -9.12
N VAL A 116 -5.97 10.13 -9.24
CA VAL A 116 -5.75 8.70 -9.31
C VAL A 116 -6.03 8.09 -7.93
N ARG A 117 -5.83 8.93 -6.88
CA ARG A 117 -6.09 8.62 -5.48
C ARG A 117 -5.06 7.67 -4.96
N VAL A 118 -5.01 7.45 -3.69
CA VAL A 118 -3.92 6.62 -3.16
C VAL A 118 -4.49 5.59 -2.27
N LEU A 119 -3.75 4.55 -1.93
CA LEU A 119 -4.34 3.55 -1.06
C LEU A 119 -3.35 3.10 -0.03
N MET A 120 -3.81 2.62 1.09
CA MET A 120 -2.89 2.04 2.04
C MET A 120 -3.19 0.59 2.24
N LEU A 121 -2.18 -0.21 2.13
CA LEU A 121 -2.31 -1.60 2.28
C LEU A 121 -1.96 -1.98 3.70
N LEU A 122 -2.83 -2.73 4.29
CA LEU A 122 -2.72 -3.21 5.63
C LEU A 122 -3.02 -4.68 5.64
N TYR A 123 -2.42 -5.39 6.51
CA TYR A 123 -2.62 -6.80 6.59
C TYR A 123 -3.59 -7.14 7.70
N SER A 124 -4.67 -7.80 7.35
CA SER A 124 -5.57 -8.25 8.36
C SER A 124 -5.17 -9.68 8.67
N SER A 125 -4.62 -9.84 9.84
CA SER A 125 -4.15 -11.11 10.33
C SER A 125 -5.31 -12.04 10.62
N LYS A 126 -6.41 -11.47 11.09
CA LYS A 126 -7.59 -12.23 11.45
C LYS A 126 -8.30 -12.83 10.23
N LYS A 127 -8.22 -12.15 9.10
CA LYS A 127 -8.82 -12.63 7.87
C LYS A 127 -7.77 -13.33 7.01
N LYS A 128 -6.50 -13.18 7.41
CA LYS A 128 -5.33 -13.74 6.71
C LYS A 128 -5.24 -13.19 5.28
N ILE A 129 -5.60 -11.93 5.12
CA ILE A 129 -5.61 -11.29 3.80
C ILE A 129 -5.18 -9.85 3.91
N PHE A 130 -4.90 -9.23 2.79
CA PHE A 130 -4.50 -7.88 2.84
C PHE A 130 -5.69 -7.00 2.52
N MET A 131 -5.82 -5.94 3.23
CA MET A 131 -6.94 -5.04 3.10
C MET A 131 -6.41 -3.65 2.89
N GLY A 132 -7.22 -2.77 2.47
CA GLY A 132 -6.77 -1.43 2.33
C GLY A 132 -7.88 -0.49 2.06
N LEU A 133 -7.71 0.70 2.47
CA LEU A 133 -8.65 1.72 2.16
C LEU A 133 -8.00 2.73 1.28
N ILE A 134 -8.76 3.21 0.30
CA ILE A 134 -8.25 4.18 -0.61
C ILE A 134 -8.71 5.57 -0.22
N PRO A 135 -7.80 6.41 0.29
CA PRO A 135 -8.07 7.81 0.48
C PRO A 135 -8.19 8.52 -0.87
N TYR A 136 -9.26 9.29 -0.96
CA TYR A 136 -9.57 10.07 -2.13
C TYR A 136 -8.68 11.28 -2.21
N ASP A 137 -8.45 11.90 -1.07
CA ASP A 137 -7.60 13.08 -0.99
C ASP A 137 -6.15 12.68 -1.12
N GLN A 138 -5.69 12.56 -2.36
CA GLN A 138 -4.33 12.15 -2.63
C GLN A 138 -3.37 13.22 -2.15
N SER A 139 -3.70 14.47 -2.44
CA SER A 139 -2.88 15.59 -2.06
C SER A 139 -2.72 15.66 -0.54
N GLY A 140 -3.83 15.47 0.16
CA GLY A 140 -3.83 15.53 1.61
C GLY A 140 -3.06 14.37 2.24
N PHE A 141 -3.31 13.16 1.75
CA PHE A 141 -2.68 11.96 2.28
C PHE A 141 -1.18 11.96 2.00
N VAL A 142 -0.80 12.24 0.75
CA VAL A 142 0.61 12.25 0.35
C VAL A 142 1.38 13.32 1.11
N ASN A 143 0.75 14.46 1.32
CA ASN A 143 1.36 15.58 2.07
C ASN A 143 1.76 15.13 3.48
N GLY A 144 0.84 14.44 4.14
CA GLY A 144 1.09 13.95 5.47
C GLY A 144 2.07 12.79 5.47
N ILE A 145 1.88 11.88 4.53
CA ILE A 145 2.73 10.72 4.40
C ILE A 145 4.17 11.11 4.10
N ARG A 146 4.37 12.15 3.32
CA ARG A 146 5.71 12.63 2.99
C ARG A 146 6.46 13.05 4.27
N GLN A 147 5.73 13.61 5.21
CA GLN A 147 6.30 14.00 6.49
C GLN A 147 6.64 12.73 7.27
N VAL A 148 5.78 11.72 7.15
CA VAL A 148 6.02 10.42 7.76
C VAL A 148 7.26 9.76 7.10
N ILE A 149 7.40 9.95 5.78
CA ILE A 149 8.56 9.45 5.02
C ILE A 149 9.82 10.10 5.58
N THR A 150 9.74 11.37 5.79
CA THR A 150 10.81 12.16 6.32
C THR A 150 11.20 11.64 7.72
N ASN A 151 10.20 11.33 8.52
CA ASN A 151 10.39 10.77 9.86
C ASN A 151 10.98 9.38 9.77
N LEU A 152 10.55 8.63 8.77
CA LEU A 152 11.01 7.27 8.50
C LEU A 152 12.51 7.26 8.17
N GLU A 153 12.93 8.20 7.34
CA GLU A 153 14.33 8.29 6.92
C GLU A 153 15.22 8.64 8.10
N HIS A 154 14.73 9.50 8.94
CA HIS A 154 15.49 9.98 10.07
C HIS A 154 15.40 8.99 11.25
N HIS A 155 14.23 8.45 11.48
CA HIS A 155 14.00 7.54 12.58
C HIS A 155 13.59 6.16 12.09
N HIS A 156 14.49 5.23 12.15
CA HIS A 156 14.20 3.84 11.81
C HIS A 156 13.86 3.10 13.11
N HIS A 157 13.06 3.75 13.92
CA HIS A 157 12.76 3.24 15.22
C HIS A 157 11.29 3.01 15.44
N HIS A 158 11.02 1.85 15.95
CA HIS A 158 9.71 1.47 16.45
C HIS A 158 9.92 1.06 17.90
N HIS A 159 11.12 1.38 18.35
CA HIS A 159 11.64 1.13 19.66
C HIS A 159 12.89 1.99 19.76
N MET A 1 -20.65 -14.15 -6.80
CA MET A 1 -21.39 -14.09 -5.54
C MET A 1 -20.63 -13.23 -4.57
N SER A 2 -21.31 -12.77 -3.53
CA SER A 2 -20.68 -12.00 -2.46
C SER A 2 -20.13 -10.67 -3.01
N VAL A 3 -20.90 -10.03 -3.90
CA VAL A 3 -20.49 -8.78 -4.55
C VAL A 3 -20.50 -7.60 -3.56
N SER A 4 -21.14 -7.78 -2.42
CA SER A 4 -21.16 -6.72 -1.43
C SER A 4 -19.92 -6.84 -0.54
N ASN A 5 -19.41 -8.06 -0.36
CA ASN A 5 -18.17 -8.25 0.38
C ASN A 5 -16.99 -7.87 -0.47
N LYS A 6 -17.00 -8.29 -1.72
CA LYS A 6 -15.91 -7.98 -2.60
C LYS A 6 -16.36 -7.87 -4.06
N LEU A 7 -15.87 -6.86 -4.70
CA LEU A 7 -16.05 -6.69 -6.13
C LEU A 7 -14.67 -6.77 -6.71
N LEU A 8 -14.50 -7.47 -7.82
CA LEU A 8 -13.20 -7.52 -8.47
C LEU A 8 -12.92 -6.14 -9.04
N ALA A 9 -11.84 -5.54 -8.61
CA ALA A 9 -11.53 -4.20 -9.02
C ALA A 9 -10.40 -4.14 -10.01
N TRP A 10 -9.26 -4.67 -9.64
CA TRP A 10 -8.07 -4.54 -10.46
C TRP A 10 -7.11 -5.69 -10.22
N SER A 11 -6.43 -6.09 -11.26
CA SER A 11 -5.41 -7.07 -11.18
C SER A 11 -4.10 -6.44 -11.66
N GLY A 12 -3.07 -6.52 -10.86
CA GLY A 12 -1.84 -5.88 -11.21
C GLY A 12 -0.70 -6.37 -10.38
N VAL A 13 0.41 -5.73 -10.53
CA VAL A 13 1.62 -6.10 -9.86
C VAL A 13 1.94 -4.99 -8.89
N LEU A 14 2.29 -5.34 -7.70
CA LEU A 14 2.59 -4.36 -6.74
C LEU A 14 4.04 -4.45 -6.41
N GLU A 15 4.68 -3.32 -6.31
CA GLU A 15 6.07 -3.28 -6.03
C GLU A 15 6.28 -2.65 -4.70
N TRP A 16 7.11 -3.25 -3.90
CA TRP A 16 7.32 -2.77 -2.55
C TRP A 16 8.78 -2.55 -2.22
N GLN A 17 9.02 -1.48 -1.47
CA GLN A 17 10.34 -1.08 -1.05
C GLN A 17 10.27 -0.60 0.40
N GLU A 18 11.38 -0.71 1.11
CA GLU A 18 11.45 -0.19 2.44
C GLU A 18 12.13 1.19 2.47
N LYS A 19 13.36 1.25 1.94
CA LYS A 19 14.17 2.48 1.79
C LYS A 19 14.12 3.43 2.99
N PRO A 20 14.95 3.20 4.02
CA PRO A 20 15.01 4.09 5.18
C PRO A 20 15.61 5.44 4.78
N LYS A 21 16.62 5.38 3.95
CA LYS A 21 17.32 6.55 3.50
C LYS A 21 16.90 6.87 2.08
N PRO A 22 16.72 8.19 1.76
CA PRO A 22 16.19 8.68 0.46
C PRO A 22 16.79 7.97 -0.76
N ALA A 23 18.09 8.06 -0.93
CA ALA A 23 18.73 7.43 -2.06
C ALA A 23 19.36 6.12 -1.64
N SER A 24 19.70 6.05 -0.35
CA SER A 24 20.41 4.94 0.26
C SER A 24 21.85 4.91 -0.29
N VAL A 25 22.03 4.33 -1.47
CA VAL A 25 23.31 4.35 -2.18
C VAL A 25 23.00 4.43 -3.66
N ASP A 26 22.45 3.35 -4.18
CA ASP A 26 22.10 3.22 -5.59
C ASP A 26 20.72 2.60 -5.73
N ALA A 27 19.93 3.12 -6.62
CA ALA A 27 18.55 2.67 -6.81
C ALA A 27 18.47 1.27 -7.38
N ASN A 28 19.38 0.94 -8.26
CA ASN A 28 19.30 -0.34 -8.95
C ASN A 28 19.91 -1.45 -8.08
N THR A 29 20.66 -1.06 -7.07
CA THR A 29 21.24 -2.01 -6.14
C THR A 29 20.15 -2.55 -5.20
N LYS A 30 19.14 -1.76 -5.01
CA LYS A 30 17.98 -2.16 -4.25
C LYS A 30 16.90 -2.57 -5.21
N LEU A 31 16.87 -3.84 -5.52
CA LEU A 31 15.88 -4.36 -6.41
C LEU A 31 14.55 -4.41 -5.72
N THR A 32 13.65 -3.66 -6.24
CA THR A 32 12.32 -3.59 -5.77
C THR A 32 11.69 -4.94 -5.96
N ARG A 33 10.95 -5.37 -4.99
CA ARG A 33 10.28 -6.60 -5.13
C ARG A 33 8.94 -6.30 -5.71
N SER A 34 8.46 -7.17 -6.52
CA SER A 34 7.22 -6.94 -7.17
C SER A 34 6.45 -8.24 -7.16
N LEU A 35 5.23 -8.18 -6.74
CA LEU A 35 4.41 -9.35 -6.62
C LEU A 35 3.06 -9.11 -7.27
N PRO A 36 2.64 -9.99 -8.18
CA PRO A 36 1.29 -9.94 -8.74
C PRO A 36 0.24 -10.11 -7.65
N CYS A 37 -0.81 -9.35 -7.73
CA CYS A 37 -1.84 -9.36 -6.76
C CYS A 37 -3.18 -9.11 -7.41
N GLN A 38 -4.22 -9.53 -6.77
CA GLN A 38 -5.54 -9.28 -7.24
C GLN A 38 -6.24 -8.44 -6.20
N VAL A 39 -6.84 -7.37 -6.65
CA VAL A 39 -7.42 -6.38 -5.77
C VAL A 39 -8.90 -6.34 -5.92
N TYR A 40 -9.54 -6.52 -4.83
CA TYR A 40 -10.96 -6.45 -4.74
C TYR A 40 -11.29 -5.20 -3.99
N VAL A 41 -12.50 -4.75 -4.11
CA VAL A 41 -12.94 -3.62 -3.35
C VAL A 41 -14.10 -4.05 -2.51
N ASN A 42 -14.13 -3.57 -1.32
CA ASN A 42 -15.24 -3.74 -0.48
C ASN A 42 -16.10 -2.53 -0.67
N HIS A 43 -17.39 -2.90 -0.91
CA HIS A 43 -18.48 -2.12 -1.49
C HIS A 43 -18.66 -0.73 -0.91
N GLY A 44 -19.43 0.05 -1.63
CA GLY A 44 -19.57 1.44 -1.33
C GLY A 44 -18.90 2.24 -2.40
N GLU A 45 -18.26 1.53 -3.32
CA GLU A 45 -17.47 2.16 -4.34
C GLU A 45 -17.81 1.59 -5.72
N ASN A 46 -17.47 2.36 -6.73
CA ASN A 46 -17.52 1.96 -8.14
C ASN A 46 -16.46 2.78 -8.87
N LEU A 47 -15.30 2.20 -9.10
CA LEU A 47 -14.21 2.94 -9.75
C LEU A 47 -13.80 2.30 -11.05
N LYS A 48 -13.17 3.07 -11.90
CA LYS A 48 -12.58 2.53 -13.10
C LYS A 48 -11.09 2.40 -12.91
N THR A 49 -10.61 1.19 -12.98
CA THR A 49 -9.22 0.87 -12.84
C THR A 49 -8.57 0.77 -14.22
N GLU A 50 -9.35 1.14 -15.21
CA GLU A 50 -8.98 1.10 -16.60
C GLU A 50 -7.85 2.11 -16.91
N GLN A 51 -7.71 3.11 -16.07
CA GLN A 51 -6.63 4.09 -16.22
C GLN A 51 -5.57 3.91 -15.14
N TRP A 52 -5.57 2.77 -14.52
CA TRP A 52 -4.59 2.45 -13.51
C TRP A 52 -3.40 1.77 -14.13
N PRO A 53 -2.18 2.16 -13.74
CA PRO A 53 -0.97 1.49 -14.17
C PRO A 53 -0.96 0.06 -13.63
N GLN A 54 -0.20 -0.81 -14.25
CA GLN A 54 -0.18 -2.20 -13.83
C GLN A 54 0.77 -2.40 -12.64
N LYS A 55 1.50 -1.36 -12.30
CA LYS A 55 2.39 -1.38 -11.16
C LYS A 55 2.14 -0.18 -10.27
N LEU A 56 1.99 -0.44 -9.01
CA LEU A 56 1.83 0.61 -8.02
C LEU A 56 2.98 0.50 -7.02
N ILE A 57 3.41 1.63 -6.49
CA ILE A 57 4.60 1.66 -5.64
C ILE A 57 4.18 1.67 -4.17
N MET A 58 4.61 0.68 -3.43
CA MET A 58 4.32 0.61 -2.02
C MET A 58 5.56 0.80 -1.18
N GLN A 59 5.55 1.81 -0.36
CA GLN A 59 6.64 2.08 0.55
C GLN A 59 6.21 1.68 1.95
N LEU A 60 7.06 0.97 2.64
CA LEU A 60 6.74 0.48 3.97
C LEU A 60 7.08 1.53 5.03
N ILE A 61 6.08 1.91 5.80
CA ILE A 61 6.21 2.94 6.82
C ILE A 61 5.64 2.43 8.15
N PRO A 62 6.04 3.00 9.31
CA PRO A 62 5.48 2.58 10.62
C PRO A 62 3.96 2.78 10.71
N GLN A 63 3.26 1.73 11.13
CA GLN A 63 1.78 1.71 11.30
C GLN A 63 1.33 2.70 12.40
N GLN A 64 2.23 2.98 13.33
CA GLN A 64 1.99 3.88 14.46
C GLN A 64 1.56 5.28 14.00
N LEU A 65 2.22 5.76 12.97
CA LEU A 65 2.05 7.14 12.52
C LEU A 65 0.84 7.30 11.60
N LEU A 66 0.07 6.23 11.46
CA LEU A 66 -1.10 6.20 10.60
C LEU A 66 -2.31 6.83 11.31
N THR A 67 -2.31 6.79 12.62
CA THR A 67 -3.45 7.24 13.43
C THR A 67 -3.81 8.74 13.17
N THR A 68 -2.83 9.54 12.85
CA THR A 68 -2.99 10.95 12.59
C THR A 68 -3.70 11.23 11.24
N LEU A 69 -3.72 10.23 10.37
CA LEU A 69 -4.21 10.37 9.00
C LEU A 69 -5.74 10.16 8.93
N GLY A 70 -6.37 10.14 10.11
CA GLY A 70 -7.81 9.90 10.29
C GLY A 70 -8.75 10.52 9.22
N PRO A 71 -8.69 11.87 8.96
CA PRO A 71 -9.55 12.52 7.95
C PRO A 71 -9.56 11.83 6.59
N LEU A 72 -8.39 11.37 6.16
CA LEU A 72 -8.22 10.71 4.86
C LEU A 72 -8.94 9.37 4.83
N PHE A 73 -9.03 8.75 5.98
CA PHE A 73 -9.69 7.46 6.11
C PHE A 73 -11.20 7.58 6.14
N ARG A 74 -11.69 8.80 6.30
CA ARG A 74 -13.11 9.06 6.26
C ARG A 74 -13.59 9.01 4.82
N ASN A 75 -12.84 9.60 3.93
CA ASN A 75 -13.14 9.59 2.52
C ASN A 75 -12.39 8.47 1.84
N SER A 76 -12.87 7.28 2.07
CA SER A 76 -12.25 6.10 1.56
C SER A 76 -13.28 5.05 1.13
N ARG A 77 -12.78 4.05 0.47
CA ARG A 77 -13.50 2.90 -0.08
C ARG A 77 -12.61 1.71 0.19
N MET A 78 -13.16 0.53 0.50
CA MET A 78 -12.24 -0.46 0.99
C MET A 78 -11.80 -1.38 -0.07
N VAL A 79 -10.63 -1.94 0.12
CA VAL A 79 -10.05 -2.87 -0.80
C VAL A 79 -9.51 -4.06 -0.05
N GLN A 80 -9.35 -5.12 -0.77
CA GLN A 80 -8.80 -6.34 -0.26
C GLN A 80 -7.78 -6.82 -1.26
N PHE A 81 -6.59 -6.96 -0.80
CA PHE A 81 -5.47 -7.35 -1.63
C PHE A 81 -5.08 -8.78 -1.33
N HIS A 82 -5.21 -9.61 -2.32
CA HIS A 82 -4.77 -10.98 -2.22
C HIS A 82 -3.58 -11.12 -3.15
N PHE A 83 -2.46 -11.52 -2.61
CA PHE A 83 -1.23 -11.63 -3.38
C PHE A 83 -1.06 -13.01 -3.92
N THR A 84 -0.23 -13.14 -4.94
CA THR A 84 0.08 -14.42 -5.49
C THR A 84 0.85 -15.26 -4.47
N ASN A 85 0.50 -16.50 -4.40
CA ASN A 85 1.14 -17.43 -3.49
C ASN A 85 2.18 -18.22 -4.24
N LYS A 86 2.69 -17.61 -5.31
CA LYS A 86 3.71 -18.21 -6.13
C LYS A 86 4.96 -18.48 -5.29
N ASP A 87 5.41 -17.46 -4.59
CA ASP A 87 6.57 -17.59 -3.75
C ASP A 87 6.25 -17.09 -2.36
N LEU A 88 6.05 -18.02 -1.45
CA LEU A 88 5.69 -17.71 -0.08
C LEU A 88 6.81 -16.99 0.66
N GLU A 89 8.03 -17.14 0.21
CA GLU A 89 9.19 -16.51 0.86
C GLU A 89 9.17 -15.01 0.65
N SER A 90 8.84 -14.60 -0.56
CA SER A 90 8.68 -13.19 -0.88
C SER A 90 7.54 -12.59 -0.07
N LEU A 91 6.50 -13.39 0.15
CA LEU A 91 5.37 -12.96 0.92
C LEU A 91 5.70 -12.89 2.39
N LYS A 92 6.27 -13.98 2.92
CA LYS A 92 6.58 -14.09 4.35
C LYS A 92 7.45 -12.95 4.83
N GLY A 93 8.37 -12.50 3.99
CA GLY A 93 9.20 -11.37 4.32
C GLY A 93 8.36 -10.13 4.55
N LEU A 94 7.49 -9.85 3.60
CA LEU A 94 6.61 -8.71 3.65
C LEU A 94 5.60 -8.84 4.80
N TYR A 95 5.05 -10.04 4.95
CA TYR A 95 4.08 -10.36 6.01
C TYR A 95 4.69 -10.09 7.38
N ARG A 96 5.91 -10.54 7.56
CA ARG A 96 6.64 -10.38 8.79
C ARG A 96 6.94 -8.91 9.07
N ILE A 97 7.26 -8.15 8.03
CA ILE A 97 7.53 -6.73 8.18
C ILE A 97 6.25 -5.98 8.57
N MET A 98 5.19 -6.19 7.83
CA MET A 98 3.95 -5.47 8.08
C MET A 98 3.28 -5.90 9.37
N GLY A 99 3.38 -7.19 9.66
CA GLY A 99 2.85 -7.73 10.90
C GLY A 99 3.61 -7.22 12.12
N ASN A 100 4.82 -6.72 11.88
CA ASN A 100 5.70 -6.18 12.92
C ASN A 100 5.30 -4.71 13.25
N GLY A 101 4.19 -4.27 12.67
CA GLY A 101 3.72 -2.93 12.94
C GLY A 101 4.09 -1.95 11.86
N PHE A 102 4.21 -2.44 10.65
CA PHE A 102 4.44 -1.59 9.52
C PHE A 102 3.23 -1.58 8.60
N ALA A 103 3.13 -0.58 7.81
CA ALA A 103 2.05 -0.43 6.88
C ALA A 103 2.64 -0.14 5.53
N GLY A 104 1.88 -0.37 4.51
CA GLY A 104 2.36 -0.14 3.19
C GLY A 104 1.61 0.96 2.53
N CYS A 105 2.27 2.01 2.23
CA CYS A 105 1.63 3.11 1.59
C CYS A 105 1.80 2.95 0.10
N VAL A 106 0.69 2.83 -0.60
CA VAL A 106 0.72 2.63 -2.01
C VAL A 106 0.41 3.92 -2.73
N HIS A 107 1.36 4.33 -3.53
CA HIS A 107 1.25 5.50 -4.35
C HIS A 107 1.12 5.08 -5.79
N PHE A 108 0.28 5.79 -6.47
CA PHE A 108 -0.03 5.48 -7.83
C PHE A 108 0.67 6.45 -8.75
N PRO A 109 1.44 5.96 -9.74
CA PRO A 109 2.02 6.81 -10.76
C PRO A 109 0.88 7.40 -11.59
N HIS A 110 0.61 8.67 -11.42
CA HIS A 110 -0.54 9.25 -12.04
C HIS A 110 -0.26 9.84 -13.40
N THR A 111 -0.89 9.28 -14.39
CA THR A 111 -0.85 9.81 -15.70
C THR A 111 -1.77 11.03 -15.74
N ALA A 112 -3.02 10.78 -15.40
CA ALA A 112 -3.99 11.81 -15.24
C ALA A 112 -3.88 12.35 -13.81
N PRO A 113 -3.65 13.65 -13.65
CA PRO A 113 -3.51 14.26 -12.33
C PRO A 113 -4.85 14.54 -11.66
N CYS A 114 -5.93 14.16 -12.34
CA CYS A 114 -7.28 14.36 -11.86
C CYS A 114 -7.49 13.62 -10.53
N GLU A 115 -7.50 12.29 -10.58
CA GLU A 115 -7.56 11.47 -9.39
C GLU A 115 -7.31 10.00 -9.69
N VAL A 116 -6.19 9.51 -9.32
CA VAL A 116 -5.99 8.09 -9.38
C VAL A 116 -6.18 7.57 -7.95
N ARG A 117 -6.12 8.56 -7.00
CA ARG A 117 -6.31 8.37 -5.56
C ARG A 117 -5.11 7.67 -4.98
N VAL A 118 -5.06 7.46 -3.68
CA VAL A 118 -3.91 6.76 -3.10
C VAL A 118 -4.40 5.71 -2.13
N LEU A 119 -3.57 4.74 -1.77
CA LEU A 119 -4.08 3.62 -0.98
C LEU A 119 -3.18 3.26 0.19
N MET A 120 -3.80 3.00 1.34
CA MET A 120 -3.08 2.53 2.51
C MET A 120 -3.31 1.04 2.65
N LEU A 121 -2.25 0.29 2.60
CA LEU A 121 -2.35 -1.14 2.67
C LEU A 121 -1.89 -1.62 4.03
N LEU A 122 -2.73 -2.38 4.66
CA LEU A 122 -2.46 -2.94 5.94
C LEU A 122 -2.61 -4.44 5.87
N TYR A 123 -1.68 -5.13 6.45
CA TYR A 123 -1.73 -6.56 6.42
C TYR A 123 -2.51 -7.09 7.59
N SER A 124 -3.53 -7.86 7.32
CA SER A 124 -4.27 -8.48 8.36
C SER A 124 -3.75 -9.90 8.48
N SER A 125 -3.06 -10.17 9.58
CA SER A 125 -2.53 -11.49 9.88
C SER A 125 -3.66 -12.46 10.17
N LYS A 126 -4.77 -11.91 10.66
CA LYS A 126 -5.92 -12.68 11.07
C LYS A 126 -6.52 -13.43 9.89
N LYS A 127 -6.63 -12.73 8.79
CA LYS A 127 -7.23 -13.28 7.58
C LYS A 127 -6.11 -13.63 6.60
N LYS A 128 -4.86 -13.38 7.05
CA LYS A 128 -3.61 -13.53 6.32
C LYS A 128 -3.60 -12.88 4.91
N ILE A 129 -4.30 -11.77 4.82
CA ILE A 129 -4.50 -11.03 3.57
C ILE A 129 -4.34 -9.55 3.82
N PHE A 130 -4.24 -8.79 2.77
CA PHE A 130 -4.04 -7.39 2.93
C PHE A 130 -5.36 -6.65 2.80
N MET A 131 -5.58 -5.72 3.67
CA MET A 131 -6.77 -4.92 3.69
C MET A 131 -6.37 -3.48 3.48
N GLY A 132 -7.16 -2.70 2.83
CA GLY A 132 -6.76 -1.36 2.60
C GLY A 132 -7.91 -0.43 2.37
N LEU A 133 -7.72 0.82 2.67
CA LEU A 133 -8.65 1.86 2.32
C LEU A 133 -8.00 2.80 1.36
N ILE A 134 -8.71 3.19 0.31
CA ILE A 134 -8.19 4.14 -0.63
C ILE A 134 -8.79 5.51 -0.36
N PRO A 135 -8.00 6.45 0.20
CA PRO A 135 -8.39 7.83 0.31
C PRO A 135 -8.38 8.55 -1.03
N TYR A 136 -9.40 9.36 -1.21
CA TYR A 136 -9.61 10.09 -2.43
C TYR A 136 -8.70 11.28 -2.52
N ASP A 137 -8.57 11.99 -1.42
CA ASP A 137 -7.77 13.19 -1.39
C ASP A 137 -6.30 12.84 -1.33
N GLN A 138 -5.72 12.74 -2.48
CA GLN A 138 -4.32 12.40 -2.57
C GLN A 138 -3.39 13.47 -2.03
N SER A 139 -3.79 14.73 -2.12
CA SER A 139 -2.94 15.84 -1.69
C SER A 139 -2.63 15.77 -0.19
N GLY A 140 -3.67 15.56 0.63
CA GLY A 140 -3.48 15.53 2.06
C GLY A 140 -2.84 14.25 2.51
N PHE A 141 -3.17 13.17 1.84
CA PHE A 141 -2.64 11.87 2.20
C PHE A 141 -1.16 11.80 1.91
N VAL A 142 -0.76 12.24 0.71
CA VAL A 142 0.63 12.21 0.31
C VAL A 142 1.47 13.14 1.19
N ASN A 143 0.91 14.29 1.53
CA ASN A 143 1.60 15.24 2.42
C ASN A 143 1.73 14.64 3.82
N GLY A 144 0.67 13.98 4.26
CA GLY A 144 0.67 13.32 5.56
C GLY A 144 1.68 12.20 5.59
N ILE A 145 1.68 11.38 4.55
CA ILE A 145 2.61 10.28 4.43
C ILE A 145 4.03 10.79 4.33
N ARG A 146 4.23 11.91 3.63
CA ARG A 146 5.54 12.55 3.55
C ARG A 146 6.04 12.89 4.95
N GLN A 147 5.14 13.35 5.79
CA GLN A 147 5.46 13.64 7.17
C GLN A 147 5.78 12.36 7.95
N VAL A 148 5.12 11.29 7.60
CA VAL A 148 5.39 9.97 8.17
C VAL A 148 6.78 9.49 7.73
N ILE A 149 7.04 9.58 6.42
CA ILE A 149 8.31 9.17 5.83
C ILE A 149 9.45 10.00 6.42
N THR A 150 9.24 11.31 6.52
CA THR A 150 10.24 12.20 7.04
C THR A 150 10.46 11.95 8.53
N ASN A 151 9.40 11.57 9.26
CA ASN A 151 9.56 11.22 10.66
C ASN A 151 10.39 9.98 10.74
N LEU A 152 10.11 9.02 9.88
CA LEU A 152 10.83 7.76 9.80
C LEU A 152 12.33 8.00 9.55
N GLU A 153 12.65 9.06 8.79
CA GLU A 153 14.03 9.45 8.53
C GLU A 153 14.76 9.78 9.84
N HIS A 154 14.05 10.39 10.76
CA HIS A 154 14.64 10.81 12.04
C HIS A 154 14.32 9.78 13.12
N HIS A 155 13.37 8.93 12.84
CA HIS A 155 12.87 7.95 13.78
C HIS A 155 13.87 6.85 13.97
N HIS A 156 14.08 6.48 15.19
CA HIS A 156 15.00 5.42 15.51
C HIS A 156 14.32 4.09 15.32
N HIS A 157 14.48 3.55 14.14
CA HIS A 157 13.92 2.25 13.81
C HIS A 157 14.88 1.16 14.29
N HIS A 158 14.46 -0.09 14.17
CA HIS A 158 15.30 -1.20 14.61
C HIS A 158 16.48 -1.34 13.69
N HIS A 159 17.56 -0.78 14.12
CA HIS A 159 18.79 -0.76 13.42
C HIS A 159 19.84 -0.48 14.46
N MET A 1 -30.10 -10.78 -7.07
CA MET A 1 -28.64 -10.85 -7.14
C MET A 1 -28.10 -11.05 -5.76
N SER A 2 -26.83 -11.29 -5.65
CA SER A 2 -26.21 -11.46 -4.36
C SER A 2 -25.36 -10.23 -4.11
N VAL A 3 -25.26 -9.79 -2.88
CA VAL A 3 -24.46 -8.64 -2.56
C VAL A 3 -23.01 -9.06 -2.47
N SER A 4 -22.18 -8.34 -3.13
CA SER A 4 -20.79 -8.63 -3.15
C SER A 4 -20.16 -8.30 -1.79
N ASN A 5 -19.51 -9.29 -1.18
CA ASN A 5 -18.78 -9.05 0.06
C ASN A 5 -17.54 -8.27 -0.29
N LYS A 6 -17.12 -8.47 -1.51
CA LYS A 6 -16.02 -7.78 -2.11
C LYS A 6 -16.22 -7.82 -3.63
N LEU A 7 -15.85 -6.78 -4.30
CA LEU A 7 -16.02 -6.69 -5.74
C LEU A 7 -14.66 -6.80 -6.41
N LEU A 8 -14.53 -7.56 -7.47
CA LEU A 8 -13.27 -7.66 -8.21
C LEU A 8 -13.01 -6.34 -8.92
N ALA A 9 -11.92 -5.70 -8.58
CA ALA A 9 -11.65 -4.41 -9.12
C ALA A 9 -10.46 -4.40 -10.05
N TRP A 10 -9.35 -4.94 -9.60
CA TRP A 10 -8.13 -4.86 -10.35
C TRP A 10 -7.20 -5.99 -9.99
N SER A 11 -6.41 -6.40 -10.92
CA SER A 11 -5.43 -7.42 -10.71
C SER A 11 -4.10 -6.92 -11.26
N GLY A 12 -3.12 -6.77 -10.40
CA GLY A 12 -1.88 -6.23 -10.84
C GLY A 12 -0.74 -6.58 -9.92
N VAL A 13 0.39 -5.98 -10.18
CA VAL A 13 1.59 -6.26 -9.45
C VAL A 13 1.99 -5.04 -8.62
N LEU A 14 2.38 -5.28 -7.39
CA LEU A 14 2.84 -4.23 -6.51
C LEU A 14 4.28 -4.40 -6.25
N GLU A 15 4.99 -3.32 -6.23
CA GLU A 15 6.39 -3.34 -6.03
C GLU A 15 6.67 -2.59 -4.75
N TRP A 16 7.39 -3.23 -3.86
CA TRP A 16 7.66 -2.66 -2.58
C TRP A 16 9.09 -2.19 -2.43
N GLN A 17 9.22 -0.99 -1.94
CA GLN A 17 10.48 -0.33 -1.76
C GLN A 17 10.84 -0.31 -0.28
N GLU A 18 12.12 -0.57 0.03
CA GLU A 18 12.69 -0.56 1.40
C GLU A 18 12.20 0.63 2.21
N LYS A 19 12.52 1.79 1.71
CA LYS A 19 12.18 3.03 2.33
C LYS A 19 12.19 4.07 1.23
N PRO A 20 11.32 5.10 1.30
CA PRO A 20 11.35 6.22 0.35
C PRO A 20 12.75 6.81 0.20
N LYS A 21 13.32 6.66 -1.00
CA LYS A 21 14.66 7.13 -1.37
C LYS A 21 15.79 6.32 -0.70
N PRO A 22 16.12 5.15 -1.25
CA PRO A 22 17.22 4.33 -0.79
C PRO A 22 18.38 4.44 -1.79
N ALA A 23 18.61 5.63 -2.30
CA ALA A 23 19.58 5.86 -3.34
C ALA A 23 20.98 6.01 -2.78
N SER A 24 21.10 6.59 -1.62
CA SER A 24 22.39 6.77 -1.03
C SER A 24 22.71 5.62 -0.06
N VAL A 25 21.80 5.37 0.86
CA VAL A 25 21.96 4.27 1.78
C VAL A 25 20.78 3.35 1.61
N ASP A 26 21.03 2.13 1.27
CA ASP A 26 19.97 1.17 1.11
C ASP A 26 20.10 0.09 2.13
N ALA A 27 18.98 -0.45 2.56
CA ALA A 27 19.02 -1.52 3.52
C ALA A 27 19.17 -2.85 2.80
N ASN A 28 18.48 -2.98 1.67
CA ASN A 28 18.57 -4.14 0.77
C ASN A 28 18.05 -3.80 -0.61
N THR A 29 18.89 -3.29 -1.48
CA THR A 29 18.47 -3.08 -2.84
C THR A 29 18.49 -4.38 -3.61
N LYS A 30 19.60 -4.59 -4.33
CA LYS A 30 19.85 -5.75 -5.20
C LYS A 30 18.82 -5.82 -6.35
N LEU A 31 17.63 -6.08 -5.98
CA LEU A 31 16.52 -6.22 -6.84
C LEU A 31 15.33 -5.70 -6.09
N THR A 32 14.53 -4.86 -6.69
CA THR A 32 13.32 -4.41 -6.04
C THR A 32 12.34 -5.56 -6.15
N ARG A 33 11.49 -5.74 -5.19
CA ARG A 33 10.63 -6.86 -5.30
C ARG A 33 9.25 -6.42 -5.64
N SER A 34 8.60 -7.22 -6.43
CA SER A 34 7.30 -6.96 -6.90
C SER A 34 6.53 -8.27 -6.93
N LEU A 35 5.29 -8.25 -6.52
CA LEU A 35 4.49 -9.46 -6.44
C LEU A 35 3.10 -9.24 -7.01
N PRO A 36 2.60 -10.19 -7.82
CA PRO A 36 1.25 -10.11 -8.38
C PRO A 36 0.16 -10.42 -7.33
N CYS A 37 -0.86 -9.62 -7.34
CA CYS A 37 -1.95 -9.77 -6.38
C CYS A 37 -3.28 -9.47 -7.06
N GLN A 38 -4.35 -9.82 -6.38
CA GLN A 38 -5.67 -9.57 -6.87
C GLN A 38 -6.31 -8.60 -5.89
N VAL A 39 -6.87 -7.55 -6.41
CA VAL A 39 -7.42 -6.49 -5.61
C VAL A 39 -8.91 -6.42 -5.78
N TYR A 40 -9.57 -6.51 -4.67
CA TYR A 40 -10.98 -6.45 -4.59
C TYR A 40 -11.33 -5.19 -3.85
N VAL A 41 -12.53 -4.74 -3.99
CA VAL A 41 -12.97 -3.55 -3.32
C VAL A 41 -14.18 -3.83 -2.46
N ASN A 42 -14.21 -3.20 -1.33
CA ASN A 42 -15.39 -3.17 -0.50
C ASN A 42 -16.14 -1.90 -0.83
N HIS A 43 -17.47 -2.10 -1.05
CA HIS A 43 -18.46 -1.14 -1.62
C HIS A 43 -18.31 0.32 -1.15
N GLY A 44 -18.99 1.20 -1.87
CA GLY A 44 -18.87 2.62 -1.63
C GLY A 44 -18.13 3.25 -2.78
N GLU A 45 -17.72 2.40 -3.67
CA GLU A 45 -16.90 2.76 -4.78
C GLU A 45 -17.66 2.77 -6.10
N ASN A 46 -17.06 3.44 -7.04
CA ASN A 46 -17.40 3.33 -8.43
C ASN A 46 -16.21 3.86 -9.19
N LEU A 47 -15.35 2.96 -9.59
CA LEU A 47 -14.19 3.32 -10.35
C LEU A 47 -13.88 2.30 -11.41
N LYS A 48 -13.29 2.74 -12.47
CA LYS A 48 -12.74 1.85 -13.44
C LYS A 48 -11.23 1.84 -13.21
N THR A 49 -10.63 0.70 -13.21
CA THR A 49 -9.25 0.57 -12.83
C THR A 49 -8.29 0.61 -14.02
N GLU A 50 -8.74 1.23 -15.10
CA GLU A 50 -7.93 1.41 -16.29
C GLU A 50 -6.92 2.54 -16.03
N GLN A 51 -7.30 3.46 -15.16
CA GLN A 51 -6.47 4.61 -14.77
C GLN A 51 -5.31 4.14 -13.86
N TRP A 52 -5.46 2.93 -13.37
CA TRP A 52 -4.48 2.32 -12.50
C TRP A 52 -3.44 1.59 -13.35
N PRO A 53 -2.14 1.87 -13.16
CA PRO A 53 -1.08 1.12 -13.84
C PRO A 53 -1.00 -0.30 -13.28
N GLN A 54 -0.43 -1.22 -14.04
CA GLN A 54 -0.36 -2.61 -13.61
C GLN A 54 0.76 -2.82 -12.58
N LYS A 55 1.53 -1.78 -12.35
CA LYS A 55 2.57 -1.75 -11.34
C LYS A 55 2.23 -0.64 -10.37
N LEU A 56 2.14 -0.94 -9.11
CA LEU A 56 1.89 0.08 -8.10
C LEU A 56 3.06 0.13 -7.14
N ILE A 57 3.38 1.31 -6.64
CA ILE A 57 4.53 1.44 -5.78
C ILE A 57 4.08 1.52 -4.32
N MET A 58 4.49 0.58 -3.54
CA MET A 58 4.17 0.57 -2.14
C MET A 58 5.43 0.78 -1.32
N GLN A 59 5.35 1.72 -0.42
CA GLN A 59 6.48 2.06 0.43
C GLN A 59 6.15 1.72 1.86
N LEU A 60 7.04 1.03 2.53
CA LEU A 60 6.82 0.61 3.90
C LEU A 60 7.12 1.73 4.87
N ILE A 61 6.14 2.02 5.69
CA ILE A 61 6.18 3.09 6.67
C ILE A 61 5.64 2.55 8.01
N PRO A 62 5.91 3.21 9.17
CA PRO A 62 5.41 2.73 10.45
C PRO A 62 3.88 2.83 10.52
N GLN A 63 3.24 1.72 10.90
CA GLN A 63 1.77 1.62 10.99
C GLN A 63 1.24 2.58 12.07
N GLN A 64 2.08 2.87 13.04
CA GLN A 64 1.75 3.66 14.22
C GLN A 64 1.20 5.05 13.88
N LEU A 65 1.69 5.61 12.79
CA LEU A 65 1.29 6.97 12.39
C LEU A 65 0.04 6.99 11.52
N LEU A 66 -0.63 5.86 11.41
CA LEU A 66 -1.85 5.77 10.61
C LEU A 66 -2.98 6.54 11.29
N THR A 67 -2.85 6.72 12.59
CA THR A 67 -3.84 7.42 13.38
C THR A 67 -3.91 8.92 12.97
N THR A 68 -2.80 9.44 12.51
CA THR A 68 -2.68 10.82 12.10
C THR A 68 -3.45 11.06 10.76
N LEU A 69 -3.69 9.99 10.04
CA LEU A 69 -4.31 10.07 8.71
C LEU A 69 -5.81 9.82 8.79
N GLY A 70 -6.34 9.82 10.01
CA GLY A 70 -7.77 9.59 10.28
C GLY A 70 -8.76 10.38 9.38
N PRO A 71 -8.62 11.74 9.24
CA PRO A 71 -9.52 12.56 8.39
C PRO A 71 -9.50 12.17 6.90
N LEU A 72 -8.47 11.50 6.45
CA LEU A 72 -8.40 11.07 5.06
C LEU A 72 -9.24 9.81 4.88
N PHE A 73 -9.12 8.91 5.84
CA PHE A 73 -9.87 7.65 5.85
C PHE A 73 -11.35 7.87 6.14
N ARG A 74 -11.64 9.08 6.61
CA ARG A 74 -12.98 9.54 6.88
C ARG A 74 -13.86 9.38 5.62
N ASN A 75 -13.25 9.50 4.47
CA ASN A 75 -13.93 9.31 3.21
C ASN A 75 -13.02 8.52 2.28
N SER A 76 -13.26 7.23 2.20
CA SER A 76 -12.45 6.34 1.40
C SER A 76 -13.27 5.14 0.89
N ARG A 77 -12.66 4.40 -0.02
CA ARG A 77 -13.22 3.19 -0.63
C ARG A 77 -12.39 2.03 -0.15
N MET A 78 -12.97 0.87 0.12
CA MET A 78 -12.15 -0.15 0.71
C MET A 78 -11.67 -1.13 -0.31
N VAL A 79 -10.53 -1.71 -0.05
CA VAL A 79 -9.93 -2.66 -0.93
C VAL A 79 -9.42 -3.86 -0.12
N GLN A 80 -9.32 -4.97 -0.78
CA GLN A 80 -8.74 -6.17 -0.24
C GLN A 80 -7.69 -6.64 -1.20
N PHE A 81 -6.54 -6.90 -0.69
CA PHE A 81 -5.43 -7.38 -1.45
C PHE A 81 -5.10 -8.80 -1.06
N HIS A 82 -5.21 -9.68 -1.99
CA HIS A 82 -4.81 -11.03 -1.78
C HIS A 82 -3.76 -11.36 -2.79
N PHE A 83 -2.63 -11.79 -2.32
CA PHE A 83 -1.56 -12.13 -3.19
C PHE A 83 -1.75 -13.51 -3.75
N THR A 84 -1.19 -13.73 -4.90
CA THR A 84 -1.37 -14.94 -5.68
C THR A 84 -0.66 -16.16 -5.08
N ASN A 85 0.18 -15.93 -4.07
CA ASN A 85 0.94 -16.98 -3.37
C ASN A 85 1.90 -17.69 -4.32
N LYS A 86 2.35 -16.96 -5.35
CA LYS A 86 3.29 -17.52 -6.33
C LYS A 86 4.62 -17.85 -5.69
N ASP A 87 5.13 -16.94 -4.90
CA ASP A 87 6.37 -17.20 -4.20
C ASP A 87 6.17 -16.85 -2.75
N LEU A 88 6.00 -17.87 -1.96
CA LEU A 88 5.68 -17.73 -0.55
C LEU A 88 6.81 -17.11 0.23
N GLU A 89 8.04 -17.39 -0.16
CA GLU A 89 9.18 -16.86 0.56
C GLU A 89 9.34 -15.37 0.37
N SER A 90 9.05 -14.88 -0.82
CA SER A 90 9.06 -13.45 -1.07
C SER A 90 7.96 -12.76 -0.24
N LEU A 91 6.81 -13.45 -0.13
CA LEU A 91 5.70 -12.97 0.68
C LEU A 91 6.06 -12.96 2.15
N LYS A 92 6.75 -14.01 2.60
CA LYS A 92 7.13 -14.16 4.02
C LYS A 92 7.91 -12.95 4.52
N GLY A 93 8.81 -12.43 3.68
CA GLY A 93 9.56 -11.26 4.04
C GLY A 93 8.67 -10.04 4.24
N LEU A 94 7.75 -9.84 3.30
CA LEU A 94 6.83 -8.73 3.34
C LEU A 94 5.85 -8.88 4.52
N TYR A 95 5.38 -10.10 4.73
CA TYR A 95 4.46 -10.43 5.82
C TYR A 95 5.12 -10.14 7.15
N ARG A 96 6.40 -10.44 7.24
CA ARG A 96 7.16 -10.18 8.45
C ARG A 96 7.27 -8.68 8.66
N ILE A 97 7.58 -7.93 7.60
CA ILE A 97 7.74 -6.48 7.72
C ILE A 97 6.43 -5.82 8.12
N MET A 98 5.37 -6.13 7.42
CA MET A 98 4.09 -5.50 7.69
C MET A 98 3.47 -6.01 8.97
N GLY A 99 3.65 -7.30 9.24
CA GLY A 99 3.16 -7.90 10.45
C GLY A 99 3.89 -7.38 11.68
N ASN A 100 5.07 -6.79 11.46
CA ASN A 100 5.92 -6.22 12.50
C ASN A 100 5.47 -4.78 12.84
N GLY A 101 4.38 -4.35 12.25
CA GLY A 101 3.86 -3.02 12.52
C GLY A 101 4.24 -2.01 11.47
N PHE A 102 4.41 -2.48 10.26
CA PHE A 102 4.64 -1.60 9.15
C PHE A 102 3.46 -1.63 8.21
N ALA A 103 3.20 -0.54 7.60
CA ALA A 103 2.13 -0.39 6.66
C ALA A 103 2.72 -0.05 5.34
N GLY A 104 1.99 -0.27 4.29
CA GLY A 104 2.49 0.03 2.99
C GLY A 104 1.64 1.05 2.32
N CYS A 105 2.19 2.19 2.05
CA CYS A 105 1.45 3.19 1.36
C CYS A 105 1.61 2.98 -0.13
N VAL A 106 0.51 2.92 -0.82
CA VAL A 106 0.51 2.67 -2.22
C VAL A 106 0.32 3.97 -2.95
N HIS A 107 1.27 4.27 -3.75
CA HIS A 107 1.25 5.41 -4.59
C HIS A 107 1.19 4.89 -6.01
N PHE A 108 0.33 5.47 -6.78
CA PHE A 108 0.16 5.09 -8.15
C PHE A 108 1.20 5.80 -9.00
N PRO A 109 1.91 5.06 -9.89
CA PRO A 109 2.92 5.65 -10.84
C PRO A 109 2.34 6.66 -11.85
N HIS A 110 1.09 6.90 -11.70
CA HIS A 110 0.42 7.92 -12.45
C HIS A 110 0.23 9.08 -11.54
N THR A 111 0.85 10.17 -11.87
CA THR A 111 0.83 11.34 -11.07
C THR A 111 0.02 12.44 -11.74
N ALA A 112 -1.03 12.05 -12.42
CA ALA A 112 -1.88 12.99 -13.11
C ALA A 112 -2.71 13.78 -12.09
N PRO A 113 -2.68 15.14 -12.15
CA PRO A 113 -3.42 16.02 -11.22
C PRO A 113 -4.93 15.88 -11.37
N CYS A 114 -5.33 15.11 -12.38
CA CYS A 114 -6.73 14.79 -12.64
C CYS A 114 -7.25 13.76 -11.61
N GLU A 115 -6.35 13.36 -10.70
CA GLU A 115 -6.66 12.56 -9.52
C GLU A 115 -6.78 11.06 -9.76
N VAL A 116 -5.68 10.37 -9.56
CA VAL A 116 -5.63 8.92 -9.60
C VAL A 116 -5.88 8.41 -8.17
N ARG A 117 -5.74 9.36 -7.20
CA ARG A 117 -5.94 9.15 -5.75
C ARG A 117 -4.77 8.37 -5.18
N VAL A 118 -4.80 8.05 -3.89
CA VAL A 118 -3.71 7.23 -3.31
C VAL A 118 -4.28 6.22 -2.36
N LEU A 119 -3.53 5.20 -2.03
CA LEU A 119 -4.09 4.08 -1.30
C LEU A 119 -3.19 3.62 -0.14
N MET A 120 -3.82 3.08 0.90
CA MET A 120 -3.10 2.50 2.05
C MET A 120 -3.26 0.99 2.02
N LEU A 121 -2.20 0.28 2.37
CA LEU A 121 -2.22 -1.16 2.39
C LEU A 121 -1.76 -1.65 3.77
N LEU A 122 -2.60 -2.43 4.39
CA LEU A 122 -2.35 -2.98 5.70
C LEU A 122 -2.52 -4.48 5.68
N TYR A 123 -1.66 -5.20 6.35
CA TYR A 123 -1.79 -6.63 6.41
C TYR A 123 -2.55 -7.01 7.66
N SER A 124 -3.62 -7.75 7.48
CA SER A 124 -4.37 -8.23 8.58
C SER A 124 -4.09 -9.73 8.70
N SER A 125 -3.38 -10.07 9.76
CA SER A 125 -2.89 -11.42 10.00
C SER A 125 -4.02 -12.40 10.32
N LYS A 126 -5.05 -11.96 11.02
CA LYS A 126 -6.14 -12.87 11.38
C LYS A 126 -7.05 -13.11 10.20
N LYS A 127 -7.11 -12.13 9.34
CA LYS A 127 -7.94 -12.22 8.14
C LYS A 127 -7.16 -12.87 7.02
N LYS A 128 -5.84 -13.01 7.26
CA LYS A 128 -4.87 -13.57 6.32
C LYS A 128 -4.84 -12.81 5.01
N ILE A 129 -5.19 -11.53 5.06
CA ILE A 129 -5.26 -10.73 3.86
C ILE A 129 -4.82 -9.33 4.10
N PHE A 130 -4.60 -8.64 3.05
CA PHE A 130 -4.26 -7.27 3.12
C PHE A 130 -5.52 -6.49 2.88
N MET A 131 -5.71 -5.47 3.61
CA MET A 131 -6.88 -4.66 3.50
C MET A 131 -6.44 -3.22 3.46
N GLY A 132 -7.10 -2.43 2.69
CA GLY A 132 -6.70 -1.07 2.60
C GLY A 132 -7.84 -0.16 2.27
N LEU A 133 -7.69 1.09 2.58
CA LEU A 133 -8.62 2.11 2.16
C LEU A 133 -7.93 3.07 1.22
N ILE A 134 -8.62 3.47 0.19
CA ILE A 134 -8.06 4.43 -0.74
C ILE A 134 -8.70 5.82 -0.59
N PRO A 135 -7.94 6.78 -0.03
CA PRO A 135 -8.33 8.18 0.03
C PRO A 135 -8.29 8.88 -1.34
N TYR A 136 -9.32 9.69 -1.55
CA TYR A 136 -9.53 10.45 -2.76
C TYR A 136 -8.54 11.58 -2.86
N ASP A 137 -8.36 12.29 -1.77
CA ASP A 137 -7.52 13.47 -1.80
C ASP A 137 -6.08 13.11 -1.66
N GLN A 138 -5.39 13.18 -2.75
CA GLN A 138 -3.99 12.85 -2.79
C GLN A 138 -3.16 13.86 -2.01
N SER A 139 -3.54 15.15 -2.03
CA SER A 139 -2.72 16.18 -1.44
C SER A 139 -2.58 16.01 0.06
N GLY A 140 -3.68 15.78 0.75
CA GLY A 140 -3.65 15.65 2.17
C GLY A 140 -3.02 14.35 2.62
N PHE A 141 -3.31 13.28 1.89
CA PHE A 141 -2.80 11.99 2.27
C PHE A 141 -1.30 11.89 2.03
N VAL A 142 -0.84 12.32 0.85
CA VAL A 142 0.60 12.28 0.53
C VAL A 142 1.37 13.20 1.49
N ASN A 143 0.76 14.35 1.79
CA ASN A 143 1.30 15.32 2.76
C ASN A 143 1.45 14.66 4.13
N GLY A 144 0.47 13.88 4.50
CA GLY A 144 0.49 13.15 5.74
C GLY A 144 1.56 12.09 5.73
N ILE A 145 1.67 11.39 4.61
CA ILE A 145 2.68 10.36 4.42
C ILE A 145 4.08 10.96 4.51
N ARG A 146 4.25 12.18 4.01
CA ARG A 146 5.52 12.89 4.10
C ARG A 146 5.97 13.01 5.56
N GLN A 147 5.01 13.26 6.43
CA GLN A 147 5.26 13.35 7.87
C GLN A 147 5.67 11.97 8.41
N VAL A 148 4.99 10.93 7.93
CA VAL A 148 5.28 9.55 8.31
C VAL A 148 6.70 9.17 7.85
N ILE A 149 7.03 9.54 6.63
CA ILE A 149 8.35 9.31 6.03
C ILE A 149 9.42 10.01 6.89
N THR A 150 9.12 11.24 7.27
CA THR A 150 10.00 12.05 8.07
C THR A 150 10.24 11.44 9.46
N ASN A 151 9.20 10.86 10.04
CA ASN A 151 9.30 10.19 11.34
C ASN A 151 10.16 8.94 11.22
N LEU A 152 10.01 8.25 10.09
CA LEU A 152 10.78 7.05 9.79
C LEU A 152 12.27 7.42 9.61
N GLU A 153 12.51 8.65 9.21
CA GLU A 153 13.86 9.17 9.08
C GLU A 153 14.50 9.44 10.43
N HIS A 154 13.68 9.72 11.42
CA HIS A 154 14.18 9.88 12.77
C HIS A 154 14.42 8.50 13.34
N HIS A 155 13.46 7.63 13.08
CA HIS A 155 13.50 6.22 13.42
C HIS A 155 13.76 5.97 14.90
N HIS A 156 12.73 6.02 15.68
CA HIS A 156 12.86 5.78 17.08
C HIS A 156 12.67 4.30 17.34
N HIS A 157 13.74 3.57 17.26
CA HIS A 157 13.70 2.17 17.56
C HIS A 157 13.82 2.00 19.05
N HIS A 158 13.15 0.99 19.58
CA HIS A 158 13.21 0.69 21.00
C HIS A 158 14.66 0.41 21.42
N HIS A 159 15.30 -0.51 20.72
CA HIS A 159 16.68 -0.88 20.92
C HIS A 159 16.96 -1.97 19.91
N MET A 1 -22.29 -9.94 -13.41
CA MET A 1 -22.43 -11.40 -13.40
C MET A 1 -21.72 -11.88 -12.15
N SER A 2 -22.08 -13.06 -11.63
CA SER A 2 -21.47 -13.70 -10.44
C SER A 2 -21.91 -13.02 -9.13
N VAL A 3 -21.55 -11.73 -8.98
CA VAL A 3 -21.83 -10.93 -7.79
C VAL A 3 -21.09 -11.48 -6.57
N SER A 4 -19.95 -10.94 -6.29
CA SER A 4 -19.20 -11.35 -5.15
C SER A 4 -19.49 -10.41 -3.98
N ASN A 5 -18.89 -10.69 -2.84
CA ASN A 5 -19.07 -9.85 -1.65
C ASN A 5 -18.38 -8.52 -1.86
N LYS A 6 -17.20 -8.57 -2.42
CA LYS A 6 -16.49 -7.41 -2.85
C LYS A 6 -16.43 -7.44 -4.35
N LEU A 7 -16.18 -6.33 -4.95
CA LEU A 7 -16.19 -6.26 -6.39
C LEU A 7 -14.80 -6.55 -6.94
N LEU A 8 -14.71 -7.56 -7.80
CA LEU A 8 -13.46 -7.88 -8.47
C LEU A 8 -13.07 -6.70 -9.32
N ALA A 9 -11.97 -6.09 -9.01
CA ALA A 9 -11.62 -4.86 -9.64
C ALA A 9 -10.31 -4.93 -10.41
N TRP A 10 -9.25 -5.36 -9.76
CA TRP A 10 -7.96 -5.25 -10.39
C TRP A 10 -7.03 -6.39 -10.03
N SER A 11 -6.41 -6.92 -11.03
CA SER A 11 -5.35 -7.86 -10.86
C SER A 11 -4.11 -7.14 -11.32
N GLY A 12 -3.15 -7.00 -10.43
CA GLY A 12 -1.98 -6.27 -10.79
C GLY A 12 -0.81 -6.62 -9.94
N VAL A 13 0.26 -5.90 -10.13
CA VAL A 13 1.49 -6.15 -9.45
C VAL A 13 1.88 -4.91 -8.67
N LEU A 14 2.43 -5.12 -7.51
CA LEU A 14 2.87 -4.03 -6.70
C LEU A 14 4.36 -4.08 -6.62
N GLU A 15 4.95 -2.95 -6.71
CA GLU A 15 6.35 -2.83 -6.58
C GLU A 15 6.65 -2.01 -5.36
N TRP A 16 7.44 -2.56 -4.52
CA TRP A 16 7.74 -1.95 -3.27
C TRP A 16 9.22 -1.76 -3.10
N GLN A 17 9.55 -0.72 -2.40
CA GLN A 17 10.90 -0.37 -2.11
C GLN A 17 10.93 0.11 -0.68
N GLU A 18 11.96 -0.19 0.03
CA GLU A 18 12.03 0.11 1.44
C GLU A 18 13.19 1.03 1.76
N LYS A 19 13.24 1.47 2.99
CA LYS A 19 14.29 2.31 3.49
C LYS A 19 14.97 1.60 4.65
N PRO A 20 16.23 1.17 4.49
CA PRO A 20 17.00 0.57 5.58
C PRO A 20 17.24 1.62 6.65
N LYS A 21 17.85 2.71 6.20
CA LYS A 21 18.13 3.94 6.92
C LYS A 21 19.15 4.64 6.08
N PRO A 22 19.09 5.97 5.94
CA PRO A 22 20.12 6.71 5.24
C PRO A 22 21.46 6.56 5.98
N ALA A 23 22.36 5.81 5.39
CA ALA A 23 23.70 5.62 5.93
C ALA A 23 24.62 6.66 5.31
N SER A 24 24.09 7.33 4.33
CA SER A 24 24.74 8.38 3.67
C SER A 24 23.67 9.45 3.42
N VAL A 25 23.94 10.42 2.57
CA VAL A 25 22.97 11.45 2.28
C VAL A 25 21.84 10.89 1.39
N ASP A 26 22.19 10.01 0.49
CA ASP A 26 21.22 9.39 -0.39
C ASP A 26 20.79 8.06 0.19
N ALA A 27 19.53 7.95 0.50
CA ALA A 27 18.97 6.76 1.12
C ALA A 27 18.53 5.70 0.11
N ASN A 28 18.63 6.01 -1.16
CA ASN A 28 18.13 5.10 -2.17
C ASN A 28 19.16 4.04 -2.53
N THR A 29 19.26 3.07 -1.67
CA THR A 29 20.11 1.96 -1.88
C THR A 29 19.34 0.67 -1.61
N LYS A 30 18.46 0.38 -2.53
CA LYS A 30 17.65 -0.80 -2.51
C LYS A 30 17.06 -0.86 -3.88
N LEU A 31 16.50 -1.96 -4.26
CA LEU A 31 15.88 -2.05 -5.55
C LEU A 31 14.40 -2.29 -5.36
N THR A 32 13.62 -1.87 -6.32
CA THR A 32 12.21 -2.01 -6.26
C THR A 32 11.85 -3.45 -6.63
N ARG A 33 11.03 -4.10 -5.83
CA ARG A 33 10.69 -5.48 -6.08
C ARG A 33 9.20 -5.63 -6.28
N SER A 34 8.83 -6.56 -7.13
CA SER A 34 7.47 -6.74 -7.55
C SER A 34 6.82 -8.03 -7.02
N LEU A 35 5.57 -7.91 -6.64
CA LEU A 35 4.73 -9.02 -6.19
C LEU A 35 3.33 -8.90 -6.80
N PRO A 36 2.84 -9.94 -7.50
CA PRO A 36 1.50 -9.96 -8.07
C PRO A 36 0.43 -10.19 -6.99
N CYS A 37 -0.72 -9.60 -7.18
CA CYS A 37 -1.78 -9.67 -6.22
C CYS A 37 -3.14 -9.65 -6.90
N GLN A 38 -4.17 -9.96 -6.14
CA GLN A 38 -5.55 -9.91 -6.58
C GLN A 38 -6.24 -8.89 -5.72
N VAL A 39 -6.94 -7.96 -6.34
CA VAL A 39 -7.57 -6.88 -5.63
C VAL A 39 -9.06 -6.79 -5.89
N TYR A 40 -9.79 -6.84 -4.82
CA TYR A 40 -11.20 -6.66 -4.83
C TYR A 40 -11.46 -5.33 -4.18
N VAL A 41 -12.59 -4.75 -4.43
CA VAL A 41 -12.90 -3.50 -3.79
C VAL A 41 -14.18 -3.64 -3.01
N ASN A 42 -14.21 -3.05 -1.85
CA ASN A 42 -15.41 -3.00 -1.08
C ASN A 42 -16.09 -1.68 -1.36
N HIS A 43 -17.40 -1.84 -1.63
CA HIS A 43 -18.36 -0.86 -2.18
C HIS A 43 -18.20 0.58 -1.72
N GLY A 44 -18.64 1.49 -2.58
CA GLY A 44 -18.56 2.90 -2.31
C GLY A 44 -17.53 3.53 -3.21
N GLU A 45 -16.92 2.69 -3.98
CA GLU A 45 -15.80 3.04 -4.82
C GLU A 45 -16.25 3.65 -6.15
N ASN A 46 -15.32 4.34 -6.79
CA ASN A 46 -15.44 4.78 -8.17
C ASN A 46 -14.07 4.74 -8.80
N LEU A 47 -13.78 3.65 -9.49
CA LEU A 47 -12.56 3.52 -10.23
C LEU A 47 -12.78 2.82 -11.56
N LYS A 48 -12.11 3.25 -12.57
CA LYS A 48 -12.04 2.48 -13.77
C LYS A 48 -10.65 1.85 -13.76
N THR A 49 -10.56 0.56 -13.51
CA THR A 49 -9.28 -0.14 -13.37
C THR A 49 -8.54 -0.26 -14.71
N GLU A 50 -9.25 0.03 -15.75
CA GLU A 50 -8.70 0.08 -17.08
C GLU A 50 -7.76 1.31 -17.21
N GLN A 51 -7.96 2.28 -16.32
CA GLN A 51 -7.15 3.49 -16.31
C GLN A 51 -6.14 3.40 -15.14
N TRP A 52 -6.04 2.23 -14.57
CA TRP A 52 -5.11 1.96 -13.50
C TRP A 52 -3.80 1.43 -14.06
N PRO A 53 -2.67 1.85 -13.50
CA PRO A 53 -1.39 1.27 -13.83
C PRO A 53 -1.31 -0.14 -13.24
N GLN A 54 -0.66 -1.04 -13.94
CA GLN A 54 -0.54 -2.42 -13.50
C GLN A 54 0.57 -2.58 -12.46
N LYS A 55 1.28 -1.50 -12.24
CA LYS A 55 2.35 -1.43 -11.26
C LYS A 55 2.13 -0.24 -10.35
N LEU A 56 2.00 -0.49 -9.08
CA LEU A 56 1.82 0.56 -8.09
C LEU A 56 3.01 0.53 -7.15
N ILE A 57 3.42 1.68 -6.65
CA ILE A 57 4.61 1.77 -5.82
C ILE A 57 4.21 1.81 -4.34
N MET A 58 4.72 0.88 -3.57
CA MET A 58 4.43 0.81 -2.16
C MET A 58 5.66 1.11 -1.32
N GLN A 59 5.48 1.92 -0.30
CA GLN A 59 6.53 2.25 0.63
C GLN A 59 6.11 1.77 2.01
N LEU A 60 6.98 1.07 2.68
CA LEU A 60 6.68 0.54 4.00
C LEU A 60 6.99 1.58 5.08
N ILE A 61 6.00 1.88 5.89
CA ILE A 61 6.10 2.91 6.92
C ILE A 61 5.54 2.39 8.26
N PRO A 62 5.89 2.99 9.40
CA PRO A 62 5.32 2.60 10.70
C PRO A 62 3.81 2.85 10.77
N GLN A 63 3.07 1.82 11.17
CA GLN A 63 1.62 1.87 11.31
C GLN A 63 1.19 2.87 12.38
N GLN A 64 2.04 3.06 13.38
CA GLN A 64 1.75 3.94 14.51
C GLN A 64 1.45 5.37 14.04
N LEU A 65 2.22 5.82 13.09
CA LEU A 65 2.17 7.19 12.62
C LEU A 65 0.96 7.43 11.73
N LEU A 66 0.26 6.36 11.39
CA LEU A 66 -0.87 6.41 10.51
C LEU A 66 -2.07 7.08 11.17
N THR A 67 -2.04 7.21 12.50
CA THR A 67 -3.13 7.84 13.23
C THR A 67 -3.33 9.31 12.78
N THR A 68 -2.27 9.92 12.27
CA THR A 68 -2.28 11.29 11.81
C THR A 68 -3.11 11.42 10.49
N LEU A 69 -3.31 10.31 9.81
CA LEU A 69 -4.01 10.28 8.51
C LEU A 69 -5.47 9.95 8.67
N GLY A 70 -5.85 9.83 9.92
CA GLY A 70 -7.24 9.51 10.32
C GLY A 70 -8.35 10.22 9.50
N PRO A 71 -8.35 11.58 9.39
CA PRO A 71 -9.37 12.31 8.60
C PRO A 71 -9.47 11.91 7.11
N LEU A 72 -8.43 11.31 6.56
CA LEU A 72 -8.42 10.92 5.15
C LEU A 72 -9.27 9.68 4.92
N PHE A 73 -9.24 8.79 5.89
CA PHE A 73 -9.94 7.52 5.82
C PHE A 73 -11.46 7.67 5.91
N ARG A 74 -11.89 8.86 6.30
CA ARG A 74 -13.32 9.17 6.40
C ARG A 74 -14.01 9.04 5.03
N ASN A 75 -13.30 9.43 3.98
CA ASN A 75 -13.79 9.28 2.61
C ASN A 75 -12.83 8.46 1.82
N SER A 76 -13.03 7.19 1.86
CA SER A 76 -12.18 6.27 1.20
C SER A 76 -13.03 5.11 0.67
N ARG A 77 -12.49 4.43 -0.27
CA ARG A 77 -13.09 3.27 -0.90
C ARG A 77 -12.27 2.08 -0.48
N MET A 78 -12.90 0.95 -0.24
CA MET A 78 -12.14 -0.12 0.35
C MET A 78 -11.68 -1.11 -0.67
N VAL A 79 -10.59 -1.77 -0.35
CA VAL A 79 -9.99 -2.77 -1.19
C VAL A 79 -9.62 -3.98 -0.35
N GLN A 80 -9.42 -5.08 -1.01
CA GLN A 80 -8.92 -6.27 -0.39
C GLN A 80 -7.82 -6.81 -1.26
N PHE A 81 -6.68 -6.97 -0.70
CA PHE A 81 -5.55 -7.49 -1.39
C PHE A 81 -5.25 -8.87 -0.92
N HIS A 82 -5.02 -9.72 -1.87
CA HIS A 82 -4.57 -11.04 -1.59
C HIS A 82 -3.42 -11.30 -2.53
N PHE A 83 -2.30 -11.64 -2.00
CA PHE A 83 -1.13 -11.88 -2.81
C PHE A 83 -1.09 -13.29 -3.28
N THR A 84 -0.45 -13.51 -4.40
CA THR A 84 -0.34 -14.82 -4.93
C THR A 84 0.74 -15.57 -4.15
N ASN A 85 0.33 -16.64 -3.51
CA ASN A 85 1.20 -17.44 -2.66
C ASN A 85 2.10 -18.39 -3.46
N LYS A 86 2.57 -17.92 -4.60
CA LYS A 86 3.46 -18.70 -5.41
C LYS A 86 4.89 -18.54 -4.93
N ASP A 87 5.23 -17.34 -4.49
CA ASP A 87 6.55 -17.10 -3.97
C ASP A 87 6.44 -16.74 -2.50
N LEU A 88 6.45 -17.77 -1.68
CA LEU A 88 6.30 -17.63 -0.25
C LEU A 88 7.47 -16.91 0.40
N GLU A 89 8.65 -17.03 -0.19
CA GLU A 89 9.83 -16.40 0.37
C GLU A 89 9.82 -14.88 0.24
N SER A 90 9.39 -14.37 -0.91
CA SER A 90 9.31 -12.93 -1.11
C SER A 90 8.21 -12.37 -0.19
N LEU A 91 7.09 -13.09 -0.14
CA LEU A 91 5.97 -12.70 0.69
C LEU A 91 6.32 -12.76 2.17
N LYS A 92 7.22 -13.65 2.53
CA LYS A 92 7.64 -13.85 3.92
C LYS A 92 8.13 -12.55 4.53
N GLY A 93 8.96 -11.84 3.80
CA GLY A 93 9.48 -10.59 4.28
C GLY A 93 8.40 -9.55 4.44
N LEU A 94 7.49 -9.49 3.47
CA LEU A 94 6.40 -8.54 3.48
C LEU A 94 5.46 -8.86 4.68
N TYR A 95 5.16 -10.14 4.86
CA TYR A 95 4.34 -10.61 5.97
C TYR A 95 4.98 -10.28 7.31
N ARG A 96 6.30 -10.43 7.37
CA ARG A 96 7.04 -10.09 8.58
C ARG A 96 6.93 -8.61 8.87
N ILE A 97 7.20 -7.78 7.87
CA ILE A 97 7.13 -6.33 7.99
C ILE A 97 5.73 -5.89 8.44
N MET A 98 4.72 -6.47 7.82
CA MET A 98 3.33 -6.19 8.17
C MET A 98 3.01 -6.64 9.59
N GLY A 99 3.47 -7.82 9.95
CA GLY A 99 3.24 -8.36 11.28
C GLY A 99 3.98 -7.59 12.35
N ASN A 100 5.05 -6.90 11.95
CA ASN A 100 5.87 -6.08 12.86
C ASN A 100 5.20 -4.78 13.22
N GLY A 101 4.08 -4.49 12.58
CA GLY A 101 3.39 -3.27 12.89
C GLY A 101 3.69 -2.17 11.91
N PHE A 102 3.97 -2.53 10.69
CA PHE A 102 4.19 -1.57 9.63
C PHE A 102 2.99 -1.54 8.72
N ALA A 103 2.90 -0.50 7.96
CA ALA A 103 1.84 -0.29 7.00
C ALA A 103 2.46 -0.05 5.65
N GLY A 104 1.71 -0.26 4.60
CA GLY A 104 2.23 -0.06 3.29
C GLY A 104 1.48 1.02 2.55
N CYS A 105 2.10 2.14 2.38
CA CYS A 105 1.47 3.20 1.64
C CYS A 105 1.69 2.99 0.15
N VAL A 106 0.62 2.83 -0.56
CA VAL A 106 0.67 2.54 -1.96
C VAL A 106 0.31 3.79 -2.74
N HIS A 107 1.21 4.20 -3.55
CA HIS A 107 1.01 5.35 -4.38
C HIS A 107 0.91 4.92 -5.82
N PHE A 108 -0.04 5.49 -6.49
CA PHE A 108 -0.30 5.19 -7.86
C PHE A 108 0.37 6.25 -8.69
N PRO A 109 1.10 5.88 -9.75
CA PRO A 109 1.57 6.85 -10.72
C PRO A 109 0.34 7.44 -11.43
N HIS A 110 -0.15 8.55 -10.90
CA HIS A 110 -1.41 9.11 -11.33
C HIS A 110 -1.29 9.87 -12.65
N THR A 111 -2.19 9.55 -13.55
CA THR A 111 -2.26 10.21 -14.82
C THR A 111 -3.08 11.50 -14.65
N ALA A 112 -4.23 11.36 -14.04
CA ALA A 112 -5.14 12.44 -13.83
C ALA A 112 -4.77 13.22 -12.56
N PRO A 113 -5.00 14.53 -12.51
CA PRO A 113 -4.75 15.33 -11.32
C PRO A 113 -5.96 15.42 -10.37
N CYS A 114 -7.16 15.19 -10.88
CA CYS A 114 -8.35 15.33 -10.07
C CYS A 114 -9.05 13.96 -9.97
N GLU A 115 -8.28 12.93 -10.25
CA GLU A 115 -8.73 11.56 -10.18
C GLU A 115 -7.48 10.70 -10.07
N VAL A 116 -7.66 9.44 -9.68
CA VAL A 116 -6.58 8.50 -9.37
C VAL A 116 -6.02 8.89 -8.01
N ARG A 117 -6.50 8.18 -7.03
CA ARG A 117 -6.31 8.53 -5.64
C ARG A 117 -5.17 7.73 -5.05
N VAL A 118 -5.01 7.70 -3.72
CA VAL A 118 -3.86 6.96 -3.14
C VAL A 118 -4.35 5.89 -2.18
N LEU A 119 -3.50 4.93 -1.83
CA LEU A 119 -3.98 3.76 -1.09
C LEU A 119 -3.11 3.42 0.14
N MET A 120 -3.78 2.93 1.17
CA MET A 120 -3.13 2.42 2.37
C MET A 120 -3.36 0.92 2.46
N LEU A 121 -2.30 0.17 2.48
CA LEU A 121 -2.39 -1.26 2.56
C LEU A 121 -2.01 -1.73 3.96
N LEU A 122 -2.87 -2.50 4.55
CA LEU A 122 -2.69 -3.03 5.87
C LEU A 122 -3.00 -4.52 5.86
N TYR A 123 -2.35 -5.25 6.70
CA TYR A 123 -2.53 -6.68 6.76
C TYR A 123 -3.37 -7.07 7.95
N SER A 124 -4.39 -7.84 7.72
CA SER A 124 -5.19 -8.35 8.80
C SER A 124 -4.89 -9.83 8.93
N SER A 125 -4.24 -10.16 10.02
CA SER A 125 -3.79 -11.49 10.31
C SER A 125 -4.92 -12.47 10.60
N LYS A 126 -5.97 -11.98 11.23
CA LYS A 126 -7.08 -12.84 11.65
C LYS A 126 -7.95 -13.30 10.49
N LYS A 127 -8.09 -12.46 9.48
CA LYS A 127 -8.84 -12.84 8.30
C LYS A 127 -7.91 -13.32 7.20
N LYS A 128 -6.60 -13.24 7.50
CA LYS A 128 -5.52 -13.68 6.63
C LYS A 128 -5.55 -12.95 5.27
N ILE A 129 -5.90 -11.68 5.32
CA ILE A 129 -6.02 -10.90 4.09
C ILE A 129 -5.51 -9.50 4.29
N PHE A 130 -5.29 -8.81 3.22
CA PHE A 130 -4.83 -7.47 3.29
C PHE A 130 -6.00 -6.55 3.01
N MET A 131 -6.14 -5.56 3.82
CA MET A 131 -7.20 -4.62 3.71
C MET A 131 -6.61 -3.30 3.30
N GLY A 132 -7.39 -2.46 2.72
CA GLY A 132 -6.89 -1.21 2.35
C GLY A 132 -7.96 -0.24 2.05
N LEU A 133 -7.76 0.97 2.39
CA LEU A 133 -8.65 2.03 2.02
C LEU A 133 -7.93 2.97 1.11
N ILE A 134 -8.60 3.41 0.08
CA ILE A 134 -8.02 4.37 -0.81
C ILE A 134 -8.67 5.73 -0.58
N PRO A 135 -7.95 6.67 0.05
CA PRO A 135 -8.39 8.04 0.19
C PRO A 135 -8.37 8.79 -1.14
N TYR A 136 -9.49 9.50 -1.37
CA TYR A 136 -9.70 10.31 -2.54
C TYR A 136 -8.94 11.62 -2.50
N ASP A 137 -8.68 12.10 -1.30
CA ASP A 137 -7.91 13.32 -1.16
C ASP A 137 -6.46 12.95 -1.06
N GLN A 138 -5.80 12.88 -2.20
CA GLN A 138 -4.41 12.49 -2.24
C GLN A 138 -3.53 13.53 -1.56
N SER A 139 -3.93 14.76 -1.68
CA SER A 139 -3.16 15.89 -1.21
C SER A 139 -2.86 15.84 0.30
N GLY A 140 -3.87 15.60 1.10
CA GLY A 140 -3.67 15.55 2.52
C GLY A 140 -3.01 14.27 2.96
N PHE A 141 -3.34 13.20 2.26
CA PHE A 141 -2.82 11.90 2.61
C PHE A 141 -1.33 11.84 2.34
N VAL A 142 -0.93 12.28 1.16
CA VAL A 142 0.47 12.29 0.77
C VAL A 142 1.27 13.20 1.71
N ASN A 143 0.71 14.36 2.06
CA ASN A 143 1.35 15.30 2.99
C ASN A 143 1.64 14.62 4.33
N GLY A 144 0.67 13.91 4.85
CA GLY A 144 0.85 13.23 6.11
C GLY A 144 1.84 12.09 5.99
N ILE A 145 1.68 11.30 4.94
CA ILE A 145 2.54 10.14 4.69
C ILE A 145 3.99 10.55 4.46
N ARG A 146 4.21 11.72 3.84
CA ARG A 146 5.56 12.23 3.62
C ARG A 146 6.32 12.34 4.91
N GLN A 147 5.68 12.92 5.91
CA GLN A 147 6.28 13.08 7.23
C GLN A 147 6.55 11.71 7.84
N VAL A 148 5.61 10.80 7.64
CA VAL A 148 5.72 9.45 8.15
C VAL A 148 6.95 8.74 7.56
N ILE A 149 7.10 8.84 6.24
CA ILE A 149 8.25 8.23 5.54
C ILE A 149 9.55 8.86 6.04
N THR A 150 9.56 10.16 6.14
CA THR A 150 10.70 10.91 6.58
C THR A 150 11.10 10.54 8.03
N ASN A 151 10.09 10.36 8.88
CA ASN A 151 10.32 9.94 10.27
C ASN A 151 10.85 8.51 10.30
N LEU A 152 10.35 7.68 9.40
CA LEU A 152 10.80 6.32 9.24
C LEU A 152 12.29 6.29 8.82
N GLU A 153 12.71 7.24 8.01
CA GLU A 153 14.09 7.32 7.58
C GLU A 153 15.00 7.84 8.70
N HIS A 154 14.61 8.93 9.32
CA HIS A 154 15.45 9.55 10.37
C HIS A 154 15.42 8.77 11.67
N HIS A 155 14.22 8.42 12.11
CA HIS A 155 13.96 7.70 13.35
C HIS A 155 14.28 8.55 14.58
N HIS A 156 15.57 8.73 14.83
CA HIS A 156 16.11 9.38 16.03
C HIS A 156 15.78 8.55 17.26
N HIS A 157 14.57 8.67 17.74
CA HIS A 157 14.09 7.92 18.87
C HIS A 157 12.58 7.89 18.81
N HIS A 158 12.00 6.73 18.89
CA HIS A 158 10.56 6.62 18.80
C HIS A 158 9.91 6.81 20.17
N HIS A 159 9.76 8.05 20.55
CA HIS A 159 9.17 8.39 21.81
C HIS A 159 7.65 8.42 21.65
N MET A 1 -23.73 -8.44 -11.91
CA MET A 1 -23.86 -8.38 -10.47
C MET A 1 -22.51 -8.53 -9.76
N SER A 2 -21.84 -7.42 -9.51
CA SER A 2 -20.57 -7.42 -8.80
C SER A 2 -20.69 -6.71 -7.46
N VAL A 3 -21.91 -6.28 -7.15
CA VAL A 3 -22.18 -5.52 -5.92
C VAL A 3 -22.65 -6.51 -4.82
N SER A 4 -22.52 -7.78 -5.13
CA SER A 4 -22.94 -8.86 -4.26
C SER A 4 -22.16 -8.90 -2.92
N ASN A 5 -20.91 -8.45 -2.94
CA ASN A 5 -20.05 -8.46 -1.76
C ASN A 5 -18.78 -7.68 -2.07
N LYS A 6 -17.97 -8.26 -2.91
CA LYS A 6 -16.74 -7.66 -3.34
C LYS A 6 -16.83 -7.37 -4.81
N LEU A 7 -16.28 -6.27 -5.21
CA LEU A 7 -16.31 -5.87 -6.58
C LEU A 7 -14.90 -6.03 -7.15
N LEU A 8 -14.76 -6.86 -8.17
CA LEU A 8 -13.48 -7.03 -8.84
C LEU A 8 -13.13 -5.76 -9.60
N ALA A 9 -12.02 -5.17 -9.27
CA ALA A 9 -11.66 -3.92 -9.88
C ALA A 9 -10.34 -3.99 -10.63
N TRP A 10 -9.33 -4.58 -10.02
CA TRP A 10 -8.02 -4.55 -10.63
C TRP A 10 -7.22 -5.77 -10.27
N SER A 11 -6.37 -6.18 -11.15
CA SER A 11 -5.43 -7.23 -10.93
C SER A 11 -4.10 -6.76 -11.45
N GLY A 12 -3.14 -6.65 -10.56
CA GLY A 12 -1.88 -6.07 -10.93
C GLY A 12 -0.78 -6.47 -10.02
N VAL A 13 0.34 -5.87 -10.20
CA VAL A 13 1.52 -6.20 -9.48
C VAL A 13 1.94 -5.02 -8.58
N LEU A 14 2.44 -5.31 -7.41
CA LEU A 14 2.90 -4.31 -6.46
C LEU A 14 4.38 -4.45 -6.32
N GLU A 15 5.10 -3.36 -6.39
CA GLU A 15 6.54 -3.43 -6.33
C GLU A 15 7.04 -2.72 -5.07
N TRP A 16 7.98 -3.35 -4.34
CA TRP A 16 8.42 -2.83 -3.05
C TRP A 16 9.93 -3.01 -2.78
N GLN A 17 10.43 -2.14 -1.91
CA GLN A 17 11.81 -2.13 -1.44
C GLN A 17 11.84 -2.56 0.02
N GLU A 18 12.97 -3.04 0.52
CA GLU A 18 13.00 -3.63 1.85
C GLU A 18 14.01 -2.96 2.81
N LYS A 19 15.25 -3.42 2.84
CA LYS A 19 16.26 -2.91 3.77
C LYS A 19 17.05 -1.79 3.12
N PRO A 20 17.75 -0.94 3.91
CA PRO A 20 18.66 0.07 3.33
C PRO A 20 19.82 -0.61 2.59
N LYS A 21 20.41 -1.62 3.23
CA LYS A 21 21.48 -2.40 2.66
C LYS A 21 21.00 -3.83 2.47
N PRO A 22 21.05 -4.35 1.23
CA PRO A 22 20.53 -5.67 0.92
C PRO A 22 21.47 -6.79 1.37
N ALA A 23 22.69 -6.73 0.88
CA ALA A 23 23.69 -7.73 1.18
C ALA A 23 24.52 -7.29 2.38
N SER A 24 24.17 -6.13 2.93
CA SER A 24 24.85 -5.48 4.05
C SER A 24 26.23 -4.92 3.65
N VAL A 25 27.02 -5.73 2.93
CA VAL A 25 28.28 -5.28 2.36
C VAL A 25 28.01 -4.40 1.15
N ASP A 26 26.79 -4.50 0.67
CA ASP A 26 26.30 -3.69 -0.43
C ASP A 26 25.48 -2.59 0.20
N ALA A 27 25.64 -1.38 -0.26
CA ALA A 27 25.07 -0.25 0.40
C ALA A 27 23.63 0.10 -0.01
N ASN A 28 23.22 -0.26 -1.22
CA ASN A 28 21.92 0.23 -1.71
C ASN A 28 21.02 -0.85 -2.24
N THR A 29 19.89 -1.03 -1.61
CA THR A 29 18.90 -1.97 -2.09
C THR A 29 18.13 -1.37 -3.26
N LYS A 30 18.68 -1.51 -4.44
CA LYS A 30 18.00 -1.04 -5.62
C LYS A 30 17.34 -2.18 -6.33
N LEU A 31 17.38 -3.35 -5.71
CA LEU A 31 16.68 -4.48 -6.25
C LEU A 31 15.26 -4.34 -5.82
N THR A 32 14.43 -3.98 -6.72
CA THR A 32 13.08 -3.80 -6.41
C THR A 32 12.28 -4.94 -7.01
N ARG A 33 11.69 -5.69 -6.16
CA ARG A 33 10.94 -6.85 -6.55
C ARG A 33 9.46 -6.64 -6.34
N SER A 34 8.68 -7.39 -7.04
CA SER A 34 7.29 -7.13 -7.08
C SER A 34 6.45 -8.41 -6.85
N LEU A 35 5.20 -8.23 -6.45
CA LEU A 35 4.29 -9.32 -6.10
C LEU A 35 2.98 -9.18 -6.90
N PRO A 36 2.47 -10.28 -7.47
CA PRO A 36 1.18 -10.27 -8.20
C PRO A 36 -0.04 -10.39 -7.26
N CYS A 37 -1.03 -9.55 -7.44
CA CYS A 37 -2.18 -9.55 -6.57
C CYS A 37 -3.48 -9.26 -7.31
N GLN A 38 -4.58 -9.56 -6.67
CA GLN A 38 -5.89 -9.26 -7.16
C GLN A 38 -6.51 -8.29 -6.18
N VAL A 39 -7.04 -7.21 -6.69
CA VAL A 39 -7.55 -6.15 -5.87
C VAL A 39 -9.03 -5.97 -6.09
N TYR A 40 -9.74 -6.05 -5.02
CA TYR A 40 -11.15 -5.89 -5.01
C TYR A 40 -11.45 -4.61 -4.32
N VAL A 41 -12.59 -4.07 -4.59
CA VAL A 41 -13.00 -2.88 -3.93
C VAL A 41 -14.29 -3.16 -3.22
N ASN A 42 -14.43 -2.60 -2.06
CA ASN A 42 -15.70 -2.52 -1.47
C ASN A 42 -16.17 -1.18 -1.86
N HIS A 43 -17.40 -1.18 -2.37
CA HIS A 43 -17.93 -0.13 -3.18
C HIS A 43 -18.08 1.25 -2.55
N GLY A 44 -18.65 2.13 -3.32
CA GLY A 44 -18.64 3.54 -3.02
C GLY A 44 -17.72 4.16 -4.04
N GLU A 45 -17.04 3.26 -4.69
CA GLU A 45 -16.14 3.49 -5.73
C GLU A 45 -16.57 2.56 -6.86
N ASN A 46 -16.34 2.99 -8.05
CA ASN A 46 -16.57 2.22 -9.23
C ASN A 46 -15.77 2.87 -10.30
N LEU A 47 -14.66 2.29 -10.64
CA LEU A 47 -13.79 2.90 -11.60
C LEU A 47 -13.25 1.87 -12.55
N LYS A 48 -12.95 2.30 -13.74
CA LYS A 48 -12.25 1.45 -14.65
C LYS A 48 -10.78 1.74 -14.55
N THR A 49 -10.03 0.73 -14.25
CA THR A 49 -8.65 0.86 -13.91
C THR A 49 -7.71 0.94 -15.13
N GLU A 50 -8.15 1.63 -16.17
CA GLU A 50 -7.34 1.87 -17.36
C GLU A 50 -6.30 2.94 -17.04
N GLN A 51 -6.62 3.75 -16.05
CA GLN A 51 -5.79 4.87 -15.65
C GLN A 51 -4.78 4.43 -14.60
N TRP A 52 -4.83 3.16 -14.26
CA TRP A 52 -3.93 2.57 -13.30
C TRP A 52 -2.83 1.84 -14.01
N PRO A 53 -1.59 2.07 -13.63
CA PRO A 53 -0.47 1.28 -14.15
C PRO A 53 -0.57 -0.14 -13.60
N GLN A 54 0.12 -1.08 -14.21
CA GLN A 54 0.06 -2.47 -13.76
C GLN A 54 0.96 -2.69 -12.57
N LYS A 55 1.72 -1.67 -12.24
CA LYS A 55 2.64 -1.71 -11.14
C LYS A 55 2.40 -0.52 -10.24
N LEU A 56 2.20 -0.79 -8.97
CA LEU A 56 2.01 0.24 -7.97
C LEU A 56 3.18 0.25 -7.00
N ILE A 57 3.51 1.42 -6.47
CA ILE A 57 4.70 1.56 -5.66
C ILE A 57 4.33 1.48 -4.19
N MET A 58 4.94 0.54 -3.49
CA MET A 58 4.69 0.34 -2.08
C MET A 58 5.80 0.98 -1.28
N GLN A 59 5.45 1.94 -0.47
CA GLN A 59 6.42 2.59 0.37
C GLN A 59 6.14 2.21 1.82
N LEU A 60 7.06 1.49 2.40
CA LEU A 60 6.93 1.02 3.76
C LEU A 60 7.18 2.15 4.75
N ILE A 61 6.24 2.34 5.64
CA ILE A 61 6.27 3.37 6.67
C ILE A 61 5.80 2.73 7.98
N PRO A 62 6.08 3.32 9.15
CA PRO A 62 5.61 2.75 10.41
C PRO A 62 4.09 2.91 10.57
N GLN A 63 3.43 1.80 10.87
CA GLN A 63 1.98 1.74 11.08
C GLN A 63 1.56 2.59 12.28
N GLN A 64 2.50 2.76 13.18
CA GLN A 64 2.29 3.51 14.41
C GLN A 64 1.86 4.95 14.13
N LEU A 65 2.44 5.54 13.10
CA LEU A 65 2.21 6.95 12.78
C LEU A 65 0.98 7.14 11.88
N LEU A 66 0.36 6.03 11.51
CA LEU A 66 -0.78 6.02 10.58
C LEU A 66 -2.04 6.58 11.23
N THR A 67 -2.11 6.51 12.55
CA THR A 67 -3.28 6.89 13.32
C THR A 67 -3.71 8.36 13.05
N THR A 68 -2.75 9.20 12.75
CA THR A 68 -2.97 10.60 12.51
C THR A 68 -3.68 10.85 11.15
N LEU A 69 -3.65 9.87 10.26
CA LEU A 69 -4.24 10.00 8.92
C LEU A 69 -5.72 9.64 8.93
N GLY A 70 -6.20 9.33 10.11
CA GLY A 70 -7.61 8.99 10.37
C GLY A 70 -8.65 9.86 9.61
N PRO A 71 -8.58 11.23 9.68
CA PRO A 71 -9.51 12.13 8.95
C PRO A 71 -9.66 11.81 7.45
N LEU A 72 -8.60 11.33 6.83
CA LEU A 72 -8.61 11.02 5.40
C LEU A 72 -9.41 9.75 5.15
N PHE A 73 -9.26 8.79 6.06
CA PHE A 73 -9.95 7.51 5.99
C PHE A 73 -11.44 7.67 6.22
N ARG A 74 -11.86 8.83 6.73
CA ARG A 74 -13.26 9.11 7.00
C ARG A 74 -14.07 9.21 5.70
N ASN A 75 -13.37 9.28 4.58
CA ASN A 75 -14.02 9.20 3.28
C ASN A 75 -13.14 8.40 2.34
N SER A 76 -13.36 7.13 2.29
CA SER A 76 -12.56 6.26 1.51
C SER A 76 -13.35 5.09 0.96
N ARG A 77 -12.72 4.39 0.08
CA ARG A 77 -13.19 3.20 -0.60
C ARG A 77 -12.39 2.05 -0.11
N MET A 78 -12.99 0.91 0.06
CA MET A 78 -12.27 -0.17 0.68
C MET A 78 -11.75 -1.06 -0.39
N VAL A 79 -10.63 -1.67 -0.14
CA VAL A 79 -10.05 -2.57 -1.09
C VAL A 79 -9.52 -3.77 -0.35
N GLN A 80 -9.49 -4.87 -1.03
CA GLN A 80 -9.00 -6.08 -0.48
C GLN A 80 -7.95 -6.63 -1.40
N PHE A 81 -6.82 -6.95 -0.84
CA PHE A 81 -5.73 -7.49 -1.58
C PHE A 81 -5.55 -8.94 -1.27
N HIS A 82 -5.73 -9.71 -2.29
CA HIS A 82 -5.62 -11.12 -2.23
C HIS A 82 -4.59 -11.50 -3.27
N PHE A 83 -3.55 -12.15 -2.85
CA PHE A 83 -2.49 -12.51 -3.76
C PHE A 83 -2.79 -13.87 -4.36
N THR A 84 -2.21 -14.16 -5.50
CA THR A 84 -2.40 -15.44 -6.14
C THR A 84 -1.64 -16.49 -5.32
N ASN A 85 -0.36 -16.48 -5.46
CA ASN A 85 0.48 -17.18 -4.55
C ASN A 85 0.79 -16.21 -3.54
N LYS A 86 0.89 -16.66 -2.35
CA LYS A 86 1.29 -15.85 -1.26
C LYS A 86 2.77 -15.62 -1.35
N ASP A 87 3.39 -16.26 -2.40
CA ASP A 87 4.82 -16.24 -2.73
C ASP A 87 5.55 -16.40 -1.48
N LEU A 88 5.37 -17.57 -1.01
CA LEU A 88 5.68 -18.04 0.32
C LEU A 88 7.09 -17.66 0.83
N GLU A 89 8.07 -17.61 -0.03
CA GLU A 89 9.39 -17.12 0.38
C GLU A 89 9.38 -15.59 0.62
N SER A 90 8.88 -14.85 -0.38
CA SER A 90 8.94 -13.39 -0.36
C SER A 90 7.99 -12.77 0.68
N LEU A 91 6.75 -13.23 0.69
CA LEU A 91 5.80 -12.65 1.61
C LEU A 91 6.03 -13.07 3.03
N LYS A 92 6.75 -14.16 3.24
CA LYS A 92 7.09 -14.56 4.60
C LYS A 92 7.96 -13.46 5.24
N GLY A 93 8.79 -12.84 4.42
CA GLY A 93 9.56 -11.71 4.85
C GLY A 93 8.66 -10.50 5.09
N LEU A 94 7.78 -10.24 4.13
CA LEU A 94 6.85 -9.12 4.15
C LEU A 94 5.89 -9.21 5.36
N TYR A 95 5.44 -10.41 5.67
CA TYR A 95 4.55 -10.64 6.80
C TYR A 95 5.22 -10.25 8.09
N ARG A 96 6.51 -10.55 8.20
CA ARG A 96 7.27 -10.18 9.38
C ARG A 96 7.42 -8.65 9.44
N ILE A 97 7.60 -8.03 8.29
CA ILE A 97 7.73 -6.57 8.21
C ILE A 97 6.44 -5.90 8.64
N MET A 98 5.34 -6.36 8.09
CA MET A 98 4.02 -5.84 8.44
C MET A 98 3.70 -6.13 9.90
N GLY A 99 4.14 -7.28 10.38
CA GLY A 99 3.92 -7.67 11.76
C GLY A 99 4.83 -6.92 12.71
N ASN A 100 5.86 -6.27 12.17
CA ASN A 100 6.82 -5.49 12.96
C ASN A 100 6.26 -4.09 13.21
N GLY A 101 5.09 -3.83 12.69
CA GLY A 101 4.46 -2.55 12.89
C GLY A 101 4.65 -1.61 11.72
N PHE A 102 4.76 -2.17 10.55
CA PHE A 102 4.87 -1.37 9.35
C PHE A 102 3.60 -1.40 8.55
N ALA A 103 3.47 -0.45 7.67
CA ALA A 103 2.36 -0.32 6.78
C ALA A 103 2.92 0.05 5.43
N GLY A 104 2.17 -0.18 4.39
CA GLY A 104 2.65 0.11 3.09
C GLY A 104 1.79 1.12 2.41
N CYS A 105 2.27 2.32 2.30
CA CYS A 105 1.51 3.32 1.60
C CYS A 105 1.79 3.15 0.13
N VAL A 106 0.76 2.97 -0.62
CA VAL A 106 0.90 2.72 -2.01
C VAL A 106 0.57 3.98 -2.78
N HIS A 107 1.53 4.41 -3.54
CA HIS A 107 1.38 5.52 -4.41
C HIS A 107 1.35 5.02 -5.82
N PHE A 108 0.55 5.65 -6.60
CA PHE A 108 0.32 5.25 -7.95
C PHE A 108 1.16 6.09 -8.89
N PRO A 109 1.90 5.44 -9.80
CA PRO A 109 2.63 6.16 -10.86
C PRO A 109 1.66 6.96 -11.74
N HIS A 110 2.20 7.90 -12.49
CA HIS A 110 1.38 8.80 -13.25
C HIS A 110 0.85 8.13 -14.53
N THR A 111 -0.45 8.07 -14.64
CA THR A 111 -1.15 7.54 -15.79
C THR A 111 -2.51 8.24 -15.87
N ALA A 112 -3.17 8.32 -14.73
CA ALA A 112 -4.43 9.06 -14.60
C ALA A 112 -4.16 10.55 -14.87
N PRO A 113 -5.19 11.33 -15.30
CA PRO A 113 -5.01 12.76 -15.69
C PRO A 113 -4.38 13.62 -14.57
N CYS A 114 -4.69 13.28 -13.33
CA CYS A 114 -4.17 13.98 -12.17
C CYS A 114 -4.71 13.30 -10.93
N GLU A 115 -6.00 13.07 -10.93
CA GLU A 115 -6.65 12.39 -9.85
C GLU A 115 -6.46 10.90 -10.00
N VAL A 116 -5.58 10.35 -9.22
CA VAL A 116 -5.31 8.93 -9.29
C VAL A 116 -5.79 8.24 -8.01
N ARG A 117 -5.85 9.03 -6.89
CA ARG A 117 -6.27 8.57 -5.54
C ARG A 117 -5.15 7.71 -4.94
N VAL A 118 -5.00 7.69 -3.63
CA VAL A 118 -3.84 6.95 -3.09
C VAL A 118 -4.27 5.88 -2.14
N LEU A 119 -3.42 4.91 -1.91
CA LEU A 119 -3.81 3.74 -1.17
C LEU A 119 -2.96 3.48 0.08
N MET A 120 -3.62 3.03 1.12
CA MET A 120 -2.93 2.57 2.31
C MET A 120 -3.10 1.07 2.38
N LEU A 121 -2.02 0.35 2.25
CA LEU A 121 -2.08 -1.09 2.28
C LEU A 121 -1.65 -1.60 3.63
N LEU A 122 -2.51 -2.36 4.24
CA LEU A 122 -2.29 -2.90 5.53
C LEU A 122 -2.47 -4.39 5.51
N TYR A 123 -1.77 -5.04 6.34
CA TYR A 123 -1.81 -6.46 6.42
C TYR A 123 -2.71 -6.89 7.54
N SER A 124 -3.61 -7.78 7.26
CA SER A 124 -4.43 -8.34 8.27
C SER A 124 -3.87 -9.71 8.58
N SER A 125 -3.28 -9.82 9.77
CA SER A 125 -2.71 -11.03 10.28
C SER A 125 -3.78 -12.07 10.61
N LYS A 126 -5.01 -11.59 10.78
CA LYS A 126 -6.14 -12.44 11.13
C LYS A 126 -6.43 -13.40 9.99
N LYS A 127 -6.43 -12.87 8.79
CA LYS A 127 -6.75 -13.66 7.63
C LYS A 127 -5.50 -13.99 6.82
N LYS A 128 -4.37 -13.35 7.17
CA LYS A 128 -3.07 -13.49 6.46
C LYS A 128 -3.15 -12.83 5.08
N ILE A 129 -4.00 -11.83 4.96
CA ILE A 129 -4.24 -11.16 3.68
C ILE A 129 -4.23 -9.67 3.82
N PHE A 130 -4.21 -8.95 2.74
CA PHE A 130 -4.02 -7.53 2.83
C PHE A 130 -5.32 -6.76 2.60
N MET A 131 -5.51 -5.74 3.38
CA MET A 131 -6.68 -4.88 3.31
C MET A 131 -6.20 -3.46 3.10
N GLY A 132 -7.04 -2.60 2.63
CA GLY A 132 -6.62 -1.26 2.47
C GLY A 132 -7.74 -0.34 2.12
N LEU A 133 -7.61 0.89 2.46
CA LEU A 133 -8.52 1.90 2.04
C LEU A 133 -7.81 2.86 1.15
N ILE A 134 -8.47 3.28 0.12
CA ILE A 134 -7.89 4.25 -0.76
C ILE A 134 -8.61 5.59 -0.56
N PRO A 135 -7.95 6.56 0.07
CA PRO A 135 -8.45 7.90 0.17
C PRO A 135 -8.48 8.64 -1.18
N TYR A 136 -9.63 9.28 -1.41
CA TYR A 136 -9.87 10.13 -2.56
C TYR A 136 -9.07 11.40 -2.34
N ASP A 137 -8.99 11.77 -1.07
CA ASP A 137 -8.23 12.92 -0.59
C ASP A 137 -6.75 12.66 -0.63
N GLN A 138 -6.26 12.50 -1.82
CA GLN A 138 -4.90 12.19 -2.08
C GLN A 138 -3.98 13.34 -1.69
N SER A 139 -4.42 14.55 -1.93
CA SER A 139 -3.62 15.73 -1.65
C SER A 139 -3.34 15.88 -0.15
N GLY A 140 -4.35 15.61 0.66
CA GLY A 140 -4.19 15.67 2.09
C GLY A 140 -3.45 14.47 2.63
N PHE A 141 -3.81 13.30 2.13
CA PHE A 141 -3.24 12.05 2.60
C PHE A 141 -1.75 11.97 2.30
N VAL A 142 -1.37 12.30 1.06
CA VAL A 142 0.03 12.27 0.67
C VAL A 142 0.83 13.27 1.50
N ASN A 143 0.24 14.42 1.77
CA ASN A 143 0.86 15.46 2.59
C ASN A 143 1.11 14.97 4.02
N GLY A 144 0.18 14.20 4.54
CA GLY A 144 0.35 13.62 5.86
C GLY A 144 1.39 12.51 5.84
N ILE A 145 1.27 11.62 4.87
CA ILE A 145 2.18 10.48 4.71
C ILE A 145 3.61 10.93 4.44
N ARG A 146 3.76 12.02 3.72
CA ARG A 146 5.07 12.59 3.40
C ARG A 146 5.86 12.85 4.67
N GLN A 147 5.18 13.37 5.68
CA GLN A 147 5.77 13.65 6.97
C GLN A 147 6.16 12.34 7.64
N VAL A 148 5.29 11.35 7.53
CA VAL A 148 5.54 10.03 8.10
C VAL A 148 6.80 9.41 7.47
N ILE A 149 6.89 9.51 6.15
CA ILE A 149 8.05 9.01 5.40
C ILE A 149 9.32 9.74 5.84
N THR A 150 9.22 11.04 5.95
CA THR A 150 10.31 11.87 6.35
C THR A 150 10.71 11.64 7.82
N ASN A 151 9.73 11.39 8.66
CA ASN A 151 9.97 11.11 10.06
C ASN A 151 10.69 9.77 10.17
N LEU A 152 10.30 8.84 9.30
CA LEU A 152 10.94 7.54 9.18
C LEU A 152 12.41 7.72 8.78
N GLU A 153 12.65 8.65 7.85
CA GLU A 153 14.00 8.96 7.39
C GLU A 153 14.87 9.50 8.54
N HIS A 154 14.24 10.14 9.50
CA HIS A 154 14.94 10.63 10.68
C HIS A 154 15.12 9.53 11.71
N HIS A 155 14.04 8.83 12.00
CA HIS A 155 14.05 7.78 13.03
C HIS A 155 14.93 6.59 12.61
N HIS A 156 14.81 6.17 11.39
CA HIS A 156 15.58 5.06 10.87
C HIS A 156 16.65 5.56 9.93
N HIS A 157 17.86 5.67 10.43
CA HIS A 157 18.97 6.01 9.58
C HIS A 157 20.13 5.08 9.86
N HIS A 158 20.08 3.94 9.23
CA HIS A 158 21.11 2.94 9.36
C HIS A 158 22.13 3.14 8.25
N HIS A 159 21.71 3.86 7.25
CA HIS A 159 22.53 4.20 6.13
C HIS A 159 21.90 5.41 5.49
#